data_1KSO
# 
_entry.id   1KSO 
# 
_audit_conform.dict_name       mmcif_pdbx.dic 
_audit_conform.dict_version    5.386 
_audit_conform.dict_location   http://mmcif.pdb.org/dictionaries/ascii/mmcif_pdbx.dic 
# 
loop_
_database_2.database_id 
_database_2.database_code 
_database_2.pdbx_database_accession 
_database_2.pdbx_DOI 
PDB   1KSO         pdb_00001kso 10.2210/pdb1kso/pdb 
RCSB  RCSB015302   ?            ?                   
WWPDB D_1000015302 ?            ?                   
# 
loop_
_pdbx_audit_revision_history.ordinal 
_pdbx_audit_revision_history.data_content_type 
_pdbx_audit_revision_history.major_revision 
_pdbx_audit_revision_history.minor_revision 
_pdbx_audit_revision_history.revision_date 
1 'Structure model' 1 0 2002-07-31 
2 'Structure model' 1 1 2008-04-27 
3 'Structure model' 1 2 2011-07-13 
4 'Structure model' 1 3 2017-02-01 
5 'Structure model' 1 4 2018-01-31 
6 'Structure model' 1 5 2024-02-14 
# 
_pdbx_audit_revision_details.ordinal             1 
_pdbx_audit_revision_details.revision_ordinal    1 
_pdbx_audit_revision_details.data_content_type   'Structure model' 
_pdbx_audit_revision_details.provider            repository 
_pdbx_audit_revision_details.type                'Initial release' 
_pdbx_audit_revision_details.description         ? 
_pdbx_audit_revision_details.details             ? 
# 
loop_
_pdbx_audit_revision_group.ordinal 
_pdbx_audit_revision_group.revision_ordinal 
_pdbx_audit_revision_group.data_content_type 
_pdbx_audit_revision_group.group 
1 2 'Structure model' 'Version format compliance' 
2 3 'Structure model' 'Version format compliance' 
3 4 'Structure model' 'Structure summary'         
4 5 'Structure model' Advisory                    
5 5 'Structure model' 'Experimental preparation'  
6 6 'Structure model' Advisory                    
7 6 'Structure model' 'Data collection'           
8 6 'Structure model' 'Database references'       
# 
loop_
_pdbx_audit_revision_category.ordinal 
_pdbx_audit_revision_category.revision_ordinal 
_pdbx_audit_revision_category.data_content_type 
_pdbx_audit_revision_category.category 
1 5 'Structure model' exptl_crystal_grow           
2 5 'Structure model' pdbx_unobs_or_zero_occ_atoms 
3 6 'Structure model' chem_comp_atom               
4 6 'Structure model' chem_comp_bond               
5 6 'Structure model' database_2                   
6 6 'Structure model' pdbx_unobs_or_zero_occ_atoms 
# 
loop_
_pdbx_audit_revision_item.ordinal 
_pdbx_audit_revision_item.revision_ordinal 
_pdbx_audit_revision_item.data_content_type 
_pdbx_audit_revision_item.item 
1 5 'Structure model' '_exptl_crystal_grow.temp'            
2 6 'Structure model' '_database_2.pdbx_DOI'                
3 6 'Structure model' '_database_2.pdbx_database_accession' 
# 
_pdbx_database_status.status_code                     REL 
_pdbx_database_status.entry_id                        1KSO 
_pdbx_database_status.recvd_initial_deposition_date   2002-01-14 
_pdbx_database_status.deposit_site                    RCSB 
_pdbx_database_status.process_site                    RCSB 
_pdbx_database_status.status_code_sf                  REL 
_pdbx_database_status.SG_entry                        . 
_pdbx_database_status.status_code_mr                  ? 
_pdbx_database_status.status_code_cs                  ? 
_pdbx_database_status.methods_development_category    ? 
_pdbx_database_status.pdb_format_compatible           Y 
_pdbx_database_status.status_code_nmr_data            ? 
# 
loop_
_audit_author.name 
_audit_author.pdbx_ordinal 
'Mittl, P.R.'    1 
'Fritz, G.'      2 
'Sargent, D.F.'  3 
'Richmond, T.J.' 4 
'Heizmann, C.W.' 5 
'Grutter, M.G.'  6 
# 
_citation.id                        primary 
_citation.title                     'Metal-free MIRAS phasing: structure of apo-S100A3.' 
_citation.journal_abbrev            'Acta Crystallogr.,Sect.D' 
_citation.journal_volume            58 
_citation.page_first                1255 
_citation.page_last                 1261 
_citation.year                      2002 
_citation.journal_id_ASTM           ABCRE6 
_citation.country                   DK 
_citation.journal_id_ISSN           0907-4449 
_citation.journal_id_CSD            0766 
_citation.book_publisher            ? 
_citation.pdbx_database_id_PubMed   12136135 
_citation.pdbx_database_id_DOI      10.1107/S0907444902008430 
# 
loop_
_citation_author.citation_id 
_citation_author.name 
_citation_author.ordinal 
_citation_author.identifier_ORCID 
primary 'Mittl, P.R.'    1 ? 
primary 'Fritz, G.'      2 ? 
primary 'Sargent, D.F.'  3 ? 
primary 'Richmond, T.J.' 4 ? 
primary 'Heizmann, C.W.' 5 ? 
primary 'Grutter, M.G.'  6 ? 
# 
loop_
_entity.id 
_entity.type 
_entity.src_method 
_entity.pdbx_description 
_entity.formula_weight 
_entity.pdbx_number_of_molecules 
_entity.pdbx_ec 
_entity.pdbx_mutation 
_entity.pdbx_fragment 
_entity.details 
1 polymer man 'S100 CALCIUM-BINDING PROTEIN A3' 11725.416 2   ? ? ? ? 
2 water   nat water                             18.015    199 ? ? ? ? 
# 
_entity_name_com.entity_id   1 
_entity_name_com.name        'S-100E PROTEIN' 
# 
_entity_name_sys.entity_id   1 
_entity_name_sys.name        'S-100E PROTEIN' 
# 
_entity_poly.entity_id                      1 
_entity_poly.type                           'polypeptide(L)' 
_entity_poly.nstd_linkage                   no 
_entity_poly.nstd_monomer                   no 
_entity_poly.pdbx_seq_one_letter_code       
;MARPLEQAVAAIVCTFQEYAGRCGDKYKLCQAELKELLQKELATWTPTEFRECDYNKFMSVLDTNKDCEVDFVEYVRSLA
CLCLYCHEYFKDCPSEPPCSQ
;
_entity_poly.pdbx_seq_one_letter_code_can   
;MARPLEQAVAAIVCTFQEYAGRCGDKYKLCQAELKELLQKELATWTPTEFRECDYNKFMSVLDTNKDCEVDFVEYVRSLA
CLCLYCHEYFKDCPSEPPCSQ
;
_entity_poly.pdbx_strand_id                 A,B 
_entity_poly.pdbx_target_identifier         ? 
# 
_pdbx_entity_nonpoly.entity_id   2 
_pdbx_entity_nonpoly.name        water 
_pdbx_entity_nonpoly.comp_id     HOH 
# 
loop_
_entity_poly_seq.entity_id 
_entity_poly_seq.num 
_entity_poly_seq.mon_id 
_entity_poly_seq.hetero 
1 1   MET n 
1 2   ALA n 
1 3   ARG n 
1 4   PRO n 
1 5   LEU n 
1 6   GLU n 
1 7   GLN n 
1 8   ALA n 
1 9   VAL n 
1 10  ALA n 
1 11  ALA n 
1 12  ILE n 
1 13  VAL n 
1 14  CYS n 
1 15  THR n 
1 16  PHE n 
1 17  GLN n 
1 18  GLU n 
1 19  TYR n 
1 20  ALA n 
1 21  GLY n 
1 22  ARG n 
1 23  CYS n 
1 24  GLY n 
1 25  ASP n 
1 26  LYS n 
1 27  TYR n 
1 28  LYS n 
1 29  LEU n 
1 30  CYS n 
1 31  GLN n 
1 32  ALA n 
1 33  GLU n 
1 34  LEU n 
1 35  LYS n 
1 36  GLU n 
1 37  LEU n 
1 38  LEU n 
1 39  GLN n 
1 40  LYS n 
1 41  GLU n 
1 42  LEU n 
1 43  ALA n 
1 44  THR n 
1 45  TRP n 
1 46  THR n 
1 47  PRO n 
1 48  THR n 
1 49  GLU n 
1 50  PHE n 
1 51  ARG n 
1 52  GLU n 
1 53  CYS n 
1 54  ASP n 
1 55  TYR n 
1 56  ASN n 
1 57  LYS n 
1 58  PHE n 
1 59  MET n 
1 60  SER n 
1 61  VAL n 
1 62  LEU n 
1 63  ASP n 
1 64  THR n 
1 65  ASN n 
1 66  LYS n 
1 67  ASP n 
1 68  CYS n 
1 69  GLU n 
1 70  VAL n 
1 71  ASP n 
1 72  PHE n 
1 73  VAL n 
1 74  GLU n 
1 75  TYR n 
1 76  VAL n 
1 77  ARG n 
1 78  SER n 
1 79  LEU n 
1 80  ALA n 
1 81  CYS n 
1 82  LEU n 
1 83  CYS n 
1 84  LEU n 
1 85  TYR n 
1 86  CYS n 
1 87  HIS n 
1 88  GLU n 
1 89  TYR n 
1 90  PHE n 
1 91  LYS n 
1 92  ASP n 
1 93  CYS n 
1 94  PRO n 
1 95  SER n 
1 96  GLU n 
1 97  PRO n 
1 98  PRO n 
1 99  CYS n 
1 100 SER n 
1 101 GLN n 
# 
_entity_src_gen.entity_id                          1 
_entity_src_gen.pdbx_src_id                        1 
_entity_src_gen.pdbx_alt_source_flag               sample 
_entity_src_gen.pdbx_seq_type                      ? 
_entity_src_gen.pdbx_beg_seq_num                   ? 
_entity_src_gen.pdbx_end_seq_num                   ? 
_entity_src_gen.gene_src_common_name               human 
_entity_src_gen.gene_src_genus                     Homo 
_entity_src_gen.pdbx_gene_src_gene                 ? 
_entity_src_gen.gene_src_species                   ? 
_entity_src_gen.gene_src_strain                    ? 
_entity_src_gen.gene_src_tissue                    ? 
_entity_src_gen.gene_src_tissue_fraction           ? 
_entity_src_gen.gene_src_details                   ? 
_entity_src_gen.pdbx_gene_src_fragment             ? 
_entity_src_gen.pdbx_gene_src_scientific_name      'Homo sapiens' 
_entity_src_gen.pdbx_gene_src_ncbi_taxonomy_id     9606 
_entity_src_gen.pdbx_gene_src_variant              ? 
_entity_src_gen.pdbx_gene_src_cell_line            ? 
_entity_src_gen.pdbx_gene_src_atcc                 ? 
_entity_src_gen.pdbx_gene_src_organ                ? 
_entity_src_gen.pdbx_gene_src_organelle            ? 
_entity_src_gen.pdbx_gene_src_cell                 ? 
_entity_src_gen.pdbx_gene_src_cellular_location    ? 
_entity_src_gen.host_org_common_name               ? 
_entity_src_gen.pdbx_host_org_scientific_name      'Escherichia coli' 
_entity_src_gen.pdbx_host_org_ncbi_taxonomy_id     562 
_entity_src_gen.host_org_genus                     Escherichia 
_entity_src_gen.pdbx_host_org_gene                 'S100A3, S100E' 
_entity_src_gen.pdbx_host_org_organ                ? 
_entity_src_gen.host_org_species                   ? 
_entity_src_gen.pdbx_host_org_tissue               ? 
_entity_src_gen.pdbx_host_org_tissue_fraction      ? 
_entity_src_gen.pdbx_host_org_strain               TB-1 
_entity_src_gen.pdbx_host_org_variant              ? 
_entity_src_gen.pdbx_host_org_cell_line            ? 
_entity_src_gen.pdbx_host_org_atcc                 ? 
_entity_src_gen.pdbx_host_org_culture_collection   ? 
_entity_src_gen.pdbx_host_org_cell                 ? 
_entity_src_gen.pdbx_host_org_organelle            ? 
_entity_src_gen.pdbx_host_org_cellular_location    ? 
_entity_src_gen.pdbx_host_org_vector_type          PMALC2 
_entity_src_gen.pdbx_host_org_vector               ? 
_entity_src_gen.host_org_details                   ? 
_entity_src_gen.expression_system_id               ? 
_entity_src_gen.plasmid_name                       PMALC2-A3 
_entity_src_gen.plasmid_details                    PMALC2 
_entity_src_gen.pdbx_description                   ? 
# 
loop_
_chem_comp.id 
_chem_comp.type 
_chem_comp.mon_nstd_flag 
_chem_comp.name 
_chem_comp.pdbx_synonyms 
_chem_comp.formula 
_chem_comp.formula_weight 
ALA 'L-peptide linking' y ALANINE         ? 'C3 H7 N O2'     89.093  
ARG 'L-peptide linking' y ARGININE        ? 'C6 H15 N4 O2 1' 175.209 
ASN 'L-peptide linking' y ASPARAGINE      ? 'C4 H8 N2 O3'    132.118 
ASP 'L-peptide linking' y 'ASPARTIC ACID' ? 'C4 H7 N O4'     133.103 
CYS 'L-peptide linking' y CYSTEINE        ? 'C3 H7 N O2 S'   121.158 
GLN 'L-peptide linking' y GLUTAMINE       ? 'C5 H10 N2 O3'   146.144 
GLU 'L-peptide linking' y 'GLUTAMIC ACID' ? 'C5 H9 N O4'     147.129 
GLY 'peptide linking'   y GLYCINE         ? 'C2 H5 N O2'     75.067  
HIS 'L-peptide linking' y HISTIDINE       ? 'C6 H10 N3 O2 1' 156.162 
HOH non-polymer         . WATER           ? 'H2 O'           18.015  
ILE 'L-peptide linking' y ISOLEUCINE      ? 'C6 H13 N O2'    131.173 
LEU 'L-peptide linking' y LEUCINE         ? 'C6 H13 N O2'    131.173 
LYS 'L-peptide linking' y LYSINE          ? 'C6 H15 N2 O2 1' 147.195 
MET 'L-peptide linking' y METHIONINE      ? 'C5 H11 N O2 S'  149.211 
PHE 'L-peptide linking' y PHENYLALANINE   ? 'C9 H11 N O2'    165.189 
PRO 'L-peptide linking' y PROLINE         ? 'C5 H9 N O2'     115.130 
SER 'L-peptide linking' y SERINE          ? 'C3 H7 N O3'     105.093 
THR 'L-peptide linking' y THREONINE       ? 'C4 H9 N O3'     119.119 
TRP 'L-peptide linking' y TRYPTOPHAN      ? 'C11 H12 N2 O2'  204.225 
TYR 'L-peptide linking' y TYROSINE        ? 'C9 H11 N O3'    181.189 
VAL 'L-peptide linking' y VALINE          ? 'C5 H11 N O2'    117.146 
# 
loop_
_pdbx_poly_seq_scheme.asym_id 
_pdbx_poly_seq_scheme.entity_id 
_pdbx_poly_seq_scheme.seq_id 
_pdbx_poly_seq_scheme.mon_id 
_pdbx_poly_seq_scheme.ndb_seq_num 
_pdbx_poly_seq_scheme.pdb_seq_num 
_pdbx_poly_seq_scheme.auth_seq_num 
_pdbx_poly_seq_scheme.pdb_mon_id 
_pdbx_poly_seq_scheme.auth_mon_id 
_pdbx_poly_seq_scheme.pdb_strand_id 
_pdbx_poly_seq_scheme.pdb_ins_code 
_pdbx_poly_seq_scheme.hetero 
A 1 1   MET 1   1   ?  ?   ?   A . n 
A 1 2   ALA 2   2   2  ALA ALA A . n 
A 1 3   ARG 3   3   3  ARG ARG A . n 
A 1 4   PRO 4   4   4  PRO PRO A . n 
A 1 5   LEU 5   5   5  LEU LEU A . n 
A 1 6   GLU 6   6   6  GLU GLU A . n 
A 1 7   GLN 7   7   7  GLN GLN A . n 
A 1 8   ALA 8   8   8  ALA ALA A . n 
A 1 9   VAL 9   9   9  VAL VAL A . n 
A 1 10  ALA 10  10  10 ALA ALA A . n 
A 1 11  ALA 11  11  11 ALA ALA A . n 
A 1 12  ILE 12  12  12 ILE ILE A . n 
A 1 13  VAL 13  13  13 VAL VAL A . n 
A 1 14  CYS 14  14  14 CYS CYS A . n 
A 1 15  THR 15  15  15 THR THR A . n 
A 1 16  PHE 16  16  16 PHE PHE A . n 
A 1 17  GLN 17  17  17 GLN GLN A . n 
A 1 18  GLU 18  18  18 GLU GLU A . n 
A 1 19  TYR 19  19  19 TYR TYR A . n 
A 1 20  ALA 20  20  20 ALA ALA A . n 
A 1 21  GLY 21  21  21 GLY GLY A . n 
A 1 22  ARG 22  22  22 ARG ARG A . n 
A 1 23  CYS 23  23  23 CYS CYS A . n 
A 1 24  GLY 24  24  24 GLY GLY A . n 
A 1 25  ASP 25  25  25 ASP ASP A . n 
A 1 26  LYS 26  26  26 LYS LYS A . n 
A 1 27  TYR 27  27  27 TYR TYR A . n 
A 1 28  LYS 28  28  28 LYS LYS A . n 
A 1 29  LEU 29  29  29 LEU LEU A . n 
A 1 30  CYS 30  30  30 CYS CYS A . n 
A 1 31  GLN 31  31  31 GLN GLN A . n 
A 1 32  ALA 32  32  32 ALA ALA A . n 
A 1 33  GLU 33  33  33 GLU GLU A . n 
A 1 34  LEU 34  34  34 LEU LEU A . n 
A 1 35  LYS 35  35  35 LYS LYS A . n 
A 1 36  GLU 36  36  36 GLU GLU A . n 
A 1 37  LEU 37  37  37 LEU LEU A . n 
A 1 38  LEU 38  38  38 LEU LEU A . n 
A 1 39  GLN 39  39  39 GLN GLN A . n 
A 1 40  LYS 40  40  40 LYS LYS A . n 
A 1 41  GLU 41  41  41 GLU GLU A . n 
A 1 42  LEU 42  42  42 LEU LEU A . n 
A 1 43  ALA 43  43  43 ALA ALA A . n 
A 1 44  THR 44  44  44 THR THR A . n 
A 1 45  TRP 45  45  45 TRP TRP A . n 
A 1 46  THR 46  46  46 THR THR A . n 
A 1 47  PRO 47  47  47 PRO PRO A . n 
A 1 48  THR 48  48  48 THR THR A . n 
A 1 49  GLU 49  49  49 GLU GLU A . n 
A 1 50  PHE 50  50  50 PHE PHE A . n 
A 1 51  ARG 51  51  51 ARG ARG A . n 
A 1 52  GLU 52  52  52 GLU GLU A . n 
A 1 53  CYS 53  53  53 CYS CYS A . n 
A 1 54  ASP 54  54  54 ASP ASP A . n 
A 1 55  TYR 55  55  55 TYR TYR A . n 
A 1 56  ASN 56  56  56 ASN ASN A . n 
A 1 57  LYS 57  57  57 LYS LYS A . n 
A 1 58  PHE 58  58  58 PHE PHE A . n 
A 1 59  MET 59  59  59 MET MET A . n 
A 1 60  SER 60  60  60 SER SER A . n 
A 1 61  VAL 61  61  61 VAL VAL A . n 
A 1 62  LEU 62  62  62 LEU LEU A . n 
A 1 63  ASP 63  63  63 ASP ASP A . n 
A 1 64  THR 64  64  64 THR THR A . n 
A 1 65  ASN 65  65  65 ASN ASN A . n 
A 1 66  LYS 66  66  66 LYS LYS A . n 
A 1 67  ASP 67  67  67 ASP ASP A . n 
A 1 68  CYS 68  68  68 CYS CYS A . n 
A 1 69  GLU 69  69  69 GLU GLU A . n 
A 1 70  VAL 70  70  70 VAL VAL A . n 
A 1 71  ASP 71  71  71 ASP ASP A . n 
A 1 72  PHE 72  72  72 PHE PHE A . n 
A 1 73  VAL 73  73  73 VAL VAL A . n 
A 1 74  GLU 74  74  74 GLU GLU A . n 
A 1 75  TYR 75  75  75 TYR TYR A . n 
A 1 76  VAL 76  76  76 VAL VAL A . n 
A 1 77  ARG 77  77  77 ARG ARG A . n 
A 1 78  SER 78  78  78 SER SER A . n 
A 1 79  LEU 79  79  79 LEU LEU A . n 
A 1 80  ALA 80  80  80 ALA ALA A . n 
A 1 81  CYS 81  81  81 CYS CYS A . n 
A 1 82  LEU 82  82  82 LEU LEU A . n 
A 1 83  CYS 83  83  83 CYS CYS A . n 
A 1 84  LEU 84  84  84 LEU LEU A . n 
A 1 85  TYR 85  85  85 TYR TYR A . n 
A 1 86  CYS 86  86  86 CYS CYS A . n 
A 1 87  HIS 87  87  87 HIS HIS A . n 
A 1 88  GLU 88  88  88 GLU GLU A . n 
A 1 89  TYR 89  89  89 TYR TYR A . n 
A 1 90  PHE 90  90  90 PHE PHE A . n 
A 1 91  LYS 91  91  91 LYS LYS A . n 
A 1 92  ASP 92  92  92 ASP ASP A . n 
A 1 93  CYS 93  93  93 CYS CYS A . n 
A 1 94  PRO 94  94  94 PRO PRO A . n 
A 1 95  SER 95  95  ?  ?   ?   A . n 
A 1 96  GLU 96  96  ?  ?   ?   A . n 
A 1 97  PRO 97  97  ?  ?   ?   A . n 
A 1 98  PRO 98  98  ?  ?   ?   A . n 
A 1 99  CYS 99  99  ?  ?   ?   A . n 
A 1 100 SER 100 100 ?  ?   ?   A . n 
A 1 101 GLN 101 101 ?  ?   ?   A . n 
B 1 1   MET 1   1   ?  ?   ?   B . n 
B 1 2   ALA 2   2   2  ALA ALA B . n 
B 1 3   ARG 3   3   3  ARG ARG B . n 
B 1 4   PRO 4   4   4  PRO PRO B . n 
B 1 5   LEU 5   5   5  LEU LEU B . n 
B 1 6   GLU 6   6   6  GLU GLU B . n 
B 1 7   GLN 7   7   7  GLN GLN B . n 
B 1 8   ALA 8   8   8  ALA ALA B . n 
B 1 9   VAL 9   9   9  VAL VAL B . n 
B 1 10  ALA 10  10  10 ALA ALA B . n 
B 1 11  ALA 11  11  11 ALA ALA B . n 
B 1 12  ILE 12  12  12 ILE ILE B . n 
B 1 13  VAL 13  13  13 VAL VAL B . n 
B 1 14  CYS 14  14  14 CYS CYS B . n 
B 1 15  THR 15  15  15 THR THR B . n 
B 1 16  PHE 16  16  16 PHE PHE B . n 
B 1 17  GLN 17  17  17 GLN GLN B . n 
B 1 18  GLU 18  18  18 GLU GLU B . n 
B 1 19  TYR 19  19  19 TYR TYR B . n 
B 1 20  ALA 20  20  20 ALA ALA B . n 
B 1 21  GLY 21  21  21 GLY GLY B . n 
B 1 22  ARG 22  22  22 ARG ARG B . n 
B 1 23  CYS 23  23  23 CYS CYS B . n 
B 1 24  GLY 24  24  24 GLY GLY B . n 
B 1 25  ASP 25  25  25 ASP ASP B . n 
B 1 26  LYS 26  26  26 LYS LYS B . n 
B 1 27  TYR 27  27  27 TYR TYR B . n 
B 1 28  LYS 28  28  28 LYS LYS B . n 
B 1 29  LEU 29  29  29 LEU LEU B . n 
B 1 30  CYS 30  30  30 CYS CYS B . n 
B 1 31  GLN 31  31  31 GLN GLN B . n 
B 1 32  ALA 32  32  32 ALA ALA B . n 
B 1 33  GLU 33  33  33 GLU GLU B . n 
B 1 34  LEU 34  34  34 LEU LEU B . n 
B 1 35  LYS 35  35  35 LYS LYS B . n 
B 1 36  GLU 36  36  36 GLU GLU B . n 
B 1 37  LEU 37  37  37 LEU LEU B . n 
B 1 38  LEU 38  38  38 LEU LEU B . n 
B 1 39  GLN 39  39  39 GLN GLN B . n 
B 1 40  LYS 40  40  40 LYS LYS B . n 
B 1 41  GLU 41  41  41 GLU GLU B . n 
B 1 42  LEU 42  42  42 LEU LEU B . n 
B 1 43  ALA 43  43  43 ALA ALA B . n 
B 1 44  THR 44  44  44 THR THR B . n 
B 1 45  TRP 45  45  45 TRP TRP B . n 
B 1 46  THR 46  46  46 THR THR B . n 
B 1 47  PRO 47  47  47 PRO PRO B . n 
B 1 48  THR 48  48  48 THR THR B . n 
B 1 49  GLU 49  49  49 GLU GLU B . n 
B 1 50  PHE 50  50  50 PHE PHE B . n 
B 1 51  ARG 51  51  51 ARG ARG B . n 
B 1 52  GLU 52  52  52 GLU GLU B . n 
B 1 53  CYS 53  53  53 CYS CYS B . n 
B 1 54  ASP 54  54  54 ASP ASP B . n 
B 1 55  TYR 55  55  55 TYR TYR B . n 
B 1 56  ASN 56  56  56 ASN ASN B . n 
B 1 57  LYS 57  57  57 LYS LYS B . n 
B 1 58  PHE 58  58  58 PHE PHE B . n 
B 1 59  MET 59  59  59 MET MET B . n 
B 1 60  SER 60  60  60 SER SER B . n 
B 1 61  VAL 61  61  61 VAL VAL B . n 
B 1 62  LEU 62  62  62 LEU LEU B . n 
B 1 63  ASP 63  63  63 ASP ASP B . n 
B 1 64  THR 64  64  64 THR THR B . n 
B 1 65  ASN 65  65  65 ASN ASN B . n 
B 1 66  LYS 66  66  66 LYS LYS B . n 
B 1 67  ASP 67  67  67 ASP ASP B . n 
B 1 68  CYS 68  68  68 CYS CYS B . n 
B 1 69  GLU 69  69  69 GLU GLU B . n 
B 1 70  VAL 70  70  70 VAL VAL B . n 
B 1 71  ASP 71  71  71 ASP ASP B . n 
B 1 72  PHE 72  72  72 PHE PHE B . n 
B 1 73  VAL 73  73  73 VAL VAL B . n 
B 1 74  GLU 74  74  74 GLU GLU B . n 
B 1 75  TYR 75  75  75 TYR TYR B . n 
B 1 76  VAL 76  76  76 VAL VAL B . n 
B 1 77  ARG 77  77  77 ARG ARG B . n 
B 1 78  SER 78  78  78 SER SER B . n 
B 1 79  LEU 79  79  79 LEU LEU B . n 
B 1 80  ALA 80  80  80 ALA ALA B . n 
B 1 81  CYS 81  81  81 CYS CYS B . n 
B 1 82  LEU 82  82  82 LEU LEU B . n 
B 1 83  CYS 83  83  83 CYS CYS B . n 
B 1 84  LEU 84  84  84 LEU LEU B . n 
B 1 85  TYR 85  85  85 TYR TYR B . n 
B 1 86  CYS 86  86  86 CYS CYS B . n 
B 1 87  HIS 87  87  87 HIS HIS B . n 
B 1 88  GLU 88  88  88 GLU GLU B . n 
B 1 89  TYR 89  89  89 TYR TYR B . n 
B 1 90  PHE 90  90  90 PHE PHE B . n 
B 1 91  LYS 91  91  91 LYS LYS B . n 
B 1 92  ASP 92  92  92 ASP ASP B . n 
B 1 93  CYS 93  93  93 CYS CYS B . n 
B 1 94  PRO 94  94  94 PRO PRO B . n 
B 1 95  SER 95  95  ?  ?   ?   B . n 
B 1 96  GLU 96  96  ?  ?   ?   B . n 
B 1 97  PRO 97  97  ?  ?   ?   B . n 
B 1 98  PRO 98  98  ?  ?   ?   B . n 
B 1 99  CYS 99  99  ?  ?   ?   B . n 
B 1 100 SER 100 100 ?  ?   ?   B . n 
B 1 101 GLN 101 101 ?  ?   ?   B . n 
# 
loop_
_pdbx_nonpoly_scheme.asym_id 
_pdbx_nonpoly_scheme.entity_id 
_pdbx_nonpoly_scheme.mon_id 
_pdbx_nonpoly_scheme.ndb_seq_num 
_pdbx_nonpoly_scheme.pdb_seq_num 
_pdbx_nonpoly_scheme.auth_seq_num 
_pdbx_nonpoly_scheme.pdb_mon_id 
_pdbx_nonpoly_scheme.auth_mon_id 
_pdbx_nonpoly_scheme.pdb_strand_id 
_pdbx_nonpoly_scheme.pdb_ins_code 
C 2 HOH 1   102 1   HOH HOH A . 
C 2 HOH 2   103 8   HOH HOH A . 
C 2 HOH 3   104 9   HOH HOH A . 
C 2 HOH 4   105 11  HOH HOH A . 
C 2 HOH 5   106 12  HOH HOH A . 
C 2 HOH 6   107 13  HOH HOH A . 
C 2 HOH 7   108 15  HOH HOH A . 
C 2 HOH 8   109 19  HOH HOH A . 
C 2 HOH 9   110 22  HOH HOH A . 
C 2 HOH 10  111 23  HOH HOH A . 
C 2 HOH 11  112 24  HOH HOH A . 
C 2 HOH 12  113 29  HOH HOH A . 
C 2 HOH 13  114 30  HOH HOH A . 
C 2 HOH 14  115 31  HOH HOH A . 
C 2 HOH 15  116 32  HOH HOH A . 
C 2 HOH 16  117 35  HOH HOH A . 
C 2 HOH 17  118 37  HOH HOH A . 
C 2 HOH 18  119 39  HOH HOH A . 
C 2 HOH 19  120 40  HOH HOH A . 
C 2 HOH 20  121 41  HOH HOH A . 
C 2 HOH 21  122 42  HOH HOH A . 
C 2 HOH 22  123 44  HOH HOH A . 
C 2 HOH 23  124 51  HOH HOH A . 
C 2 HOH 24  125 54  HOH HOH A . 
C 2 HOH 25  126 56  HOH HOH A . 
C 2 HOH 26  127 57  HOH HOH A . 
C 2 HOH 27  128 58  HOH HOH A . 
C 2 HOH 28  129 61  HOH HOH A . 
C 2 HOH 29  130 66  HOH HOH A . 
C 2 HOH 30  131 68  HOH HOH A . 
C 2 HOH 31  132 69  HOH HOH A . 
C 2 HOH 32  133 73  HOH HOH A . 
C 2 HOH 33  134 74  HOH HOH A . 
C 2 HOH 34  135 81  HOH HOH A . 
C 2 HOH 35  136 82  HOH HOH A . 
C 2 HOH 36  137 83  HOH HOH A . 
C 2 HOH 37  138 85  HOH HOH A . 
C 2 HOH 38  139 86  HOH HOH A . 
C 2 HOH 39  140 89  HOH HOH A . 
C 2 HOH 40  141 90  HOH HOH A . 
C 2 HOH 41  142 91  HOH HOH A . 
C 2 HOH 42  143 93  HOH HOH A . 
C 2 HOH 43  144 95  HOH HOH A . 
C 2 HOH 44  145 98  HOH HOH A . 
C 2 HOH 45  146 107 HOH HOH A . 
C 2 HOH 46  147 108 HOH HOH A . 
C 2 HOH 47  148 109 HOH HOH A . 
C 2 HOH 48  149 110 HOH HOH A . 
C 2 HOH 49  150 111 HOH HOH A . 
C 2 HOH 50  151 113 HOH HOH A . 
C 2 HOH 51  152 114 HOH HOH A . 
C 2 HOH 52  153 115 HOH HOH A . 
C 2 HOH 53  154 121 HOH HOH A . 
C 2 HOH 54  155 122 HOH HOH A . 
C 2 HOH 55  156 125 HOH HOH A . 
C 2 HOH 56  157 128 HOH HOH A . 
C 2 HOH 57  158 129 HOH HOH A . 
C 2 HOH 58  159 130 HOH HOH A . 
C 2 HOH 59  160 131 HOH HOH A . 
C 2 HOH 60  161 133 HOH HOH A . 
C 2 HOH 61  162 134 HOH HOH A . 
C 2 HOH 62  163 136 HOH HOH A . 
C 2 HOH 63  164 138 HOH HOH A . 
C 2 HOH 64  165 139 HOH HOH A . 
C 2 HOH 65  166 140 HOH HOH A . 
C 2 HOH 66  167 142 HOH HOH A . 
C 2 HOH 67  168 144 HOH HOH A . 
C 2 HOH 68  169 145 HOH HOH A . 
C 2 HOH 69  170 146 HOH HOH A . 
C 2 HOH 70  171 147 HOH HOH A . 
C 2 HOH 71  172 148 HOH HOH A . 
C 2 HOH 72  173 149 HOH HOH A . 
C 2 HOH 73  174 150 HOH HOH A . 
C 2 HOH 74  175 151 HOH HOH A . 
C 2 HOH 75  176 152 HOH HOH A . 
C 2 HOH 76  177 153 HOH HOH A . 
C 2 HOH 77  178 154 HOH HOH A . 
C 2 HOH 78  179 155 HOH HOH A . 
C 2 HOH 79  180 156 HOH HOH A . 
C 2 HOH 80  181 164 HOH HOH A . 
C 2 HOH 81  182 166 HOH HOH A . 
C 2 HOH 82  183 167 HOH HOH A . 
C 2 HOH 83  184 168 HOH HOH A . 
C 2 HOH 84  185 169 HOH HOH A . 
C 2 HOH 85  186 171 HOH HOH A . 
C 2 HOH 86  187 172 HOH HOH A . 
C 2 HOH 87  188 177 HOH HOH A . 
C 2 HOH 88  189 190 HOH HOH A . 
C 2 HOH 89  190 193 HOH HOH A . 
C 2 HOH 90  191 195 HOH HOH A . 
C 2 HOH 91  192 197 HOH HOH A . 
D 2 HOH 1   102 2   HOH HOH B . 
D 2 HOH 2   103 3   HOH HOH B . 
D 2 HOH 3   104 4   HOH HOH B . 
D 2 HOH 4   105 5   HOH HOH B . 
D 2 HOH 5   106 6   HOH HOH B . 
D 2 HOH 6   107 7   HOH HOH B . 
D 2 HOH 7   108 10  HOH HOH B . 
D 2 HOH 8   109 14  HOH HOH B . 
D 2 HOH 9   110 16  HOH HOH B . 
D 2 HOH 10  111 17  HOH HOH B . 
D 2 HOH 11  112 18  HOH HOH B . 
D 2 HOH 12  113 20  HOH HOH B . 
D 2 HOH 13  114 21  HOH HOH B . 
D 2 HOH 14  115 25  HOH HOH B . 
D 2 HOH 15  116 26  HOH HOH B . 
D 2 HOH 16  117 27  HOH HOH B . 
D 2 HOH 17  118 28  HOH HOH B . 
D 2 HOH 18  119 33  HOH HOH B . 
D 2 HOH 19  120 34  HOH HOH B . 
D 2 HOH 20  121 36  HOH HOH B . 
D 2 HOH 21  122 38  HOH HOH B . 
D 2 HOH 22  123 43  HOH HOH B . 
D 2 HOH 23  124 45  HOH HOH B . 
D 2 HOH 24  125 46  HOH HOH B . 
D 2 HOH 25  126 47  HOH HOH B . 
D 2 HOH 26  127 48  HOH HOH B . 
D 2 HOH 27  128 49  HOH HOH B . 
D 2 HOH 28  129 50  HOH HOH B . 
D 2 HOH 29  130 52  HOH HOH B . 
D 2 HOH 30  131 53  HOH HOH B . 
D 2 HOH 31  132 55  HOH HOH B . 
D 2 HOH 32  133 59  HOH HOH B . 
D 2 HOH 33  134 60  HOH HOH B . 
D 2 HOH 34  135 62  HOH HOH B . 
D 2 HOH 35  136 63  HOH HOH B . 
D 2 HOH 36  137 64  HOH HOH B . 
D 2 HOH 37  138 65  HOH HOH B . 
D 2 HOH 38  139 67  HOH HOH B . 
D 2 HOH 39  140 70  HOH HOH B . 
D 2 HOH 40  141 71  HOH HOH B . 
D 2 HOH 41  142 72  HOH HOH B . 
D 2 HOH 42  143 75  HOH HOH B . 
D 2 HOH 43  144 76  HOH HOH B . 
D 2 HOH 44  145 77  HOH HOH B . 
D 2 HOH 45  146 78  HOH HOH B . 
D 2 HOH 46  147 79  HOH HOH B . 
D 2 HOH 47  148 80  HOH HOH B . 
D 2 HOH 48  149 84  HOH HOH B . 
D 2 HOH 49  150 87  HOH HOH B . 
D 2 HOH 50  151 88  HOH HOH B . 
D 2 HOH 51  152 92  HOH HOH B . 
D 2 HOH 52  153 94  HOH HOH B . 
D 2 HOH 53  154 96  HOH HOH B . 
D 2 HOH 54  155 97  HOH HOH B . 
D 2 HOH 55  156 99  HOH HOH B . 
D 2 HOH 56  157 100 HOH HOH B . 
D 2 HOH 57  158 101 HOH HOH B . 
D 2 HOH 58  159 102 HOH HOH B . 
D 2 HOH 59  160 103 HOH HOH B . 
D 2 HOH 60  161 104 HOH HOH B . 
D 2 HOH 61  162 105 HOH HOH B . 
D 2 HOH 62  163 106 HOH HOH B . 
D 2 HOH 63  164 112 HOH HOH B . 
D 2 HOH 64  165 116 HOH HOH B . 
D 2 HOH 65  166 117 HOH HOH B . 
D 2 HOH 66  167 118 HOH HOH B . 
D 2 HOH 67  168 119 HOH HOH B . 
D 2 HOH 68  169 120 HOH HOH B . 
D 2 HOH 69  170 123 HOH HOH B . 
D 2 HOH 70  171 124 HOH HOH B . 
D 2 HOH 71  172 126 HOH HOH B . 
D 2 HOH 72  173 127 HOH HOH B . 
D 2 HOH 73  174 132 HOH HOH B . 
D 2 HOH 74  175 135 HOH HOH B . 
D 2 HOH 75  176 137 HOH HOH B . 
D 2 HOH 76  177 141 HOH HOH B . 
D 2 HOH 77  178 143 HOH HOH B . 
D 2 HOH 78  179 157 HOH HOH B . 
D 2 HOH 79  180 158 HOH HOH B . 
D 2 HOH 80  181 159 HOH HOH B . 
D 2 HOH 81  182 160 HOH HOH B . 
D 2 HOH 82  183 161 HOH HOH B . 
D 2 HOH 83  184 162 HOH HOH B . 
D 2 HOH 84  185 163 HOH HOH B . 
D 2 HOH 85  186 165 HOH HOH B . 
D 2 HOH 86  187 170 HOH HOH B . 
D 2 HOH 87  188 173 HOH HOH B . 
D 2 HOH 88  189 174 HOH HOH B . 
D 2 HOH 89  190 175 HOH HOH B . 
D 2 HOH 90  191 176 HOH HOH B . 
D 2 HOH 91  192 178 HOH HOH B . 
D 2 HOH 92  193 179 HOH HOH B . 
D 2 HOH 93  194 180 HOH HOH B . 
D 2 HOH 94  195 181 HOH HOH B . 
D 2 HOH 95  196 182 HOH HOH B . 
D 2 HOH 96  197 183 HOH HOH B . 
D 2 HOH 97  198 184 HOH HOH B . 
D 2 HOH 98  199 185 HOH HOH B . 
D 2 HOH 99  200 186 HOH HOH B . 
D 2 HOH 100 201 187 HOH HOH B . 
D 2 HOH 101 202 188 HOH HOH B . 
D 2 HOH 102 203 189 HOH HOH B . 
D 2 HOH 103 204 191 HOH HOH B . 
D 2 HOH 104 205 192 HOH HOH B . 
D 2 HOH 105 206 194 HOH HOH B . 
D 2 HOH 106 207 196 HOH HOH B . 
D 2 HOH 107 208 198 HOH HOH B . 
D 2 HOH 108 209 199 HOH HOH B . 
# 
loop_
_pdbx_unobs_or_zero_occ_atoms.id 
_pdbx_unobs_or_zero_occ_atoms.PDB_model_num 
_pdbx_unobs_or_zero_occ_atoms.polymer_flag 
_pdbx_unobs_or_zero_occ_atoms.occupancy_flag 
_pdbx_unobs_or_zero_occ_atoms.auth_asym_id 
_pdbx_unobs_or_zero_occ_atoms.auth_comp_id 
_pdbx_unobs_or_zero_occ_atoms.auth_seq_id 
_pdbx_unobs_or_zero_occ_atoms.PDB_ins_code 
_pdbx_unobs_or_zero_occ_atoms.auth_atom_id 
_pdbx_unobs_or_zero_occ_atoms.label_alt_id 
_pdbx_unobs_or_zero_occ_atoms.label_asym_id 
_pdbx_unobs_or_zero_occ_atoms.label_comp_id 
_pdbx_unobs_or_zero_occ_atoms.label_seq_id 
_pdbx_unobs_or_zero_occ_atoms.label_atom_id 
1 1 Y 1 A PRO 94 ? O   ? A PRO 94 O   
2 1 Y 0 A PRO 94 ? CD  ? A PRO 94 CD  
3 1 Y 0 B GLU 49 ? CG  ? B GLU 49 CG  
4 1 Y 0 B GLU 49 ? CD  ? B GLU 49 CD  
5 1 Y 0 B GLU 49 ? OE1 ? B GLU 49 OE1 
6 1 Y 0 B GLU 49 ? OE2 ? B GLU 49 OE2 
7 1 Y 1 B PRO 94 ? O   ? B PRO 94 O   
8 1 Y 0 B PRO 94 ? CD  ? B PRO 94 CD  
# 
loop_
_software.name 
_software.classification 
_software.version 
_software.citation_id 
_software.pdbx_ordinal 
CNS       refinement       . ? 1 
DENZO     'data reduction' . ? 2 
SCALEPACK 'data scaling'   . ? 3 
CNS       phasing          . ? 4 
# 
_cell.entry_id           1KSO 
_cell.length_a           58.769 
_cell.length_b           58.769 
_cell.length_c           45.338 
_cell.angle_alpha        90.00 
_cell.angle_beta         90.00 
_cell.angle_gamma        120.00 
_cell.Z_PDB              6 
_cell.pdbx_unique_axis   ? 
_cell.length_a_esd       ? 
_cell.length_b_esd       ? 
_cell.length_c_esd       ? 
_cell.angle_alpha_esd    ? 
_cell.angle_beta_esd     ? 
_cell.angle_gamma_esd    ? 
# 
_symmetry.entry_id                         1KSO 
_symmetry.space_group_name_H-M             'P 31' 
_symmetry.pdbx_full_space_group_name_H-M   ? 
_symmetry.cell_setting                     ? 
_symmetry.Int_Tables_number                144 
_symmetry.space_group_name_Hall            ? 
# 
_exptl.entry_id          1KSO 
_exptl.method            'X-RAY DIFFRACTION' 
_exptl.crystals_number   2 
# 
_exptl_crystal.id                    1 
_exptl_crystal.density_meas          ? 
_exptl_crystal.density_percent_sol   36.16 
_exptl_crystal.density_Matthews      1.93 
_exptl_crystal.description           ? 
_exptl_crystal.F_000                 ? 
_exptl_crystal.preparation           ? 
# 
_exptl_crystal_grow.crystal_id      1 
_exptl_crystal_grow.method          'VAPOR DIFFUSION, SITTING DROP' 
_exptl_crystal_grow.temp            293.0 
_exptl_crystal_grow.temp_details    ? 
_exptl_crystal_grow.pH              8.3 
_exptl_crystal_grow.pdbx_details    'tris, ammonium sulfate, pH 8.3, VAPOR DIFFUSION, SITTING DROP, temperature 20K' 
_exptl_crystal_grow.pdbx_pH_range   . 
# 
loop_
_diffrn.id 
_diffrn.ambient_temp 
_diffrn.ambient_temp_details 
_diffrn.crystal_id 
1 100 ? 1 
2 100 ? 1 
# 
loop_
_diffrn_detector.diffrn_id 
_diffrn_detector.detector 
_diffrn_detector.type 
_diffrn_detector.pdbx_collection_date 
_diffrn_detector.details 
1 'IMAGE PLATE' MARRESEARCH 2001-03-20 ? 
2 'IMAGE PLATE' MARRESEARCH 2000-10-15 ? 
# 
loop_
_diffrn_radiation.diffrn_id 
_diffrn_radiation.wavelength_id 
_diffrn_radiation.pdbx_monochromatic_or_laue_m_l 
_diffrn_radiation.monochromator 
_diffrn_radiation.pdbx_diffrn_protocol 
_diffrn_radiation.pdbx_scattering_type 
1 1 M ? 'SINGLE WAVELENGTH' x-ray 
2 1 M ? 'SINGLE WAVELENGTH' x-ray 
# 
loop_
_diffrn_radiation_wavelength.id 
_diffrn_radiation_wavelength.wavelength 
_diffrn_radiation_wavelength.wt 
1 0.934  1.0 
2 1.5418 1.0 
# 
loop_
_diffrn_source.diffrn_id 
_diffrn_source.source 
_diffrn_source.type 
_diffrn_source.pdbx_synchrotron_site 
_diffrn_source.pdbx_synchrotron_beamline 
_diffrn_source.pdbx_wavelength 
_diffrn_source.pdbx_wavelength_list 
1 SYNCHROTRON      'ESRF BEAMLINE BM14' ESRF BM14 ? 0.934  
2 'ROTATING ANODE' 'ENRAF-NONIUS FR571' ?    ?    ? 1.5418 
# 
_reflns.entry_id                     1KSO 
_reflns.observed_criterion_sigma_I   2.0 
_reflns.observed_criterion_sigma_F   2.0 
_reflns.d_resolution_low             20.0 
_reflns.d_resolution_high            1.70 
_reflns.number_obs                   18292 
_reflns.number_all                   19298 
_reflns.percent_possible_obs         98.2 
_reflns.pdbx_Rmerge_I_obs            ? 
_reflns.pdbx_Rsym_value              ? 
_reflns.pdbx_netI_over_sigmaI        ? 
_reflns.B_iso_Wilson_estimate        24.2 
_reflns.pdbx_redundancy              ? 
_reflns.R_free_details               ? 
_reflns.limit_h_max                  ? 
_reflns.limit_h_min                  ? 
_reflns.limit_k_max                  ? 
_reflns.limit_k_min                  ? 
_reflns.limit_l_max                  ? 
_reflns.limit_l_min                  ? 
_reflns.observed_criterion_F_max     ? 
_reflns.observed_criterion_F_min     ? 
_reflns.pdbx_chi_squared             ? 
_reflns.pdbx_scaling_rejects         ? 
_reflns.pdbx_ordinal                 1 
_reflns.pdbx_diffrn_id               1,2 
# 
_reflns_shell.d_res_high             1.70 
_reflns_shell.d_res_low              1.81 
_reflns_shell.percent_possible_all   89.1 
_reflns_shell.Rmerge_I_obs           ? 
_reflns_shell.pdbx_Rsym_value        ? 
_reflns_shell.meanI_over_sigI_obs    ? 
_reflns_shell.pdbx_redundancy        ? 
_reflns_shell.percent_possible_obs   ? 
_reflns_shell.number_unique_all      ? 
_reflns_shell.number_measured_all    ? 
_reflns_shell.number_measured_obs    ? 
_reflns_shell.number_unique_obs      ? 
_reflns_shell.pdbx_chi_squared       ? 
_reflns_shell.pdbx_ordinal           1 
_reflns_shell.pdbx_diffrn_id         1,2 
# 
_refine.entry_id                                 1KSO 
_refine.ls_number_reflns_obs                     18292 
_refine.ls_number_reflns_all                     18292 
_refine.pdbx_ls_sigma_I                          ? 
_refine.pdbx_ls_sigma_F                          0.0 
_refine.pdbx_data_cutoff_high_absF               594645.00 
_refine.pdbx_data_cutoff_low_absF                0.000000 
_refine.ls_d_res_low                             19.24 
_refine.ls_d_res_high                            1.70 
_refine.ls_percent_reflns_obs                    94.9 
_refine.ls_R_factor_obs                          0.1940000 
_refine.ls_R_factor_all                          ? 
_refine.ls_R_factor_R_work                       0.1940000 
_refine.ls_R_factor_R_free                       0.2250000 
_refine.ls_R_factor_R_free_error                 0.005 
_refine.ls_R_factor_R_free_error_details         ? 
_refine.ls_percent_reflns_R_free                 9.8 
_refine.ls_number_reflns_R_free                  1800 
_refine.ls_number_parameters                     ? 
_refine.ls_number_restraints                     ? 
_refine.occupancy_min                            ? 
_refine.occupancy_max                            ? 
_refine.B_iso_mean                               31.1 
_refine.aniso_B[1][1]                            -1.96 
_refine.aniso_B[2][2]                            -1.96 
_refine.aniso_B[3][3]                            3.92 
_refine.aniso_B[1][2]                            0.18 
_refine.aniso_B[1][3]                            0.00 
_refine.aniso_B[2][3]                            0.00 
_refine.solvent_model_details                    'FLAT MODEL' 
_refine.solvent_model_param_ksol                 0.351812 
_refine.solvent_model_param_bsol                 51.3968 
_refine.pdbx_ls_cross_valid_method               THROUGHOUT 
_refine.details                                  ? 
_refine.pdbx_starting_model                      ? 
_refine.pdbx_method_to_determine_struct          MIR 
_refine.pdbx_isotropic_thermal_model             RESTRAINED 
_refine.pdbx_stereochemistry_target_values       'Engh & Huber' 
_refine.pdbx_stereochem_target_val_spec_case     ? 
_refine.pdbx_R_Free_selection_details            RANDOM 
_refine.pdbx_overall_ESU_R_Free                  ? 
_refine.overall_SU_B                             ? 
_refine.ls_redundancy_reflns_obs                 ? 
_refine.B_iso_min                                ? 
_refine.B_iso_max                                ? 
_refine.correlation_coeff_Fo_to_Fc               ? 
_refine.overall_SU_R_Cruickshank_DPI             ? 
_refine.overall_SU_R_free                        ? 
_refine.overall_SU_ML                            ? 
_refine.pdbx_overall_ESU_R                       ? 
_refine.pdbx_data_cutoff_high_rms_absF           594645 
_refine.correlation_coeff_Fo_to_Fc_free          ? 
_refine.pdbx_solvent_vdw_probe_radii             ? 
_refine.pdbx_solvent_ion_probe_radii             ? 
_refine.pdbx_solvent_shrinkage_radii             ? 
_refine.pdbx_refine_id                           'X-RAY DIFFRACTION' 
_refine.pdbx_overall_phase_error                 ? 
_refine.ls_wR_factor_R_free                      ? 
_refine.ls_wR_factor_R_work                      ? 
_refine.overall_FOM_free_R_set                   ? 
_refine.overall_FOM_work_R_set                   ? 
_refine.pdbx_diffrn_id                           1,2 
_refine.pdbx_TLS_residual_ADP_flag               ? 
_refine.pdbx_overall_SU_R_free_Cruickshank_DPI   ? 
_refine.pdbx_overall_SU_R_Blow_DPI               ? 
_refine.pdbx_overall_SU_R_free_Blow_DPI          ? 
# 
_refine_analyze.entry_id                        1KSO 
_refine_analyze.Luzzati_coordinate_error_obs    0.19 
_refine_analyze.Luzzati_sigma_a_obs             0.17 
_refine_analyze.Luzzati_d_res_low_obs           5.00 
_refine_analyze.Luzzati_coordinate_error_free   0.23 
_refine_analyze.Luzzati_sigma_a_free            0.18 
_refine_analyze.Luzzati_d_res_low_free          ? 
_refine_analyze.number_disordered_residues      ? 
_refine_analyze.occupancy_sum_hydrogen          ? 
_refine_analyze.occupancy_sum_non_hydrogen      ? 
_refine_analyze.pdbx_Luzzati_d_res_high_obs     ? 
_refine_analyze.pdbx_refine_id                  'X-RAY DIFFRACTION' 
# 
_refine_hist.pdbx_refine_id                   'X-RAY DIFFRACTION' 
_refine_hist.cycle_id                         LAST 
_refine_hist.pdbx_number_atoms_protein        1510 
_refine_hist.pdbx_number_atoms_nucleic_acid   0 
_refine_hist.pdbx_number_atoms_ligand         0 
_refine_hist.number_atoms_solvent             199 
_refine_hist.number_atoms_total               1709 
_refine_hist.d_res_high                       1.70 
_refine_hist.d_res_low                        19.24 
# 
loop_
_refine_ls_restr.type 
_refine_ls_restr.dev_ideal 
_refine_ls_restr.dev_ideal_target 
_refine_ls_restr.weight 
_refine_ls_restr.number 
_refine_ls_restr.pdbx_refine_id 
_refine_ls_restr.pdbx_restraint_function 
c_bond_d           0.005 ?    ? ? 'X-RAY DIFFRACTION' ? 
c_angle_deg        1.2   ?    ? ? 'X-RAY DIFFRACTION' ? 
c_dihedral_angle_d 18.2  ?    ? ? 'X-RAY DIFFRACTION' ? 
c_improper_angle_d 0.63  ?    ? ? 'X-RAY DIFFRACTION' ? 
c_mcbond_it        4.64  1.50 ? ? 'X-RAY DIFFRACTION' ? 
c_mcangle_it       5.52  2.00 ? ? 'X-RAY DIFFRACTION' ? 
c_scbond_it        4.51  2.00 ? ? 'X-RAY DIFFRACTION' ? 
c_scangle_it       6.88  2.50 ? ? 'X-RAY DIFFRACTION' ? 
# 
_refine_ls_shell.pdbx_total_number_of_bins_used   6 
_refine_ls_shell.d_res_high                       1.70 
_refine_ls_shell.d_res_low                        1.81 
_refine_ls_shell.number_reflns_R_work             2578 
_refine_ls_shell.R_factor_R_work                  0.2470000 
_refine_ls_shell.percent_reflns_obs               89.1 
_refine_ls_shell.R_factor_R_free                  0.2790000 
_refine_ls_shell.R_factor_R_free_error            0.016 
_refine_ls_shell.percent_reflns_R_free            10.5 
_refine_ls_shell.number_reflns_R_free             304 
_refine_ls_shell.number_reflns_obs                ? 
_refine_ls_shell.redundancy_reflns_obs            ? 
_refine_ls_shell.number_reflns_all                ? 
_refine_ls_shell.pdbx_refine_id                   'X-RAY DIFFRACTION' 
_refine_ls_shell.R_factor_all                     ? 
# 
loop_
_pdbx_xplor_file.serial_no 
_pdbx_xplor_file.param_file 
_pdbx_xplor_file.topol_file 
_pdbx_xplor_file.pdbx_refine_id 
1 PROTEIN_REP.PARAM PROTEIN.TOP 'X-RAY DIFFRACTION' 
2 ?                 ?           'X-RAY DIFFRACTION' 
# 
_struct.entry_id                  1KSO 
_struct.title                     'CRYSTAL STRUCTURE OF APO S100A3' 
_struct.pdbx_model_details        ? 
_struct.pdbx_CASP_flag            ? 
_struct.pdbx_model_type_details   ? 
# 
_struct_keywords.entry_id        1KSO 
_struct_keywords.pdbx_keywords   'METAL BINDING PROTEIN' 
_struct_keywords.text            'S100, EF-hand, Ca2+ binding protein, Zn2+ binding protein, METAL BINDING PROTEIN' 
# 
loop_
_struct_asym.id 
_struct_asym.pdbx_blank_PDB_chainid_flag 
_struct_asym.pdbx_modified 
_struct_asym.entity_id 
_struct_asym.details 
A N N 1 ? 
B N N 1 ? 
C N N 2 ? 
D N N 2 ? 
# 
_struct_ref.id                         1 
_struct_ref.db_name                    UNP 
_struct_ref.db_code                    S10A3_HUMAN 
_struct_ref.entity_id                  1 
_struct_ref.pdbx_seq_one_letter_code   
;MARPLEQAVAAIVCTFQEYAGRCGDKYKLCQAELKELLQKELATWTPTEFRECDYNKFMSVLDTNKDCEVDFVEYVRSLA
CLCLYCHEYFKDCPSEPPCSQ
;
_struct_ref.pdbx_align_begin           1 
_struct_ref.pdbx_db_accession          P33764 
_struct_ref.pdbx_db_isoform            ? 
# 
loop_
_struct_ref_seq.align_id 
_struct_ref_seq.ref_id 
_struct_ref_seq.pdbx_PDB_id_code 
_struct_ref_seq.pdbx_strand_id 
_struct_ref_seq.seq_align_beg 
_struct_ref_seq.pdbx_seq_align_beg_ins_code 
_struct_ref_seq.seq_align_end 
_struct_ref_seq.pdbx_seq_align_end_ins_code 
_struct_ref_seq.pdbx_db_accession 
_struct_ref_seq.db_align_beg 
_struct_ref_seq.pdbx_db_align_beg_ins_code 
_struct_ref_seq.db_align_end 
_struct_ref_seq.pdbx_db_align_end_ins_code 
_struct_ref_seq.pdbx_auth_seq_align_beg 
_struct_ref_seq.pdbx_auth_seq_align_end 
1 1 1KSO A 1 ? 101 ? P33764 1 ? 101 ? 1 101 
2 1 1KSO B 1 ? 101 ? P33764 1 ? 101 ? 1 101 
# 
_pdbx_struct_assembly.id                   1 
_pdbx_struct_assembly.details              author_and_software_defined_assembly 
_pdbx_struct_assembly.method_details       PISA 
_pdbx_struct_assembly.oligomeric_details   dimeric 
_pdbx_struct_assembly.oligomeric_count     2 
# 
loop_
_pdbx_struct_assembly_prop.biol_id 
_pdbx_struct_assembly_prop.type 
_pdbx_struct_assembly_prop.value 
_pdbx_struct_assembly_prop.details 
1 'ABSA (A^2)' 3360 ? 
1 MORE         -36  ? 
1 'SSA (A^2)'  9470 ? 
# 
_pdbx_struct_assembly_gen.assembly_id       1 
_pdbx_struct_assembly_gen.oper_expression   1 
_pdbx_struct_assembly_gen.asym_id_list      A,B,C,D 
# 
_pdbx_struct_oper_list.id                   1 
_pdbx_struct_oper_list.type                 'identity operation' 
_pdbx_struct_oper_list.name                 1_555 
_pdbx_struct_oper_list.symmetry_operation   x,y,z 
_pdbx_struct_oper_list.matrix[1][1]         1.0000000000 
_pdbx_struct_oper_list.matrix[1][2]         0.0000000000 
_pdbx_struct_oper_list.matrix[1][3]         0.0000000000 
_pdbx_struct_oper_list.vector[1]            0.0000000000 
_pdbx_struct_oper_list.matrix[2][1]         0.0000000000 
_pdbx_struct_oper_list.matrix[2][2]         1.0000000000 
_pdbx_struct_oper_list.matrix[2][3]         0.0000000000 
_pdbx_struct_oper_list.vector[2]            0.0000000000 
_pdbx_struct_oper_list.matrix[3][1]         0.0000000000 
_pdbx_struct_oper_list.matrix[3][2]         0.0000000000 
_pdbx_struct_oper_list.matrix[3][3]         1.0000000000 
_pdbx_struct_oper_list.vector[3]            0.0000000000 
# 
_struct_biol.id   1 
# 
loop_
_struct_conf.conf_type_id 
_struct_conf.id 
_struct_conf.pdbx_PDB_helix_id 
_struct_conf.beg_label_comp_id 
_struct_conf.beg_label_asym_id 
_struct_conf.beg_label_seq_id 
_struct_conf.pdbx_beg_PDB_ins_code 
_struct_conf.end_label_comp_id 
_struct_conf.end_label_asym_id 
_struct_conf.end_label_seq_id 
_struct_conf.pdbx_end_PDB_ins_code 
_struct_conf.beg_auth_comp_id 
_struct_conf.beg_auth_asym_id 
_struct_conf.beg_auth_seq_id 
_struct_conf.end_auth_comp_id 
_struct_conf.end_auth_asym_id 
_struct_conf.end_auth_seq_id 
_struct_conf.pdbx_PDB_helix_class 
_struct_conf.details 
_struct_conf.pdbx_PDB_helix_length 
HELX_P HELX_P1  1  ARG A 3  ? GLY A 21 ? ARG A 3  GLY A 21 1 ? 19 
HELX_P HELX_P2  2  GLN A 31 ? LEU A 42 ? GLN A 31 LEU A 42 1 ? 12 
HELX_P HELX_P3  3  ARG A 51 ? ASN A 65 ? ARG A 51 ASN A 65 1 ? 15 
HELX_P HELX_P4  4  ASP A 71 ? HIS A 87 ? ASP A 71 HIS A 87 1 ? 17 
HELX_P HELX_P5  5  GLU A 88 ? LYS A 91 ? GLU A 88 LYS A 91 5 ? 4  
HELX_P HELX_P6  6  ARG B 3  ? GLY B 21 ? ARG B 3  GLY B 21 1 ? 19 
HELX_P HELX_P7  7  GLN B 31 ? LEU B 42 ? GLN B 31 LEU B 42 1 ? 12 
HELX_P HELX_P8  8  ARG B 51 ? LEU B 62 ? ARG B 51 LEU B 62 1 ? 12 
HELX_P HELX_P9  9  PHE B 72 ? HIS B 87 ? PHE B 72 HIS B 87 1 ? 16 
HELX_P HELX_P10 10 GLU B 88 ? LYS B 91 ? GLU B 88 LYS B 91 5 ? 4  
# 
_struct_conf_type.id          HELX_P 
_struct_conf_type.criteria    ? 
_struct_conf_type.reference   ? 
# 
loop_
_struct_sheet.id 
_struct_sheet.type 
_struct_sheet.number_strands 
_struct_sheet.details 
A ? 2 ? 
B ? 2 ? 
# 
loop_
_struct_sheet_order.sheet_id 
_struct_sheet_order.range_id_1 
_struct_sheet_order.range_id_2 
_struct_sheet_order.offset 
_struct_sheet_order.sense 
A 1 2 ? anti-parallel 
B 1 2 ? anti-parallel 
# 
loop_
_struct_sheet_range.sheet_id 
_struct_sheet_range.id 
_struct_sheet_range.beg_label_comp_id 
_struct_sheet_range.beg_label_asym_id 
_struct_sheet_range.beg_label_seq_id 
_struct_sheet_range.pdbx_beg_PDB_ins_code 
_struct_sheet_range.end_label_comp_id 
_struct_sheet_range.end_label_asym_id 
_struct_sheet_range.end_label_seq_id 
_struct_sheet_range.pdbx_end_PDB_ins_code 
_struct_sheet_range.beg_auth_comp_id 
_struct_sheet_range.beg_auth_asym_id 
_struct_sheet_range.beg_auth_seq_id 
_struct_sheet_range.end_auth_comp_id 
_struct_sheet_range.end_auth_asym_id 
_struct_sheet_range.end_auth_seq_id 
A 1 LEU A 29 ? CYS A 30 ? LEU A 29 CYS A 30 
A 2 GLU A 69 ? VAL A 70 ? GLU A 69 VAL A 70 
B 1 LYS B 28 ? CYS B 30 ? LYS B 28 CYS B 30 
B 2 GLU B 69 ? ASP B 71 ? GLU B 69 ASP B 71 
# 
loop_
_pdbx_struct_sheet_hbond.sheet_id 
_pdbx_struct_sheet_hbond.range_id_1 
_pdbx_struct_sheet_hbond.range_id_2 
_pdbx_struct_sheet_hbond.range_1_label_atom_id 
_pdbx_struct_sheet_hbond.range_1_label_comp_id 
_pdbx_struct_sheet_hbond.range_1_label_asym_id 
_pdbx_struct_sheet_hbond.range_1_label_seq_id 
_pdbx_struct_sheet_hbond.range_1_PDB_ins_code 
_pdbx_struct_sheet_hbond.range_1_auth_atom_id 
_pdbx_struct_sheet_hbond.range_1_auth_comp_id 
_pdbx_struct_sheet_hbond.range_1_auth_asym_id 
_pdbx_struct_sheet_hbond.range_1_auth_seq_id 
_pdbx_struct_sheet_hbond.range_2_label_atom_id 
_pdbx_struct_sheet_hbond.range_2_label_comp_id 
_pdbx_struct_sheet_hbond.range_2_label_asym_id 
_pdbx_struct_sheet_hbond.range_2_label_seq_id 
_pdbx_struct_sheet_hbond.range_2_PDB_ins_code 
_pdbx_struct_sheet_hbond.range_2_auth_atom_id 
_pdbx_struct_sheet_hbond.range_2_auth_comp_id 
_pdbx_struct_sheet_hbond.range_2_auth_asym_id 
_pdbx_struct_sheet_hbond.range_2_auth_seq_id 
A 1 2 N LEU A 29 ? N LEU A 29 O VAL A 70 ? O VAL A 70 
B 1 2 N LEU B 29 ? N LEU B 29 O VAL B 70 ? O VAL B 70 
# 
_pdbx_validate_rmsd_bond.id                        1 
_pdbx_validate_rmsd_bond.PDB_model_num             1 
_pdbx_validate_rmsd_bond.auth_atom_id_1            CB 
_pdbx_validate_rmsd_bond.auth_asym_id_1            B 
_pdbx_validate_rmsd_bond.auth_comp_id_1            GLU 
_pdbx_validate_rmsd_bond.auth_seq_id_1             49 
_pdbx_validate_rmsd_bond.PDB_ins_code_1            ? 
_pdbx_validate_rmsd_bond.label_alt_id_1            ? 
_pdbx_validate_rmsd_bond.auth_atom_id_2            CG 
_pdbx_validate_rmsd_bond.auth_asym_id_2            B 
_pdbx_validate_rmsd_bond.auth_comp_id_2            GLU 
_pdbx_validate_rmsd_bond.auth_seq_id_2             49 
_pdbx_validate_rmsd_bond.PDB_ins_code_2            ? 
_pdbx_validate_rmsd_bond.label_alt_id_2            ? 
_pdbx_validate_rmsd_bond.bond_value                1.323 
_pdbx_validate_rmsd_bond.bond_target_value         1.517 
_pdbx_validate_rmsd_bond.bond_deviation            -0.194 
_pdbx_validate_rmsd_bond.bond_standard_deviation   0.019 
_pdbx_validate_rmsd_bond.linker_flag               N 
# 
loop_
_pdbx_unobs_or_zero_occ_residues.id 
_pdbx_unobs_or_zero_occ_residues.PDB_model_num 
_pdbx_unobs_or_zero_occ_residues.polymer_flag 
_pdbx_unobs_or_zero_occ_residues.occupancy_flag 
_pdbx_unobs_or_zero_occ_residues.auth_asym_id 
_pdbx_unobs_or_zero_occ_residues.auth_comp_id 
_pdbx_unobs_or_zero_occ_residues.auth_seq_id 
_pdbx_unobs_or_zero_occ_residues.PDB_ins_code 
_pdbx_unobs_or_zero_occ_residues.label_asym_id 
_pdbx_unobs_or_zero_occ_residues.label_comp_id 
_pdbx_unobs_or_zero_occ_residues.label_seq_id 
1  1 Y 1 A MET 1   ? A MET 1   
2  1 Y 1 A SER 95  ? A SER 95  
3  1 Y 1 A GLU 96  ? A GLU 96  
4  1 Y 1 A PRO 97  ? A PRO 97  
5  1 Y 1 A PRO 98  ? A PRO 98  
6  1 Y 1 A CYS 99  ? A CYS 99  
7  1 Y 1 A SER 100 ? A SER 100 
8  1 Y 1 A GLN 101 ? A GLN 101 
9  1 Y 1 B MET 1   ? B MET 1   
10 1 Y 1 B SER 95  ? B SER 95  
11 1 Y 1 B GLU 96  ? B GLU 96  
12 1 Y 1 B PRO 97  ? B PRO 97  
13 1 Y 1 B PRO 98  ? B PRO 98  
14 1 Y 1 B CYS 99  ? B CYS 99  
15 1 Y 1 B SER 100 ? B SER 100 
16 1 Y 1 B GLN 101 ? B GLN 101 
# 
loop_
_chem_comp_atom.comp_id 
_chem_comp_atom.atom_id 
_chem_comp_atom.type_symbol 
_chem_comp_atom.pdbx_aromatic_flag 
_chem_comp_atom.pdbx_stereo_config 
_chem_comp_atom.pdbx_ordinal 
ALA N    N N N 1   
ALA CA   C N S 2   
ALA C    C N N 3   
ALA O    O N N 4   
ALA CB   C N N 5   
ALA OXT  O N N 6   
ALA H    H N N 7   
ALA H2   H N N 8   
ALA HA   H N N 9   
ALA HB1  H N N 10  
ALA HB2  H N N 11  
ALA HB3  H N N 12  
ALA HXT  H N N 13  
ARG N    N N N 14  
ARG CA   C N S 15  
ARG C    C N N 16  
ARG O    O N N 17  
ARG CB   C N N 18  
ARG CG   C N N 19  
ARG CD   C N N 20  
ARG NE   N N N 21  
ARG CZ   C N N 22  
ARG NH1  N N N 23  
ARG NH2  N N N 24  
ARG OXT  O N N 25  
ARG H    H N N 26  
ARG H2   H N N 27  
ARG HA   H N N 28  
ARG HB2  H N N 29  
ARG HB3  H N N 30  
ARG HG2  H N N 31  
ARG HG3  H N N 32  
ARG HD2  H N N 33  
ARG HD3  H N N 34  
ARG HE   H N N 35  
ARG HH11 H N N 36  
ARG HH12 H N N 37  
ARG HH21 H N N 38  
ARG HH22 H N N 39  
ARG HXT  H N N 40  
ASN N    N N N 41  
ASN CA   C N S 42  
ASN C    C N N 43  
ASN O    O N N 44  
ASN CB   C N N 45  
ASN CG   C N N 46  
ASN OD1  O N N 47  
ASN ND2  N N N 48  
ASN OXT  O N N 49  
ASN H    H N N 50  
ASN H2   H N N 51  
ASN HA   H N N 52  
ASN HB2  H N N 53  
ASN HB3  H N N 54  
ASN HD21 H N N 55  
ASN HD22 H N N 56  
ASN HXT  H N N 57  
ASP N    N N N 58  
ASP CA   C N S 59  
ASP C    C N N 60  
ASP O    O N N 61  
ASP CB   C N N 62  
ASP CG   C N N 63  
ASP OD1  O N N 64  
ASP OD2  O N N 65  
ASP OXT  O N N 66  
ASP H    H N N 67  
ASP H2   H N N 68  
ASP HA   H N N 69  
ASP HB2  H N N 70  
ASP HB3  H N N 71  
ASP HD2  H N N 72  
ASP HXT  H N N 73  
CYS N    N N N 74  
CYS CA   C N R 75  
CYS C    C N N 76  
CYS O    O N N 77  
CYS CB   C N N 78  
CYS SG   S N N 79  
CYS OXT  O N N 80  
CYS H    H N N 81  
CYS H2   H N N 82  
CYS HA   H N N 83  
CYS HB2  H N N 84  
CYS HB3  H N N 85  
CYS HG   H N N 86  
CYS HXT  H N N 87  
GLN N    N N N 88  
GLN CA   C N S 89  
GLN C    C N N 90  
GLN O    O N N 91  
GLN CB   C N N 92  
GLN CG   C N N 93  
GLN CD   C N N 94  
GLN OE1  O N N 95  
GLN NE2  N N N 96  
GLN OXT  O N N 97  
GLN H    H N N 98  
GLN H2   H N N 99  
GLN HA   H N N 100 
GLN HB2  H N N 101 
GLN HB3  H N N 102 
GLN HG2  H N N 103 
GLN HG3  H N N 104 
GLN HE21 H N N 105 
GLN HE22 H N N 106 
GLN HXT  H N N 107 
GLU N    N N N 108 
GLU CA   C N S 109 
GLU C    C N N 110 
GLU O    O N N 111 
GLU CB   C N N 112 
GLU CG   C N N 113 
GLU CD   C N N 114 
GLU OE1  O N N 115 
GLU OE2  O N N 116 
GLU OXT  O N N 117 
GLU H    H N N 118 
GLU H2   H N N 119 
GLU HA   H N N 120 
GLU HB2  H N N 121 
GLU HB3  H N N 122 
GLU HG2  H N N 123 
GLU HG3  H N N 124 
GLU HE2  H N N 125 
GLU HXT  H N N 126 
GLY N    N N N 127 
GLY CA   C N N 128 
GLY C    C N N 129 
GLY O    O N N 130 
GLY OXT  O N N 131 
GLY H    H N N 132 
GLY H2   H N N 133 
GLY HA2  H N N 134 
GLY HA3  H N N 135 
GLY HXT  H N N 136 
HIS N    N N N 137 
HIS CA   C N S 138 
HIS C    C N N 139 
HIS O    O N N 140 
HIS CB   C N N 141 
HIS CG   C Y N 142 
HIS ND1  N Y N 143 
HIS CD2  C Y N 144 
HIS CE1  C Y N 145 
HIS NE2  N Y N 146 
HIS OXT  O N N 147 
HIS H    H N N 148 
HIS H2   H N N 149 
HIS HA   H N N 150 
HIS HB2  H N N 151 
HIS HB3  H N N 152 
HIS HD1  H N N 153 
HIS HD2  H N N 154 
HIS HE1  H N N 155 
HIS HE2  H N N 156 
HIS HXT  H N N 157 
HOH O    O N N 158 
HOH H1   H N N 159 
HOH H2   H N N 160 
ILE N    N N N 161 
ILE CA   C N S 162 
ILE C    C N N 163 
ILE O    O N N 164 
ILE CB   C N S 165 
ILE CG1  C N N 166 
ILE CG2  C N N 167 
ILE CD1  C N N 168 
ILE OXT  O N N 169 
ILE H    H N N 170 
ILE H2   H N N 171 
ILE HA   H N N 172 
ILE HB   H N N 173 
ILE HG12 H N N 174 
ILE HG13 H N N 175 
ILE HG21 H N N 176 
ILE HG22 H N N 177 
ILE HG23 H N N 178 
ILE HD11 H N N 179 
ILE HD12 H N N 180 
ILE HD13 H N N 181 
ILE HXT  H N N 182 
LEU N    N N N 183 
LEU CA   C N S 184 
LEU C    C N N 185 
LEU O    O N N 186 
LEU CB   C N N 187 
LEU CG   C N N 188 
LEU CD1  C N N 189 
LEU CD2  C N N 190 
LEU OXT  O N N 191 
LEU H    H N N 192 
LEU H2   H N N 193 
LEU HA   H N N 194 
LEU HB2  H N N 195 
LEU HB3  H N N 196 
LEU HG   H N N 197 
LEU HD11 H N N 198 
LEU HD12 H N N 199 
LEU HD13 H N N 200 
LEU HD21 H N N 201 
LEU HD22 H N N 202 
LEU HD23 H N N 203 
LEU HXT  H N N 204 
LYS N    N N N 205 
LYS CA   C N S 206 
LYS C    C N N 207 
LYS O    O N N 208 
LYS CB   C N N 209 
LYS CG   C N N 210 
LYS CD   C N N 211 
LYS CE   C N N 212 
LYS NZ   N N N 213 
LYS OXT  O N N 214 
LYS H    H N N 215 
LYS H2   H N N 216 
LYS HA   H N N 217 
LYS HB2  H N N 218 
LYS HB3  H N N 219 
LYS HG2  H N N 220 
LYS HG3  H N N 221 
LYS HD2  H N N 222 
LYS HD3  H N N 223 
LYS HE2  H N N 224 
LYS HE3  H N N 225 
LYS HZ1  H N N 226 
LYS HZ2  H N N 227 
LYS HZ3  H N N 228 
LYS HXT  H N N 229 
MET N    N N N 230 
MET CA   C N S 231 
MET C    C N N 232 
MET O    O N N 233 
MET CB   C N N 234 
MET CG   C N N 235 
MET SD   S N N 236 
MET CE   C N N 237 
MET OXT  O N N 238 
MET H    H N N 239 
MET H2   H N N 240 
MET HA   H N N 241 
MET HB2  H N N 242 
MET HB3  H N N 243 
MET HG2  H N N 244 
MET HG3  H N N 245 
MET HE1  H N N 246 
MET HE2  H N N 247 
MET HE3  H N N 248 
MET HXT  H N N 249 
PHE N    N N N 250 
PHE CA   C N S 251 
PHE C    C N N 252 
PHE O    O N N 253 
PHE CB   C N N 254 
PHE CG   C Y N 255 
PHE CD1  C Y N 256 
PHE CD2  C Y N 257 
PHE CE1  C Y N 258 
PHE CE2  C Y N 259 
PHE CZ   C Y N 260 
PHE OXT  O N N 261 
PHE H    H N N 262 
PHE H2   H N N 263 
PHE HA   H N N 264 
PHE HB2  H N N 265 
PHE HB3  H N N 266 
PHE HD1  H N N 267 
PHE HD2  H N N 268 
PHE HE1  H N N 269 
PHE HE2  H N N 270 
PHE HZ   H N N 271 
PHE HXT  H N N 272 
PRO N    N N N 273 
PRO CA   C N S 274 
PRO C    C N N 275 
PRO O    O N N 276 
PRO CB   C N N 277 
PRO CG   C N N 278 
PRO CD   C N N 279 
PRO OXT  O N N 280 
PRO H    H N N 281 
PRO HA   H N N 282 
PRO HB2  H N N 283 
PRO HB3  H N N 284 
PRO HG2  H N N 285 
PRO HG3  H N N 286 
PRO HD2  H N N 287 
PRO HD3  H N N 288 
PRO HXT  H N N 289 
SER N    N N N 290 
SER CA   C N S 291 
SER C    C N N 292 
SER O    O N N 293 
SER CB   C N N 294 
SER OG   O N N 295 
SER OXT  O N N 296 
SER H    H N N 297 
SER H2   H N N 298 
SER HA   H N N 299 
SER HB2  H N N 300 
SER HB3  H N N 301 
SER HG   H N N 302 
SER HXT  H N N 303 
THR N    N N N 304 
THR CA   C N S 305 
THR C    C N N 306 
THR O    O N N 307 
THR CB   C N R 308 
THR OG1  O N N 309 
THR CG2  C N N 310 
THR OXT  O N N 311 
THR H    H N N 312 
THR H2   H N N 313 
THR HA   H N N 314 
THR HB   H N N 315 
THR HG1  H N N 316 
THR HG21 H N N 317 
THR HG22 H N N 318 
THR HG23 H N N 319 
THR HXT  H N N 320 
TRP N    N N N 321 
TRP CA   C N S 322 
TRP C    C N N 323 
TRP O    O N N 324 
TRP CB   C N N 325 
TRP CG   C Y N 326 
TRP CD1  C Y N 327 
TRP CD2  C Y N 328 
TRP NE1  N Y N 329 
TRP CE2  C Y N 330 
TRP CE3  C Y N 331 
TRP CZ2  C Y N 332 
TRP CZ3  C Y N 333 
TRP CH2  C Y N 334 
TRP OXT  O N N 335 
TRP H    H N N 336 
TRP H2   H N N 337 
TRP HA   H N N 338 
TRP HB2  H N N 339 
TRP HB3  H N N 340 
TRP HD1  H N N 341 
TRP HE1  H N N 342 
TRP HE3  H N N 343 
TRP HZ2  H N N 344 
TRP HZ3  H N N 345 
TRP HH2  H N N 346 
TRP HXT  H N N 347 
TYR N    N N N 348 
TYR CA   C N S 349 
TYR C    C N N 350 
TYR O    O N N 351 
TYR CB   C N N 352 
TYR CG   C Y N 353 
TYR CD1  C Y N 354 
TYR CD2  C Y N 355 
TYR CE1  C Y N 356 
TYR CE2  C Y N 357 
TYR CZ   C Y N 358 
TYR OH   O N N 359 
TYR OXT  O N N 360 
TYR H    H N N 361 
TYR H2   H N N 362 
TYR HA   H N N 363 
TYR HB2  H N N 364 
TYR HB3  H N N 365 
TYR HD1  H N N 366 
TYR HD2  H N N 367 
TYR HE1  H N N 368 
TYR HE2  H N N 369 
TYR HH   H N N 370 
TYR HXT  H N N 371 
VAL N    N N N 372 
VAL CA   C N S 373 
VAL C    C N N 374 
VAL O    O N N 375 
VAL CB   C N N 376 
VAL CG1  C N N 377 
VAL CG2  C N N 378 
VAL OXT  O N N 379 
VAL H    H N N 380 
VAL H2   H N N 381 
VAL HA   H N N 382 
VAL HB   H N N 383 
VAL HG11 H N N 384 
VAL HG12 H N N 385 
VAL HG13 H N N 386 
VAL HG21 H N N 387 
VAL HG22 H N N 388 
VAL HG23 H N N 389 
VAL HXT  H N N 390 
# 
loop_
_chem_comp_bond.comp_id 
_chem_comp_bond.atom_id_1 
_chem_comp_bond.atom_id_2 
_chem_comp_bond.value_order 
_chem_comp_bond.pdbx_aromatic_flag 
_chem_comp_bond.pdbx_stereo_config 
_chem_comp_bond.pdbx_ordinal 
ALA N   CA   sing N N 1   
ALA N   H    sing N N 2   
ALA N   H2   sing N N 3   
ALA CA  C    sing N N 4   
ALA CA  CB   sing N N 5   
ALA CA  HA   sing N N 6   
ALA C   O    doub N N 7   
ALA C   OXT  sing N N 8   
ALA CB  HB1  sing N N 9   
ALA CB  HB2  sing N N 10  
ALA CB  HB3  sing N N 11  
ALA OXT HXT  sing N N 12  
ARG N   CA   sing N N 13  
ARG N   H    sing N N 14  
ARG N   H2   sing N N 15  
ARG CA  C    sing N N 16  
ARG CA  CB   sing N N 17  
ARG CA  HA   sing N N 18  
ARG C   O    doub N N 19  
ARG C   OXT  sing N N 20  
ARG CB  CG   sing N N 21  
ARG CB  HB2  sing N N 22  
ARG CB  HB3  sing N N 23  
ARG CG  CD   sing N N 24  
ARG CG  HG2  sing N N 25  
ARG CG  HG3  sing N N 26  
ARG CD  NE   sing N N 27  
ARG CD  HD2  sing N N 28  
ARG CD  HD3  sing N N 29  
ARG NE  CZ   sing N N 30  
ARG NE  HE   sing N N 31  
ARG CZ  NH1  sing N N 32  
ARG CZ  NH2  doub N N 33  
ARG NH1 HH11 sing N N 34  
ARG NH1 HH12 sing N N 35  
ARG NH2 HH21 sing N N 36  
ARG NH2 HH22 sing N N 37  
ARG OXT HXT  sing N N 38  
ASN N   CA   sing N N 39  
ASN N   H    sing N N 40  
ASN N   H2   sing N N 41  
ASN CA  C    sing N N 42  
ASN CA  CB   sing N N 43  
ASN CA  HA   sing N N 44  
ASN C   O    doub N N 45  
ASN C   OXT  sing N N 46  
ASN CB  CG   sing N N 47  
ASN CB  HB2  sing N N 48  
ASN CB  HB3  sing N N 49  
ASN CG  OD1  doub N N 50  
ASN CG  ND2  sing N N 51  
ASN ND2 HD21 sing N N 52  
ASN ND2 HD22 sing N N 53  
ASN OXT HXT  sing N N 54  
ASP N   CA   sing N N 55  
ASP N   H    sing N N 56  
ASP N   H2   sing N N 57  
ASP CA  C    sing N N 58  
ASP CA  CB   sing N N 59  
ASP CA  HA   sing N N 60  
ASP C   O    doub N N 61  
ASP C   OXT  sing N N 62  
ASP CB  CG   sing N N 63  
ASP CB  HB2  sing N N 64  
ASP CB  HB3  sing N N 65  
ASP CG  OD1  doub N N 66  
ASP CG  OD2  sing N N 67  
ASP OD2 HD2  sing N N 68  
ASP OXT HXT  sing N N 69  
CYS N   CA   sing N N 70  
CYS N   H    sing N N 71  
CYS N   H2   sing N N 72  
CYS CA  C    sing N N 73  
CYS CA  CB   sing N N 74  
CYS CA  HA   sing N N 75  
CYS C   O    doub N N 76  
CYS C   OXT  sing N N 77  
CYS CB  SG   sing N N 78  
CYS CB  HB2  sing N N 79  
CYS CB  HB3  sing N N 80  
CYS SG  HG   sing N N 81  
CYS OXT HXT  sing N N 82  
GLN N   CA   sing N N 83  
GLN N   H    sing N N 84  
GLN N   H2   sing N N 85  
GLN CA  C    sing N N 86  
GLN CA  CB   sing N N 87  
GLN CA  HA   sing N N 88  
GLN C   O    doub N N 89  
GLN C   OXT  sing N N 90  
GLN CB  CG   sing N N 91  
GLN CB  HB2  sing N N 92  
GLN CB  HB3  sing N N 93  
GLN CG  CD   sing N N 94  
GLN CG  HG2  sing N N 95  
GLN CG  HG3  sing N N 96  
GLN CD  OE1  doub N N 97  
GLN CD  NE2  sing N N 98  
GLN NE2 HE21 sing N N 99  
GLN NE2 HE22 sing N N 100 
GLN OXT HXT  sing N N 101 
GLU N   CA   sing N N 102 
GLU N   H    sing N N 103 
GLU N   H2   sing N N 104 
GLU CA  C    sing N N 105 
GLU CA  CB   sing N N 106 
GLU CA  HA   sing N N 107 
GLU C   O    doub N N 108 
GLU C   OXT  sing N N 109 
GLU CB  CG   sing N N 110 
GLU CB  HB2  sing N N 111 
GLU CB  HB3  sing N N 112 
GLU CG  CD   sing N N 113 
GLU CG  HG2  sing N N 114 
GLU CG  HG3  sing N N 115 
GLU CD  OE1  doub N N 116 
GLU CD  OE2  sing N N 117 
GLU OE2 HE2  sing N N 118 
GLU OXT HXT  sing N N 119 
GLY N   CA   sing N N 120 
GLY N   H    sing N N 121 
GLY N   H2   sing N N 122 
GLY CA  C    sing N N 123 
GLY CA  HA2  sing N N 124 
GLY CA  HA3  sing N N 125 
GLY C   O    doub N N 126 
GLY C   OXT  sing N N 127 
GLY OXT HXT  sing N N 128 
HIS N   CA   sing N N 129 
HIS N   H    sing N N 130 
HIS N   H2   sing N N 131 
HIS CA  C    sing N N 132 
HIS CA  CB   sing N N 133 
HIS CA  HA   sing N N 134 
HIS C   O    doub N N 135 
HIS C   OXT  sing N N 136 
HIS CB  CG   sing N N 137 
HIS CB  HB2  sing N N 138 
HIS CB  HB3  sing N N 139 
HIS CG  ND1  sing Y N 140 
HIS CG  CD2  doub Y N 141 
HIS ND1 CE1  doub Y N 142 
HIS ND1 HD1  sing N N 143 
HIS CD2 NE2  sing Y N 144 
HIS CD2 HD2  sing N N 145 
HIS CE1 NE2  sing Y N 146 
HIS CE1 HE1  sing N N 147 
HIS NE2 HE2  sing N N 148 
HIS OXT HXT  sing N N 149 
HOH O   H1   sing N N 150 
HOH O   H2   sing N N 151 
ILE N   CA   sing N N 152 
ILE N   H    sing N N 153 
ILE N   H2   sing N N 154 
ILE CA  C    sing N N 155 
ILE CA  CB   sing N N 156 
ILE CA  HA   sing N N 157 
ILE C   O    doub N N 158 
ILE C   OXT  sing N N 159 
ILE CB  CG1  sing N N 160 
ILE CB  CG2  sing N N 161 
ILE CB  HB   sing N N 162 
ILE CG1 CD1  sing N N 163 
ILE CG1 HG12 sing N N 164 
ILE CG1 HG13 sing N N 165 
ILE CG2 HG21 sing N N 166 
ILE CG2 HG22 sing N N 167 
ILE CG2 HG23 sing N N 168 
ILE CD1 HD11 sing N N 169 
ILE CD1 HD12 sing N N 170 
ILE CD1 HD13 sing N N 171 
ILE OXT HXT  sing N N 172 
LEU N   CA   sing N N 173 
LEU N   H    sing N N 174 
LEU N   H2   sing N N 175 
LEU CA  C    sing N N 176 
LEU CA  CB   sing N N 177 
LEU CA  HA   sing N N 178 
LEU C   O    doub N N 179 
LEU C   OXT  sing N N 180 
LEU CB  CG   sing N N 181 
LEU CB  HB2  sing N N 182 
LEU CB  HB3  sing N N 183 
LEU CG  CD1  sing N N 184 
LEU CG  CD2  sing N N 185 
LEU CG  HG   sing N N 186 
LEU CD1 HD11 sing N N 187 
LEU CD1 HD12 sing N N 188 
LEU CD1 HD13 sing N N 189 
LEU CD2 HD21 sing N N 190 
LEU CD2 HD22 sing N N 191 
LEU CD2 HD23 sing N N 192 
LEU OXT HXT  sing N N 193 
LYS N   CA   sing N N 194 
LYS N   H    sing N N 195 
LYS N   H2   sing N N 196 
LYS CA  C    sing N N 197 
LYS CA  CB   sing N N 198 
LYS CA  HA   sing N N 199 
LYS C   O    doub N N 200 
LYS C   OXT  sing N N 201 
LYS CB  CG   sing N N 202 
LYS CB  HB2  sing N N 203 
LYS CB  HB3  sing N N 204 
LYS CG  CD   sing N N 205 
LYS CG  HG2  sing N N 206 
LYS CG  HG3  sing N N 207 
LYS CD  CE   sing N N 208 
LYS CD  HD2  sing N N 209 
LYS CD  HD3  sing N N 210 
LYS CE  NZ   sing N N 211 
LYS CE  HE2  sing N N 212 
LYS CE  HE3  sing N N 213 
LYS NZ  HZ1  sing N N 214 
LYS NZ  HZ2  sing N N 215 
LYS NZ  HZ3  sing N N 216 
LYS OXT HXT  sing N N 217 
MET N   CA   sing N N 218 
MET N   H    sing N N 219 
MET N   H2   sing N N 220 
MET CA  C    sing N N 221 
MET CA  CB   sing N N 222 
MET CA  HA   sing N N 223 
MET C   O    doub N N 224 
MET C   OXT  sing N N 225 
MET CB  CG   sing N N 226 
MET CB  HB2  sing N N 227 
MET CB  HB3  sing N N 228 
MET CG  SD   sing N N 229 
MET CG  HG2  sing N N 230 
MET CG  HG3  sing N N 231 
MET SD  CE   sing N N 232 
MET CE  HE1  sing N N 233 
MET CE  HE2  sing N N 234 
MET CE  HE3  sing N N 235 
MET OXT HXT  sing N N 236 
PHE N   CA   sing N N 237 
PHE N   H    sing N N 238 
PHE N   H2   sing N N 239 
PHE CA  C    sing N N 240 
PHE CA  CB   sing N N 241 
PHE CA  HA   sing N N 242 
PHE C   O    doub N N 243 
PHE C   OXT  sing N N 244 
PHE CB  CG   sing N N 245 
PHE CB  HB2  sing N N 246 
PHE CB  HB3  sing N N 247 
PHE CG  CD1  doub Y N 248 
PHE CG  CD2  sing Y N 249 
PHE CD1 CE1  sing Y N 250 
PHE CD1 HD1  sing N N 251 
PHE CD2 CE2  doub Y N 252 
PHE CD2 HD2  sing N N 253 
PHE CE1 CZ   doub Y N 254 
PHE CE1 HE1  sing N N 255 
PHE CE2 CZ   sing Y N 256 
PHE CE2 HE2  sing N N 257 
PHE CZ  HZ   sing N N 258 
PHE OXT HXT  sing N N 259 
PRO N   CA   sing N N 260 
PRO N   CD   sing N N 261 
PRO N   H    sing N N 262 
PRO CA  C    sing N N 263 
PRO CA  CB   sing N N 264 
PRO CA  HA   sing N N 265 
PRO C   O    doub N N 266 
PRO C   OXT  sing N N 267 
PRO CB  CG   sing N N 268 
PRO CB  HB2  sing N N 269 
PRO CB  HB3  sing N N 270 
PRO CG  CD   sing N N 271 
PRO CG  HG2  sing N N 272 
PRO CG  HG3  sing N N 273 
PRO CD  HD2  sing N N 274 
PRO CD  HD3  sing N N 275 
PRO OXT HXT  sing N N 276 
SER N   CA   sing N N 277 
SER N   H    sing N N 278 
SER N   H2   sing N N 279 
SER CA  C    sing N N 280 
SER CA  CB   sing N N 281 
SER CA  HA   sing N N 282 
SER C   O    doub N N 283 
SER C   OXT  sing N N 284 
SER CB  OG   sing N N 285 
SER CB  HB2  sing N N 286 
SER CB  HB3  sing N N 287 
SER OG  HG   sing N N 288 
SER OXT HXT  sing N N 289 
THR N   CA   sing N N 290 
THR N   H    sing N N 291 
THR N   H2   sing N N 292 
THR CA  C    sing N N 293 
THR CA  CB   sing N N 294 
THR CA  HA   sing N N 295 
THR C   O    doub N N 296 
THR C   OXT  sing N N 297 
THR CB  OG1  sing N N 298 
THR CB  CG2  sing N N 299 
THR CB  HB   sing N N 300 
THR OG1 HG1  sing N N 301 
THR CG2 HG21 sing N N 302 
THR CG2 HG22 sing N N 303 
THR CG2 HG23 sing N N 304 
THR OXT HXT  sing N N 305 
TRP N   CA   sing N N 306 
TRP N   H    sing N N 307 
TRP N   H2   sing N N 308 
TRP CA  C    sing N N 309 
TRP CA  CB   sing N N 310 
TRP CA  HA   sing N N 311 
TRP C   O    doub N N 312 
TRP C   OXT  sing N N 313 
TRP CB  CG   sing N N 314 
TRP CB  HB2  sing N N 315 
TRP CB  HB3  sing N N 316 
TRP CG  CD1  doub Y N 317 
TRP CG  CD2  sing Y N 318 
TRP CD1 NE1  sing Y N 319 
TRP CD1 HD1  sing N N 320 
TRP CD2 CE2  doub Y N 321 
TRP CD2 CE3  sing Y N 322 
TRP NE1 CE2  sing Y N 323 
TRP NE1 HE1  sing N N 324 
TRP CE2 CZ2  sing Y N 325 
TRP CE3 CZ3  doub Y N 326 
TRP CE3 HE3  sing N N 327 
TRP CZ2 CH2  doub Y N 328 
TRP CZ2 HZ2  sing N N 329 
TRP CZ3 CH2  sing Y N 330 
TRP CZ3 HZ3  sing N N 331 
TRP CH2 HH2  sing N N 332 
TRP OXT HXT  sing N N 333 
TYR N   CA   sing N N 334 
TYR N   H    sing N N 335 
TYR N   H2   sing N N 336 
TYR CA  C    sing N N 337 
TYR CA  CB   sing N N 338 
TYR CA  HA   sing N N 339 
TYR C   O    doub N N 340 
TYR C   OXT  sing N N 341 
TYR CB  CG   sing N N 342 
TYR CB  HB2  sing N N 343 
TYR CB  HB3  sing N N 344 
TYR CG  CD1  doub Y N 345 
TYR CG  CD2  sing Y N 346 
TYR CD1 CE1  sing Y N 347 
TYR CD1 HD1  sing N N 348 
TYR CD2 CE2  doub Y N 349 
TYR CD2 HD2  sing N N 350 
TYR CE1 CZ   doub Y N 351 
TYR CE1 HE1  sing N N 352 
TYR CE2 CZ   sing Y N 353 
TYR CE2 HE2  sing N N 354 
TYR CZ  OH   sing N N 355 
TYR OH  HH   sing N N 356 
TYR OXT HXT  sing N N 357 
VAL N   CA   sing N N 358 
VAL N   H    sing N N 359 
VAL N   H2   sing N N 360 
VAL CA  C    sing N N 361 
VAL CA  CB   sing N N 362 
VAL CA  HA   sing N N 363 
VAL C   O    doub N N 364 
VAL C   OXT  sing N N 365 
VAL CB  CG1  sing N N 366 
VAL CB  CG2  sing N N 367 
VAL CB  HB   sing N N 368 
VAL CG1 HG11 sing N N 369 
VAL CG1 HG12 sing N N 370 
VAL CG1 HG13 sing N N 371 
VAL CG2 HG21 sing N N 372 
VAL CG2 HG22 sing N N 373 
VAL CG2 HG23 sing N N 374 
VAL OXT HXT  sing N N 375 
# 
_atom_sites.entry_id                    1KSO 
_atom_sites.fract_transf_matrix[1][1]   -0.01726331 
_atom_sites.fract_transf_matrix[1][2]   -0.00150342 
_atom_sites.fract_transf_matrix[1][3]   0.00926138 
_atom_sites.fract_transf_matrix[2][1]   -0.00059537 
_atom_sites.fract_transf_matrix[2][2]   -0.00063521 
_atom_sites.fract_transf_matrix[2][3]   0.01962870 
_atom_sites.fract_transf_matrix[3][1]   -0.00155878 
_atom_sites.fract_transf_matrix[3][2]   0.02199182 
_atom_sites.fract_transf_matrix[3][3]   0.00066441 
_atom_sites.fract_transf_vector[1]      0.324859 
_atom_sites.fract_transf_vector[2]      0.003984 
_atom_sites.fract_transf_vector[3]      -0.045774 
# 
loop_
_atom_type.symbol 
C 
N 
O 
S 
# 
loop_
_atom_site.group_PDB 
_atom_site.id 
_atom_site.type_symbol 
_atom_site.label_atom_id 
_atom_site.label_alt_id 
_atom_site.label_comp_id 
_atom_site.label_asym_id 
_atom_site.label_entity_id 
_atom_site.label_seq_id 
_atom_site.pdbx_PDB_ins_code 
_atom_site.Cartn_x 
_atom_site.Cartn_y 
_atom_site.Cartn_z 
_atom_site.occupancy 
_atom_site.B_iso_or_equiv 
_atom_site.pdbx_formal_charge 
_atom_site.auth_seq_id 
_atom_site.auth_comp_id 
_atom_site.auth_asym_id 
_atom_site.auth_atom_id 
_atom_site.pdbx_PDB_model_num 
ATOM   1    N N   . ALA A 1 2  ? 10.228  -8.231  15.439  1.00   31.78 ? 2   ALA A N   1 
ATOM   2    C CA  . ALA A 1 2  ? 9.324   -8.329  14.259  1.00   29.14 ? 2   ALA A CA  1 
ATOM   3    C C   . ALA A 1 2  ? 9.989   -7.731  13.022  1.00   29.75 ? 2   ALA A C   1 
ATOM   4    O O   . ALA A 1 2  ? 10.829  -6.835  13.129  1.00   29.94 ? 2   ALA A O   1 
ATOM   5    C CB  . ALA A 1 2  ? 8.017   -7.604  14.546  1.00   39.54 ? 2   ALA A CB  1 
ATOM   6    N N   . ARG A 1 3  ? 9.620   -8.236  11.849  1.00   26.81 ? 3   ARG A N   1 
ATOM   7    C CA  . ARG A 1 3  ? 10.177  -7.735  10.595  1.00   27.34 ? 3   ARG A CA  1 
ATOM   8    C C   . ARG A 1 3  ? 9.568   -6.356  10.344  1.00   23.43 ? 3   ARG A C   1 
ATOM   9    O O   . ARG A 1 3  ? 8.364   -6.173  10.508  1.00   20.89 ? 3   ARG A O   1 
ATOM   10   C CB  . ARG A 1 3  ? 9.819   -8.672  9.444   1.00   43.98 ? 3   ARG A CB  1 
ATOM   11   C CG  . ARG A 1 3  ? 10.239  -10.117 9.650   1.00   48.96 ? 3   ARG A CG  1 
ATOM   12   C CD  . ARG A 1 3  ? 9.773   -10.977 8.486   1.00   53.10 ? 3   ARG A CD  1 
ATOM   13   N NE  . ARG A 1 3  ? 9.858   -12.402 8.787   1.00   58.54 ? 3   ARG A NE  1 
ATOM   14   C CZ  . ARG A 1 3  ? 10.995  -13.062 8.980   1.00   57.69 ? 3   ARG A CZ  1 
ATOM   15   N NH1 . ARG A 1 3  ? 12.156  -12.428 8.903   1.00   58.72 ? 3   ARG A NH1 1 
ATOM   16   N NH2 . ARG A 1 3  ? 10.968  -14.359 9.251   1.00   59.53 ? 3   ARG A NH2 1 
ATOM   17   N N   . PRO A 1 4  ? 10.391  -5.374  9.932   1.00   23.23 ? 4   PRO A N   1 
ATOM   18   C CA  . PRO A 1 4  ? 9.919   -4.010  9.668   1.00   22.27 ? 4   PRO A CA  1 
ATOM   19   C C   . PRO A 1 4  ? 8.721   -3.900  8.732   1.00   20.31 ? 4   PRO A C   1 
ATOM   20   O O   . PRO A 1 4  ? 7.775   -3.166  9.015   1.00   18.46 ? 4   PRO A O   1 
ATOM   21   C CB  . PRO A 1 4  ? 11.154  -3.321  9.093   1.00   28.28 ? 4   PRO A CB  1 
ATOM   22   C CG  . PRO A 1 4  ? 12.277  -4.040  9.751   1.00   30.35 ? 4   PRO A CG  1 
ATOM   23   C CD  . PRO A 1 4  ? 11.835  -5.480  9.666   1.00   28.49 ? 4   PRO A CD  1 
ATOM   24   N N   . LEU A 1 5  ? 8.760   -4.619  7.612   1.00   17.72 ? 5   LEU A N   1 
ATOM   25   C CA  . LEU A 1 5  ? 7.659   -4.552  6.657   1.00   15.85 ? 5   LEU A CA  1 
ATOM   26   C C   . LEU A 1 5  ? 6.385   -5.181  7.216   1.00   16.67 ? 5   LEU A C   1 
ATOM   27   O O   . LEU A 1 5  ? 5.289   -4.689  6.962   1.00   16.53 ? 5   LEU A O   1 
ATOM   28   C CB  . LEU A 1 5  ? 8.037   -5.235  5.333   1.00   17.02 ? 5   LEU A CB  1 
ATOM   29   C CG  . LEU A 1 5  ? 7.020   -4.970  4.216   1.00   19.14 ? 5   LEU A CG  1 
ATOM   30   C CD1 . LEU A 1 5  ? 7.027   -3.472  3.900   1.00   20.65 ? 5   LEU A CD1 1 
ATOM   31   C CD2 . LEU A 1 5  ? 7.347   -5.799  2.965   1.00   17.69 ? 5   LEU A CD2 1 
ATOM   32   N N   . GLU A 1 6  ? 6.517   -6.257  7.988   1.00   16.24 ? 6   GLU A N   1 
ATOM   33   C CA  . GLU A 1 6  ? 5.332   -6.896  8.556   1.00   17.12 ? 6   GLU A CA  1 
ATOM   34   C C   . GLU A 1 6  ? 4.646   -5.939  9.529   1.00   18.15 ? 6   GLU A C   1 
ATOM   35   O O   . GLU A 1 6  ? 3.415   -5.833  9.551   1.00   17.31 ? 6   GLU A O   1 
ATOM   36   C CB  . GLU A 1 6  ? 5.706   -8.198  9.277   1.00   20.57 ? 6   GLU A CB  1 
ATOM   37   C CG  . GLU A 1 6  ? 6.361   -9.224  8.360   1.00   22.01 ? 6   GLU A CG  1 
ATOM   38   C CD  . GLU A 1 6  ? 6.507   -10.593 8.999   1.00   27.25 ? 6   GLU A CD  1 
ATOM   39   O OE1 . GLU A 1 6  ? 6.493   -10.683 10.245  1.00   27.77 ? 6   GLU A OE1 1 
ATOM   40   O OE2 . GLU A 1 6  ? 6.652   -11.580 8.249   1.00   27.38 ? 6   GLU A OE2 1 
ATOM   41   N N   . GLN A 1 7  ? 5.451   -5.241  10.325  1.00   19.20 ? 7   GLN A N   1 
ATOM   42   C CA  . GLN A 1 7  ? 4.925   -4.279  11.291  1.00   20.18 ? 7   GLN A CA  1 
ATOM   43   C C   . GLN A 1 7  ? 4.235   -3.144  10.552  1.00   20.32 ? 7   GLN A C   1 
ATOM   44   O O   . GLN A 1 7  ? 3.171   -2.673  10.966  1.00   18.21 ? 7   GLN A O   1 
ATOM   45   C CB  . GLN A 1 7  ? 6.060   -3.699  12.141  1.00   23.06 ? 7   GLN A CB  1 
ATOM   46   C CG  . GLN A 1 7  ? 6.691   -4.703  13.084  1.00   26.55 ? 7   GLN A CG  1 
ATOM   47   C CD  . GLN A 1 7  ? 5.775   -5.073  14.227  1.00   28.42 ? 7   GLN A CD  1 
ATOM   48   O OE1 . GLN A 1 7  ? 5.986   -4.647  15.363  1.00   32.57 ? 7   GLN A OE1 1 
ATOM   49   N NE2 . GLN A 1 7  ? 4.742   -5.861  13.934  1.00   28.89 ? 7   GLN A NE2 1 
ATOM   50   N N   . ALA A 1 8  ? 4.859   -2.703  9.462   1.00   17.65 ? 8   ALA A N   1 
ATOM   51   C CA  . ALA A 1 8  ? 4.326   -1.608  8.655   1.00   18.06 ? 8   ALA A CA  1 
ATOM   52   C C   . ALA A 1 8  ? 2.992   -1.961  8.019   1.00   19.55 ? 8   ALA A C   1 
ATOM   53   O O   . ALA A 1 8  ? 2.033   -1.201  8.107   1.00   18.92 ? 8   ALA A O   1 
ATOM   54   C CB  . ALA A 1 8  ? 5.328   -1.222  7.569   1.00   18.52 ? 8   ALA A CB  1 
ATOM   55   N N   . VAL A 1 9  ? 2.928   -3.116  7.372   1.00   19.11 ? 9   VAL A N   1 
ATOM   56   C CA  . VAL A 1 9  ? 1.697   -3.512  6.719   1.00   18.25 ? 9   VAL A CA  1 
ATOM   57   C C   . VAL A 1 9  ? 0.587   -3.804  7.729   1.00   19.51 ? 9   VAL A C   1 
ATOM   58   O O   . VAL A 1 9  ? -0.580  -3.505  7.474   1.00   19.93 ? 9   VAL A O   1 
ATOM   59   C CB  . VAL A 1 9  ? 1.932   -4.719  5.798   1.00   21.29 ? 9   VAL A CB  1 
ATOM   60   C CG1 . VAL A 1 9  ? 0.664   -5.061  5.059   1.00   21.64 ? 9   VAL A CG1 1 
ATOM   61   C CG2 . VAL A 1 9  ? 3.027   -4.386  4.800   1.00   22.19 ? 9   VAL A CG2 1 
ATOM   62   N N   . ALA A 1 10 ? 0.946   -4.372  8.879   1.00   16.61 ? 10  ALA A N   1 
ATOM   63   C CA  . ALA A 1 10 ? -0.046  -4.663  9.905   1.00   17.21 ? 10  ALA A CA  1 
ATOM   64   C C   . ALA A 1 10 ? -0.636  -3.347  10.424  1.00   15.64 ? 10  ALA A C   1 
ATOM   65   O O   . ALA A 1 10 ? -1.806  -3.296  10.800  1.00   17.93 ? 10  ALA A O   1 
ATOM   66   C CB  . ALA A 1 10 ? 0.584   -5.443  11.048  1.00   16.56 ? 10  ALA A CB  1 
ATOM   67   N N   . ALA A 1 11 ? 0.171   -2.289  10.431  1.00   17.38 ? 11  ALA A N   1 
ATOM   68   C CA  . ALA A 1 11 ? -0.284  -0.979  10.889  1.00   15.85 ? 11  ALA A CA  1 
ATOM   69   C C   . ALA A 1 11 ? -1.221  -0.356  9.861   1.00   19.26 ? 11  ALA A C   1 
ATOM   70   O O   . ALA A 1 11 ? -2.173  0.343   10.212  1.00   19.07 ? 11  ALA A O   1 
ATOM   71   C CB  . ALA A 1 11 ? 0.909   -0.060  11.128  1.00   21.81 ? 11  ALA A CB  1 
ATOM   72   N N   . ILE A 1 12 ? -0.942  -0.602  8.588   1.00   18.02 ? 12  ILE A N   1 
ATOM   73   C CA  . ILE A 1 12 ? -1.781  -0.081  7.522   1.00   18.94 ? 12  ILE A CA  1 
ATOM   74   C C   . ILE A 1 12 ? -3.169  -0.713  7.622   1.00   17.47 ? 12  ILE A C   1 
ATOM   75   O O   . ILE A 1 12 ? -4.171  -0.054  7.372   1.00   19.32 ? 12  ILE A O   1 
ATOM   76   C CB  . ILE A 1 12 ? -1.139  -0.353  6.142   1.00   21.83 ? 12  ILE A CB  1 
ATOM   77   C CG1 . ILE A 1 12 ? 0.042   0.608   5.948   1.00   21.51 ? 12  ILE A CG1 1 
ATOM   78   C CG2 . ILE A 1 12 ? -2.163  -0.178  5.029   1.00   24.52 ? 12  ILE A CG2 1 
ATOM   79   C CD1 . ILE A 1 12 ? 0.805   0.412   4.661   1.00   23.67 ? 12  ILE A CD1 1 
ATOM   80   N N   . VAL A 1 13 ? -3.223  -1.986  8.003   1.00   18.85 ? 13  VAL A N   1 
ATOM   81   C CA  . VAL A 1 13 ? -4.498  -2.670  8.163   1.00   17.52 ? 13  VAL A CA  1 
ATOM   82   C C   . VAL A 1 13 ? -5.179  -2.127  9.422   1.00   19.98 ? 13  VAL A C   1 
ATOM   83   O O   . VAL A 1 13 ? -6.389  -1.885  9.434   1.00   19.87 ? 13  VAL A O   1 
ATOM   84   C CB  . VAL A 1 13 ? -4.318  -4.196  8.299   1.00   14.89 ? 13  VAL A CB  1 
ATOM   85   C CG1 . VAL A 1 13 ? -5.656  -4.856  8.636   1.00   15.49 ? 13  VAL A CG1 1 
ATOM   86   C CG2 . VAL A 1 13 ? -3.777  -4.774  6.986   1.00   14.13 ? 13  VAL A CG2 1 
ATOM   87   N N   . CYS A 1 14 ? -4.393  -1.924  10.473  1.00   17.19 ? 14  CYS A N   1 
ATOM   88   C CA  . CYS A 1 14 ? -4.916  -1.397  11.730  1.00   21.92 ? 14  CYS A CA  1 
ATOM   89   C C   . CYS A 1 14 ? -5.672  -0.084  11.503  1.00   21.06 ? 14  CYS A C   1 
ATOM   90   O O   . CYS A 1 14 ? -6.813  0.075   11.954  1.00   22.13 ? 14  CYS A O   1 
ATOM   91   C CB  . CYS A 1 14 ? -3.767  -1.162  12.716  1.00   23.22 ? 14  CYS A CB  1 
ATOM   92   S SG  . CYS A 1 14 ? -4.271  -0.423  14.280  1.00   30.17 ? 14  CYS A SG  1 
ATOM   93   N N   . THR A 1 15 ? -5.039  0.855   10.805  1.00   21.96 ? 15  THR A N   1 
ATOM   94   C CA  . THR A 1 15 ? -5.676  2.143   10.545  1.00   23.11 ? 15  THR A CA  1 
ATOM   95   C C   . THR A 1 15 ? -6.973  1.942   9.766   1.00   23.83 ? 15  THR A C   1 
ATOM   96   O O   . THR A 1 15 ? -8.019  2.482   10.132  1.00   23.88 ? 15  THR A O   1 
ATOM   97   C CB  . THR A 1 15 ? -4.739  3.085   9.760   1.00   24.15 ? 15  THR A CB  1 
ATOM   98   O OG1 . THR A 1 15 ? -3.516  3.259   10.492  1.00   23.90 ? 15  THR A OG1 1 
ATOM   99   C CG2 . THR A 1 15 ? -5.393  4.449   9.566   1.00   26.73 ? 15  THR A CG2 1 
ATOM   100  N N   . PHE A 1 16 ? -6.914  1.156   8.697   1.00   23.75 ? 16  PHE A N   1 
ATOM   101  C CA  . PHE A 1 16 ? -8.109  0.908   7.899   1.00   24.05 ? 16  PHE A CA  1 
ATOM   102  C C   . PHE A 1 16 ? -9.249  0.402   8.777   1.00   25.10 ? 16  PHE A C   1 
ATOM   103  O O   . PHE A 1 16 ? -10.370 0.913   8.720   1.00   23.38 ? 16  PHE A O   1 
ATOM   104  C CB  . PHE A 1 16 ? -7.839  -0.129  6.806   1.00   21.91 ? 16  PHE A CB  1 
ATOM   105  C CG  . PHE A 1 16 ? -9.021  -0.378  5.918   1.00   21.57 ? 16  PHE A CG  1 
ATOM   106  C CD1 . PHE A 1 16 ? -9.323  0.500   4.879   1.00   22.23 ? 16  PHE A CD1 1 
ATOM   107  C CD2 . PHE A 1 16 ? -9.855  -1.470  6.136   1.00   20.31 ? 16  PHE A CD2 1 
ATOM   108  C CE1 . PHE A 1 16 ? -10.438 0.291   4.069   1.00   20.84 ? 16  PHE A CE1 1 
ATOM   109  C CE2 . PHE A 1 16 ? -10.973 -1.690  5.332   1.00   20.58 ? 16  PHE A CE2 1 
ATOM   110  C CZ  . PHE A 1 16 ? -11.265 -0.806  4.296   1.00   21.34 ? 16  PHE A CZ  1 
ATOM   111  N N   . GLN A 1 17 ? -8.959  -0.617  9.574   1.00   25.35 ? 17  GLN A N   1 
ATOM   112  C CA  . GLN A 1 17 ? -9.957  -1.192  10.468  1.00   30.02 ? 17  GLN A CA  1 
ATOM   113  C C   . GLN A 1 17 ? -10.520 -0.148  11.425  1.00   29.95 ? 17  GLN A C   1 
ATOM   114  O O   . GLN A 1 17 ? -11.714 -0.151  11.733  1.00   28.94 ? 17  GLN A O   1 
ATOM   115  C CB  . GLN A 1 17 ? -9.345  -2.354  11.256  1.00   38.32 ? 17  GLN A CB  1 
ATOM   116  C CG  . GLN A 1 17 ? -10.095 -2.720  12.517  1.00   43.84 ? 17  GLN A CG  1 
ATOM   117  C CD  . GLN A 1 17 ? -9.822  -4.137  12.969  1.00   46.58 ? 17  GLN A CD  1 
ATOM   118  O OE1 . GLN A 1 17 ? -8.690  -4.619  12.896  1.00   50.41 ? 17  GLN A OE1 1 
ATOM   119  N NE2 . GLN A 1 17 ? -10.860 -4.812  13.449  1.00   49.00 ? 17  GLN A NE2 1 
ATOM   120  N N   . GLU A 1 18 ? -9.662  0.752   11.889  1.00   28.11 ? 18  GLU A N   1 
ATOM   121  C CA  . GLU A 1 18 ? -10.097 1.793   12.811  1.00   30.22 ? 18  GLU A CA  1 
ATOM   122  C C   . GLU A 1 18 ? -11.182 2.668   12.195  1.00   28.33 ? 18  GLU A C   1 
ATOM   123  O O   . GLU A 1 18 ? -12.215 2.924   12.818  1.00   29.17 ? 18  GLU A O   1 
ATOM   124  C CB  . GLU A 1 18 ? -8.911  2.665   13.222  1.00   47.75 ? 18  GLU A CB  1 
ATOM   125  C CG  . GLU A 1 18 ? -9.246  3.706   14.277  1.00   53.38 ? 18  GLU A CG  1 
ATOM   126  C CD  . GLU A 1 18 ? -8.040  4.526   14.673  1.00   57.38 ? 18  GLU A CD  1 
ATOM   127  O OE1 . GLU A 1 18 ? -7.015  3.924   15.063  1.00   60.18 ? 18  GLU A OE1 1 
ATOM   128  O OE2 . GLU A 1 18 ? -8.114  5.772   14.599  1.00   60.45 ? 18  GLU A OE2 1 
ATOM   129  N N   . TYR A 1 19 ? -10.948 3.123   10.968  1.00   24.56 ? 19  TYR A N   1 
ATOM   130  C CA  . TYR A 1 19 ? -11.908 3.979   10.288  1.00   22.18 ? 19  TYR A CA  1 
ATOM   131  C C   . TYR A 1 19 ? -13.092 3.217   9.705   1.00   22.72 ? 19  TYR A C   1 
ATOM   132  O O   . TYR A 1 19 ? -14.236 3.639   9.854   1.00   23.36 ? 19  TYR A O   1 
ATOM   133  C CB  . TYR A 1 19 ? -11.215 4.786   9.188   1.00   22.63 ? 19  TYR A CB  1 
ATOM   134  C CG  . TYR A 1 19 ? -10.385 5.940   9.715   1.00   23.47 ? 19  TYR A CG  1 
ATOM   135  C CD1 . TYR A 1 19 ? -9.227  5.714   10.461  1.00   23.46 ? 19  TYR A CD1 1 
ATOM   136  C CD2 . TYR A 1 19 ? -10.775 7.261   9.488   1.00   26.58 ? 19  TYR A CD2 1 
ATOM   137  C CE1 . TYR A 1 19 ? -8.477  6.777   10.966  1.00   25.27 ? 19  TYR A CE1 1 
ATOM   138  C CE2 . TYR A 1 19 ? -10.034 8.330   9.990   1.00   25.63 ? 19  TYR A CE2 1 
ATOM   139  C CZ  . TYR A 1 19 ? -8.887  8.080   10.727  1.00   28.25 ? 19  TYR A CZ  1 
ATOM   140  O OH  . TYR A 1 19 ? -8.148  9.136   11.216  1.00   29.11 ? 19  TYR A OH  1 
ATOM   141  N N   . ALA A 1 20 ? -12.822 2.092   9.051   1.00   21.25 ? 20  ALA A N   1 
ATOM   142  C CA  . ALA A 1 20 ? -13.889 1.302   8.441   1.00   21.46 ? 20  ALA A CA  1 
ATOM   143  C C   . ALA A 1 20 ? -14.781 0.613   9.464   1.00   22.27 ? 20  ALA A C   1 
ATOM   144  O O   . ALA A 1 20 ? -15.954 0.339   9.188   1.00   24.42 ? 20  ALA A O   1 
ATOM   145  C CB  . ALA A 1 20 ? -13.291 0.265   7.488   1.00   23.73 ? 20  ALA A CB  1 
ATOM   146  N N   . GLY A 1 21 ? -14.232 0.346   10.647  1.00   22.30 ? 21  GLY A N   1 
ATOM   147  C CA  . GLY A 1 21 ? -14.991 -0.336  11.679  1.00   22.65 ? 21  GLY A CA  1 
ATOM   148  C C   . GLY A 1 21 ? -15.924 0.543   12.484  1.00   22.16 ? 21  GLY A C   1 
ATOM   149  O O   . GLY A 1 21 ? -16.680 0.048   13.322  1.00   23.16 ? 21  GLY A O   1 
ATOM   150  N N   . ARG A 1 22 ? -15.883 1.848   12.229  1.00   19.56 ? 22  ARG A N   1 
ATOM   151  C CA  . ARG A 1 22 ? -16.735 2.785   12.952  1.00   20.06 ? 22  ARG A CA  1 
ATOM   152  C C   . ARG A 1 22 ? -18.203 2.395   12.848  1.00   20.95 ? 22  ARG A C   1 
ATOM   153  O O   . ARG A 1 22 ? -18.892 2.258   13.858  1.00   23.23 ? 22  ARG A O   1 
ATOM   154  C CB  . ARG A 1 22 ? -16.539 4.193   12.405  1.00   26.28 ? 22  ARG A CB  1 
ATOM   155  C CG  . ARG A 1 22 ? -15.200 4.799   12.746  1.00   26.66 ? 22  ARG A CG  1 
ATOM   156  C CD  . ARG A 1 22 ? -15.044 6.141   12.061  1.00   31.09 ? 22  ARG A CD  1 
ATOM   157  N NE  . ARG A 1 22 ? -13.856 6.849   12.519  1.00   33.26 ? 22  ARG A NE  1 
ATOM   158  C CZ  . ARG A 1 22 ? -13.484 8.040   12.063  1.00   35.11 ? 22  ARG A CZ  1 
ATOM   159  N NH1 . ARG A 1 22 ? -14.208 8.650   11.134  1.00   35.53 ? 22  ARG A NH1 1 
ATOM   160  N NH2 . ARG A 1 22 ? -12.389 8.618   12.540  1.00   36.58 ? 22  ARG A NH2 1 
ATOM   161  N N   . CYS A 1 23 ? -18.675 2.221   11.620  1.00   23.72 ? 23  CYS A N   1 
ATOM   162  C CA  . CYS A 1 23 ? -20.066 1.845   11.377  1.00   24.22 ? 23  CYS A CA  1 
ATOM   163  C C   . CYS A 1 23 ? -20.225 1.355   9.940   1.00   22.93 ? 23  CYS A C   1 
ATOM   164  O O   . CYS A 1 23 ? -19.353 1.582   9.101   1.00   23.64 ? 23  CYS A O   1 
ATOM   165  C CB  . CYS A 1 23 ? -20.987 3.046   11.639  1.00   23.21 ? 23  CYS A CB  1 
ATOM   166  S SG  . CYS A 1 23 ? -20.723 4.500   10.581  1.00   25.35 ? 23  CYS A SG  1 
ATOM   167  N N   . GLY A 1 24 ? -21.325 0.660   9.664   1.00   24.92 ? 24  GLY A N   1 
ATOM   168  C CA  . GLY A 1 24 ? -21.569 0.168   8.318   1.00   22.68 ? 24  GLY A CA  1 
ATOM   169  C C   . GLY A 1 24 ? -20.707 -1.000  7.868   1.00   22.82 ? 24  GLY A C   1 
ATOM   170  O O   . GLY A 1 24 ? -20.322 -1.850  8.671   1.00   23.18 ? 24  GLY A O   1 
ATOM   171  N N   . ASP A 1 25 ? -20.408 -1.036  6.573   1.00   20.04 ? 25  ASP A N   1 
ATOM   172  C CA  . ASP A 1 25 ? -19.598 -2.102  5.985   1.00   22.31 ? 25  ASP A CA  1 
ATOM   173  C C   . ASP A 1 25 ? -18.156 -1.998  6.481   1.00   21.94 ? 25  ASP A C   1 
ATOM   174  O O   . ASP A 1 25 ? -17.441 -1.049  6.143   1.00   20.18 ? 25  ASP A O   1 
ATOM   175  C CB  . ASP A 1 25 ? -19.623 -1.992  4.464   1.00   25.66 ? 25  ASP A CB  1 
ATOM   176  C CG  . ASP A 1 25 ? -19.087 -3.232  3.781   1.00   26.69 ? 25  ASP A CG  1 
ATOM   177  O OD1 . ASP A 1 25 ? -18.217 -3.906  4.367   1.00   27.16 ? 25  ASP A OD1 1 
ATOM   178  O OD2 . ASP A 1 25 ? -19.530 -3.522  2.652   1.00   28.89 ? 25  ASP A OD2 1 
ATOM   179  N N   . LYS A 1 26 ? -17.740 -2.978  7.281   1.00   23.26 ? 26  LYS A N   1 
ATOM   180  C CA  . LYS A 1 26 ? -16.393 -2.998  7.845   1.00   24.59 ? 26  LYS A CA  1 
ATOM   181  C C   . LYS A 1 26 ? -15.292 -3.122  6.795   1.00   24.59 ? 26  LYS A C   1 
ATOM   182  O O   . LYS A 1 26 ? -14.112 -2.937  7.099   1.00   21.68 ? 26  LYS A O   1 
ATOM   183  C CB  . LYS A 1 26 ? -16.265 -4.143  8.854   1.00   32.58 ? 26  LYS A CB  1 
ATOM   184  C CG  . LYS A 1 26 ? -16.334 -5.538  8.233   1.00   35.69 ? 26  LYS A CG  1 
ATOM   185  C CD  . LYS A 1 26 ? -16.428 -6.629  9.298   1.00   40.04 ? 26  LYS A CD  1 
ATOM   186  C CE  . LYS A 1 26 ? -15.196 -6.682  10.181  1.00   43.00 ? 26  LYS A CE  1 
ATOM   187  N NZ  . LYS A 1 26 ? -15.309 -7.752  11.224  1.00   45.32 ? 26  LYS A NZ  1 
ATOM   188  N N   . TYR A 1 27 ? -15.676 -3.427  5.560   1.00   22.48 ? 27  TYR A N   1 
ATOM   189  C CA  . TYR A 1 27 ? -14.703 -3.572  4.492   1.00   23.10 ? 27  TYR A CA  1 
ATOM   190  C C   . TYR A 1 27 ? -14.673 -2.377  3.553   1.00   23.76 ? 27  TYR A C   1 
ATOM   191  O O   . TYR A 1 27 ? -14.038 -2.420  2.503   1.00   24.47 ? 27  TYR A O   1 
ATOM   192  C CB  . TYR A 1 27 ? -14.980 -4.854  3.705   1.00   28.26 ? 27  TYR A CB  1 
ATOM   193  C CG  . TYR A 1 27 ? -14.764 -6.095  4.535   1.00   30.41 ? 27  TYR A CG  1 
ATOM   194  C CD1 . TYR A 1 27 ? -13.532 -6.337  5.140   1.00   31.83 ? 27  TYR A CD1 1 
ATOM   195  C CD2 . TYR A 1 27 ? -15.789 -7.023  4.729   1.00   31.89 ? 27  TYR A CD2 1 
ATOM   196  C CE1 . TYR A 1 27 ? -13.320 -7.467  5.917   1.00   34.13 ? 27  TYR A CE1 1 
ATOM   197  C CE2 . TYR A 1 27 ? -15.584 -8.162  5.508   1.00   33.92 ? 27  TYR A CE2 1 
ATOM   198  C CZ  . TYR A 1 27 ? -14.347 -8.374  6.097   1.00   34.02 ? 27  TYR A CZ  1 
ATOM   199  O OH  . TYR A 1 27 ? -14.123 -9.489  6.866   1.00   37.45 ? 27  TYR A OH  1 
ATOM   200  N N   . LYS A 1 28 ? -15.344 -1.298  3.939   1.00   22.34 ? 28  LYS A N   1 
ATOM   201  C CA  . LYS A 1 28 ? -15.359 -0.113  3.101   1.00   24.39 ? 28  LYS A CA  1 
ATOM   202  C C   . LYS A 1 28 ? -15.290 1.209   3.859   1.00   23.12 ? 28  LYS A C   1 
ATOM   203  O O   . LYS A 1 28 ? -15.575 1.279   5.054   1.00   24.03 ? 28  LYS A O   1 
ATOM   204  C CB  . LYS A 1 28 ? -16.609 -0.123  2.218   1.00   34.75 ? 28  LYS A CB  1 
ATOM   205  C CG  . LYS A 1 28 ? -16.575 -1.182  1.129   1.00   40.41 ? 28  LYS A CG  1 
ATOM   206  C CD  . LYS A 1 28 ? -17.904 -1.300  0.414   1.00   44.55 ? 28  LYS A CD  1 
ATOM   207  C CE  . LYS A 1 28 ? -17.764 -2.159  -0.836  1.00   47.61 ? 28  LYS A CE  1 
ATOM   208  N NZ  . LYS A 1 28 ? -17.046 -3.437  -0.566  1.00   50.28 ? 28  LYS A NZ  1 
ATOM   209  N N   . LEU A 1 29 ? -14.885 2.244   3.128   1.00   26.25 ? 29  LEU A N   1 
ATOM   210  C CA  . LEU A 1 29 ? -14.790 3.615   3.618   1.00   25.87 ? 29  LEU A CA  1 
ATOM   211  C C   . LEU A 1 29 ? -15.328 4.435   2.453   1.00   26.44 ? 29  LEU A C   1 
ATOM   212  O O   . LEU A 1 29 ? -15.342 3.954   1.320   1.00   28.96 ? 29  LEU A O   1 
ATOM   213  C CB  . LEU A 1 29 ? -13.332 4.028   3.846   1.00   27.46 ? 29  LEU A CB  1 
ATOM   214  C CG  . LEU A 1 29 ? -12.482 3.349   4.918   1.00   26.98 ? 29  LEU A CG  1 
ATOM   215  C CD1 . LEU A 1 29 ? -11.024 3.765   4.745   1.00   31.03 ? 29  LEU A CD1 1 
ATOM   216  C CD2 . LEU A 1 29 ? -12.989 3.735   6.293   1.00   28.62 ? 29  LEU A CD2 1 
ATOM   217  N N   . CYS A 1 30 ? -15.795 5.650   2.710   1.00   23.14 ? 30  CYS A N   1 
ATOM   218  C CA  . CYS A 1 30 ? -16.241 6.493   1.610   1.00   22.71 ? 30  CYS A CA  1 
ATOM   219  C C   . CYS A 1 30 ? -15.043 7.420   1.410   1.00   22.65 ? 30  CYS A C   1 
ATOM   220  O O   . CYS A 1 30 ? -14.210 7.544   2.308   1.00   22.01 ? 30  CYS A O   1 
ATOM   221  C CB  . CYS A 1 30 ? -17.510 7.277   1.972   1.00   27.31 ? 30  CYS A CB  1 
ATOM   222  S SG  . CYS A 1 30 ? -17.352 8.474   3.294   1.00   31.13 ? 30  CYS A SG  1 
ATOM   223  N N   . GLN A 1 31 ? -14.929 8.048   0.245   1.00   24.96 ? 31  GLN A N   1 
ATOM   224  C CA  . GLN A 1 31 ? -13.778 8.910   -0.003  1.00   25.38 ? 31  GLN A CA  1 
ATOM   225  C C   . GLN A 1 31 ? -13.662 10.072  0.978   1.00   25.69 ? 31  GLN A C   1 
ATOM   226  O O   . GLN A 1 31 ? -12.570 10.607  1.185   1.00   25.19 ? 31  GLN A O   1 
ATOM   227  C CB  . GLN A 1 31 ? -13.787 9.401   -1.458  1.00   31.03 ? 31  GLN A CB  1 
ATOM   228  C CG  . GLN A 1 31 ? -13.692 8.247   -2.460  1.00   32.68 ? 31  GLN A CG  1 
ATOM   229  C CD  . GLN A 1 31 ? -13.385 8.692   -3.879  1.00   33.14 ? 31  GLN A CD  1 
ATOM   230  O OE1 . GLN A 1 31 ? -13.497 7.907   -4.824  1.00   35.82 ? 31  GLN A OE1 1 
ATOM   231  N NE2 . GLN A 1 31 ? -12.980 9.944   -4.038  1.00   31.91 ? 31  GLN A NE2 1 
ATOM   232  N N   . ALA A 1 32 ? -14.778 10.459  1.590   1.00   25.55 ? 32  ALA A N   1 
ATOM   233  C CA  . ALA A 1 32 ? -14.759 11.534  2.570   1.00   25.79 ? 32  ALA A CA  1 
ATOM   234  C C   . ALA A 1 32 ? -13.949 11.058  3.781   1.00   26.68 ? 32  ALA A C   1 
ATOM   235  O O   . ALA A 1 32 ? -13.115 11.795  4.309   1.00   27.63 ? 32  ALA A O   1 
ATOM   236  C CB  . ALA A 1 32 ? -16.181 11.890  2.993   1.00   33.79 ? 32  ALA A CB  1 
ATOM   237  N N   . GLU A 1 33 ? -14.200 9.823   4.209   1.00   24.92 ? 33  GLU A N   1 
ATOM   238  C CA  . GLU A 1 33 ? -13.491 9.244   5.350   1.00   25.12 ? 33  GLU A CA  1 
ATOM   239  C C   . GLU A 1 33 ? -12.037 8.968   4.973   1.00   22.51 ? 33  GLU A C   1 
ATOM   240  O O   . GLU A 1 33 ? -11.149 8.995   5.826   1.00   23.32 ? 33  GLU A O   1 
ATOM   241  C CB  . GLU A 1 33 ? -14.146 7.931   5.795   1.00   27.52 ? 33  GLU A CB  1 
ATOM   242  C CG  . GLU A 1 33 ? -15.537 8.063   6.392   1.00   31.80 ? 33  GLU A CG  1 
ATOM   243  C CD  . GLU A 1 33 ? -16.157 6.714   6.724   1.00   32.45 ? 33  GLU A CD  1 
ATOM   244  O OE1 . GLU A 1 33 ? -16.227 5.856   5.817   1.00   32.24 ? 33  GLU A OE1 1 
ATOM   245  O OE2 . GLU A 1 33 ? -16.576 6.508   7.887   1.00   34.43 ? 33  GLU A OE2 1 
ATOM   246  N N   . LEU A 1 34 ? -11.797 8.685   3.697   1.00   21.81 ? 34  LEU A N   1 
ATOM   247  C CA  . LEU A 1 34 ? -10.438 8.417   3.238   1.00   22.91 ? 34  LEU A CA  1 
ATOM   248  C C   . LEU A 1 34 ? -9.633  9.704   3.360   1.00   21.96 ? 34  LEU A C   1 
ATOM   249  O O   . LEU A 1 34 ? -8.491  9.696   3.824   1.00   21.06 ? 34  LEU A O   1 
ATOM   250  C CB  . LEU A 1 34 ? -10.436 7.937   1.779   1.00   24.16 ? 34  LEU A CB  1 
ATOM   251  C CG  . LEU A 1 34 ? -9.063  7.666   1.149   1.00   23.41 ? 34  LEU A CG  1 
ATOM   252  C CD1 . LEU A 1 34 ? -8.307  6.631   1.978   1.00   23.81 ? 34  LEU A CD1 1 
ATOM   253  C CD2 . LEU A 1 34 ? -9.238  7.166   -0.273  1.00   22.15 ? 34  LEU A CD2 1 
ATOM   254  N N   . LYS A 1 35 ? -10.235 10.814  2.950   1.00   23.60 ? 35  LYS A N   1 
ATOM   255  C CA  . LYS A 1 35 ? -9.557  12.100  3.021   1.00   24.89 ? 35  LYS A CA  1 
ATOM   256  C C   . LYS A 1 35 ? -9.307  12.445  4.486   1.00   24.76 ? 35  LYS A C   1 
ATOM   257  O O   . LYS A 1 35 ? -8.255  12.974  4.832   1.00   26.87 ? 35  LYS A O   1 
ATOM   258  C CB  . LYS A 1 35 ? -10.405 13.188  2.355   1.00   30.21 ? 35  LYS A CB  1 
ATOM   259  C CG  . LYS A 1 35 ? -9.745  14.565  2.308   1.00   32.53 ? 35  LYS A CG  1 
ATOM   260  C CD  . LYS A 1 35 ? -10.737 15.613  1.823   1.00   38.49 ? 35  LYS A CD  1 
ATOM   261  C CE  . LYS A 1 35 ? -10.173 17.030  1.903   1.00   40.09 ? 35  LYS A CE  1 
ATOM   262  N NZ  . LYS A 1 35 ? -9.186  17.305  0.828   1.00   40.59 ? 35  LYS A NZ  1 
ATOM   263  N N   . GLU A 1 36 ? -10.274 12.133  5.341   1.00   24.79 ? 36  GLU A N   1 
ATOM   264  C CA  . GLU A 1 36 ? -10.153 12.400  6.773   1.00   26.29 ? 36  GLU A CA  1 
ATOM   265  C C   . GLU A 1 36 ? -8.973  11.617  7.329   1.00   24.58 ? 36  GLU A C   1 
ATOM   266  O O   . GLU A 1 36 ? -8.138  12.150  8.060   1.00   23.50 ? 36  GLU A O   1 
ATOM   267  C CB  . GLU A 1 36 ? -11.420 11.966  7.510   1.00   27.49 ? 36  GLU A CB  1 
ATOM   268  C CG  . GLU A 1 36 ? -11.379 12.216  9.013   1.00   30.55 ? 36  GLU A CG  1 
ATOM   269  C CD  . GLU A 1 36 ? -12.434 11.430  9.768   1.00   32.72 ? 36  GLU A CD  1 
ATOM   270  O OE1 . GLU A 1 36 ? -13.461 11.072  9.154   1.00   34.16 ? 36  GLU A OE1 1 
ATOM   271  O OE2 . GLU A 1 36 ? -12.244 11.178  10.975  1.00   33.36 ? 36  GLU A OE2 1 
ATOM   272  N N   . LEU A 1 37 ? -8.921  10.337  6.977   1.00   23.99 ? 37  LEU A N   1 
ATOM   273  C CA  . LEU A 1 37 ? -7.854  9.453   7.430   1.00   22.88 ? 37  LEU A CA  1 
ATOM   274  C C   . LEU A 1 37 ? -6.489  9.984   6.991   1.00   23.57 ? 37  LEU A C   1 
ATOM   275  O O   . LEU A 1 37 ? -5.568  10.083  7.803   1.00   24.25 ? 37  LEU A O   1 
ATOM   276  C CB  . LEU A 1 37 ? -8.091  8.039   6.877   1.00   21.01 ? 37  LEU A CB  1 
ATOM   277  C CG  . LEU A 1 37 ? -7.177  6.878   7.291   1.00   21.83 ? 37  LEU A CG  1 
ATOM   278  C CD1 . LEU A 1 37 ? -7.849  5.551   6.963   1.00   20.69 ? 37  LEU A CD1 1 
ATOM   279  C CD2 . LEU A 1 37 ? -5.838  6.985   6.574   1.00   19.80 ? 37  LEU A CD2 1 
ATOM   280  N N   . LEU A 1 38 ? -6.366  10.342  5.715   1.00   20.49 ? 38  LEU A N   1 
ATOM   281  C CA  . LEU A 1 38 ? -5.102  10.841  5.183   1.00   22.63 ? 38  LEU A CA  1 
ATOM   282  C C   . LEU A 1 38 ? -4.640  12.148  5.817   1.00   25.04 ? 38  LEU A C   1 
ATOM   283  O O   . LEU A 1 38 ? -3.448  12.327  6.088   1.00   25.47 ? 38  LEU A O   1 
ATOM   284  C CB  . LEU A 1 38 ? -5.196  11.014  3.664   1.00   24.71 ? 38  LEU A CB  1 
ATOM   285  C CG  . LEU A 1 38 ? -5.479  9.749   2.849   1.00   24.92 ? 38  LEU A CG  1 
ATOM   286  C CD1 . LEU A 1 38 ? -5.636  10.111  1.374   1.00   25.49 ? 38  LEU A CD1 1 
ATOM   287  C CD2 . LEU A 1 38 ? -4.341  8.743   3.047   1.00   24.70 ? 38  LEU A CD2 1 
ATOM   288  N N   . GLN A 1 39 ? -5.570  13.068  6.050   1.00   27.02 ? 39  GLN A N   1 
ATOM   289  C CA  . GLN A 1 39 ? -5.204  14.348  6.650   1.00   30.25 ? 39  GLN A CA  1 
ATOM   290  C C   . GLN A 1 39 ? -4.893  14.234  8.142   1.00   29.84 ? 39  GLN A C   1 
ATOM   291  O O   . GLN A 1 39 ? -4.108  15.017  8.677   1.00   30.99 ? 39  GLN A O   1 
ATOM   292  C CB  . GLN A 1 39 ? -6.312  15.378  6.420   1.00   35.34 ? 39  GLN A CB  1 
ATOM   293  C CG  . GLN A 1 39 ? -6.545  15.695  4.948   1.00   39.89 ? 39  GLN A CG  1 
ATOM   294  C CD  . GLN A 1 39 ? -7.439  16.903  4.737   1.00   43.06 ? 39  GLN A CD  1 
ATOM   295  O OE1 . GLN A 1 39 ? -8.567  16.951  5.229   1.00   43.95 ? 39  GLN A OE1 1 
ATOM   296  N NE2 . GLN A 1 39 ? -6.936  17.887  3.997   1.00   44.40 ? 39  GLN A NE2 1 
ATOM   297  N N   . LYS A 1 40 ? -5.496  13.259  8.814   1.00   29.64 ? 40  LYS A N   1 
ATOM   298  C CA  . LYS A 1 40 ? -5.258  13.074  10.240  1.00   30.52 ? 40  LYS A CA  1 
ATOM   299  C C   . LYS A 1 40 ? -4.107  12.112  10.534  1.00   29.68 ? 40  LYS A C   1 
ATOM   300  O O   . LYS A 1 40 ? -3.283  12.373  11.408  1.00   30.52 ? 40  LYS A O   1 
ATOM   301  C CB  . LYS A 1 40 ? -6.527  12.568  10.930  1.00   39.06 ? 40  LYS A CB  1 
ATOM   302  C CG  . LYS A 1 40 ? -6.336  12.242  12.402  1.00   42.79 ? 40  LYS A CG  1 
ATOM   303  C CD  . LYS A 1 40 ? -7.624  11.778  13.067  1.00   45.92 ? 40  LYS A CD  1 
ATOM   304  C CE  . LYS A 1 40 ? -8.620  12.919  13.236  1.00   48.55 ? 40  LYS A CE  1 
ATOM   305  N NZ  . LYS A 1 40 ? -9.091  13.481  11.939  1.00   50.57 ? 40  LYS A NZ  1 
ATOM   306  N N   . GLU A 1 41 ? -4.053  11.002  9.806   1.00   23.35 ? 41  GLU A N   1 
ATOM   307  C CA  . GLU A 1 41 ? -3.005  10.003  10.019  1.00   22.94 ? 41  GLU A CA  1 
ATOM   308  C C   . GLU A 1 41 ? -1.672  10.342  9.355   1.00   21.74 ? 41  GLU A C   1 
ATOM   309  O O   . GLU A 1 41 ? -0.626  9.872   9.793   1.00   22.75 ? 41  GLU A O   1 
ATOM   310  C CB  . GLU A 1 41 ? -3.481  8.635   9.533   1.00   24.32 ? 41  GLU A CB  1 
ATOM   311  C CG  . GLU A 1 41 ? -4.769  8.149   10.187  1.00   25.41 ? 41  GLU A CG  1 
ATOM   312  C CD  . GLU A 1 41 ? -4.714  8.197   11.700  1.00   26.94 ? 41  GLU A CD  1 
ATOM   313  O OE1 . GLU A 1 41 ? -3.663  7.837   12.279  1.00   30.01 ? 41  GLU A OE1 1 
ATOM   314  O OE2 . GLU A 1 41 ? -5.727  8.583   12.315  1.00   29.36 ? 41  GLU A OE2 1 
ATOM   315  N N   . LEU A 1 42 ? -1.710  11.141  8.294   1.00   20.80 ? 42  LEU A N   1 
ATOM   316  C CA  . LEU A 1 42 ? -0.490  11.546  7.588   1.00   20.55 ? 42  LEU A CA  1 
ATOM   317  C C   . LEU A 1 42 ? -0.452  13.074  7.530   1.00   19.40 ? 42  LEU A C   1 
ATOM   318  O O   . LEU A 1 42 ? -0.083  13.661  6.510   1.00   20.55 ? 42  LEU A O   1 
ATOM   319  C CB  . LEU A 1 42 ? -0.477  10.983  6.162   1.00   22.72 ? 42  LEU A CB  1 
ATOM   320  C CG  . LEU A 1 42 ? -0.460  9.463   5.959   1.00   25.45 ? 42  LEU A CG  1 
ATOM   321  C CD1 . LEU A 1 42 ? -0.476  9.167   4.467   1.00   25.46 ? 42  LEU A CD1 1 
ATOM   322  C CD2 . LEU A 1 42 ? 0.777   8.854   6.602   1.00   23.94 ? 42  LEU A CD2 1 
ATOM   323  N N   . ALA A 1 43 ? -0.833  13.703  8.637   1.00   20.86 ? 43  ALA A N   1 
ATOM   324  C CA  . ALA A 1 43 ? -0.903  15.159  8.739   1.00   23.21 ? 43  ALA A CA  1 
ATOM   325  C C   . ALA A 1 43 ? 0.345   15.942  8.335   1.00   22.96 ? 43  ALA A C   1 
ATOM   326  O O   . ALA A 1 43 ? 0.235   17.030  7.768   1.00   24.04 ? 43  ALA A O   1 
ATOM   327  C CB  . ALA A 1 43 ? -1.311  15.553  10.154  1.00   21.90 ? 43  ALA A CB  1 
ATOM   328  N N   . THR A 1 44 ? 1.525   15.406  8.625   1.00   21.48 ? 44  THR A N   1 
ATOM   329  C CA  . THR A 1 44 ? 2.756   16.117  8.289   1.00   21.19 ? 44  THR A CA  1 
ATOM   330  C C   . THR A 1 44 ? 3.283   15.873  6.876   1.00   20.83 ? 44  THR A C   1 
ATOM   331  O O   . THR A 1 44 ? 4.286   16.465  6.480   1.00   19.90 ? 44  THR A O   1 
ATOM   332  C CB  . THR A 1 44 ? 3.875   15.778  9.284   1.00   19.22 ? 44  THR A CB  1 
ATOM   333  O OG1 . THR A 1 44 ? 4.194   14.388  9.179   1.00   21.83 ? 44  THR A OG1 1 
ATOM   334  C CG2 . THR A 1 44 ? 3.431   16.083  10.708  1.00   20.59 ? 44  THR A CG2 1 
ATOM   335  N N   . TRP A 1 45 ? 2.624   15.000  6.121   1.00   21.31 ? 45  TRP A N   1 
ATOM   336  C CA  . TRP A 1 45 ? 3.047   14.708  4.751   1.00   20.73 ? 45  TRP A CA  1 
ATOM   337  C C   . TRP A 1 45 ? 2.596   15.810  3.793   1.00   23.49 ? 45  TRP A C   1 
ATOM   338  O O   . TRP A 1 45 ? 1.410   16.130  3.718   1.00   25.80 ? 45  TRP A O   1 
ATOM   339  C CB  . TRP A 1 45 ? 2.485   13.349  4.310   1.00   21.72 ? 45  TRP A CB  1 
ATOM   340  C CG  . TRP A 1 45 ? 3.259   12.198  4.877   1.00   19.92 ? 45  TRP A CG  1 
ATOM   341  C CD1 . TRP A 1 45 ? 3.705   12.066  6.159   1.00   21.88 ? 45  TRP A CD1 1 
ATOM   342  C CD2 . TRP A 1 45 ? 3.727   11.040  4.168   1.00   21.11 ? 45  TRP A CD2 1 
ATOM   343  N NE1 . TRP A 1 45 ? 4.429   10.900  6.294   1.00   20.03 ? 45  TRP A NE1 1 
ATOM   344  C CE2 . TRP A 1 45 ? 4.457   10.252  5.088   1.00   21.44 ? 45  TRP A CE2 1 
ATOM   345  C CE3 . TRP A 1 45 ? 3.600   10.592  2.846   1.00   21.53 ? 45  TRP A CE3 1 
ATOM   346  C CZ2 . TRP A 1 45 ? 5.062   9.039   4.726   1.00   22.34 ? 45  TRP A CZ2 1 
ATOM   347  C CZ3 . TRP A 1 45 ? 4.205   9.385   2.487   1.00   23.14 ? 45  TRP A CZ3 1 
ATOM   348  C CH2 . TRP A 1 45 ? 4.924   8.626   3.425   1.00   22.37 ? 45  TRP A CH2 1 
ATOM   349  N N   . THR A 1 46 ? 3.554   16.392  3.075   1.00   21.51 ? 46  THR A N   1 
ATOM   350  C CA  . THR A 1 46 ? 3.286   17.478  2.132   1.00   22.57 ? 46  THR A CA  1 
ATOM   351  C C   . THR A 1 46 ? 3.931   17.197  0.775   1.00   21.77 ? 46  THR A C   1 
ATOM   352  O O   . THR A 1 46 ? 4.966   16.538  0.693   1.00   20.72 ? 46  THR A O   1 
ATOM   353  C CB  . THR A 1 46 ? 3.822   18.825  2.678   1.00   25.60 ? 46  THR A CB  1 
ATOM   354  O OG1 . THR A 1 46 ? 5.222   18.710  2.962   1.00   26.72 ? 46  THR A OG1 1 
ATOM   355  C CG2 . THR A 1 46 ? 3.090   19.209  3.956   1.00   28.62 ? 46  THR A CG2 1 
ATOM   356  N N   . PRO A 1 47 ? 3.335   17.713  -0.308  1.00   19.56 ? 47  PRO A N   1 
ATOM   357  C CA  . PRO A 1 47 ? 3.882   17.481  -1.646  1.00   21.12 ? 47  PRO A CA  1 
ATOM   358  C C   . PRO A 1 47 ? 5.303   17.978  -1.874  1.00   22.11 ? 47  PRO A C   1 
ATOM   359  O O   . PRO A 1 47 ? 5.722   18.993  -1.317  1.00   22.09 ? 47  PRO A O   1 
ATOM   360  C CB  . PRO A 1 47 ? 2.871   18.177  -2.558  1.00   23.48 ? 47  PRO A CB  1 
ATOM   361  C CG  . PRO A 1 47 ? 2.327   19.272  -1.698  1.00   24.23 ? 47  PRO A CG  1 
ATOM   362  C CD  . PRO A 1 47 ? 2.145   18.579  -0.370  1.00   23.77 ? 47  PRO A CD  1 
ATOM   363  N N   . THR A 1 48 ? 6.044   17.241  -2.694  1.00   23.26 ? 48  THR A N   1 
ATOM   364  C CA  . THR A 1 48 ? 7.401   17.637  -3.013  1.00   26.08 ? 48  THR A CA  1 
ATOM   365  C C   . THR A 1 48 ? 7.324   18.767  -4.038  1.00   28.31 ? 48  THR A C   1 
ATOM   366  O O   . THR A 1 48 ? 6.266   19.032  -4.613  1.00   26.56 ? 48  THR A O   1 
ATOM   367  C CB  . THR A 1 48 ? 8.221   16.448  -3.565  1.00   26.57 ? 48  THR A CB  1 
ATOM   368  O OG1 . THR A 1 48 ? 7.524   15.841  -4.658  1.00   24.94 ? 48  THR A OG1 1 
ATOM   369  C CG2 . THR A 1 48 ? 8.443   15.410  -2.465  1.00   24.61 ? 48  THR A CG2 1 
ATOM   370  N N   . GLU A 1 49 ? 8.451   19.432  -4.252  1.00   31.09 ? 49  GLU A N   1 
ATOM   371  C CA  . GLU A 1 49 ? 8.541   20.562  -5.162  1.00   33.91 ? 49  GLU A CA  1 
ATOM   372  C C   . GLU A 1 49 ? 7.748   20.527  -6.470  1.00   33.08 ? 49  GLU A C   1 
ATOM   373  O O   . GLU A 1 49 ? 7.076   21.501  -6.811  1.00   32.86 ? 49  GLU A O   1 
ATOM   374  C CB  . GLU A 1 49 ? 10.016  20.833  -5.471  1.00   52.08 ? 49  GLU A CB  1 
ATOM   375  C CG  . GLU A 1 49 ? 10.814  21.285  -4.257  1.00   57.40 ? 49  GLU A CG  1 
ATOM   376  C CD  . GLU A 1 49 ? 12.313  21.208  -4.479  1.00   59.88 ? 49  GLU A CD  1 
ATOM   377  O OE1 . GLU A 1 49 ? 12.797  21.794  -5.472  1.00   60.09 ? 49  GLU A OE1 1 
ATOM   378  O OE2 . GLU A 1 49 ? 13.004  20.560  -3.660  1.00   60.76 ? 49  GLU A OE2 1 
ATOM   379  N N   . PHE A 1 50 ? 7.808   19.424  -7.204  1.00   32.19 ? 50  PHE A N   1 
ATOM   380  C CA  . PHE A 1 50 ? 7.114   19.370  -8.484  1.00   32.92 ? 50  PHE A CA  1 
ATOM   381  C C   . PHE A 1 50 ? 5.875   18.485  -8.540  1.00   32.28 ? 50  PHE A C   1 
ATOM   382  O O   . PHE A 1 50 ? 5.470   18.039  -9.616  1.00   31.63 ? 50  PHE A O   1 
ATOM   383  C CB  . PHE A 1 50 ? 8.106   18.956  -9.573  1.00   50.36 ? 50  PHE A CB  1 
ATOM   384  C CG  . PHE A 1 50 ? 9.409   19.704  -9.508  1.00   53.49 ? 50  PHE A CG  1 
ATOM   385  C CD1 . PHE A 1 50 ? 10.381  19.352  -8.578  1.00   55.64 ? 50  PHE A CD1 1 
ATOM   386  C CD2 . PHE A 1 50 ? 9.646   20.789  -10.343 1.00   55.83 ? 50  PHE A CD2 1 
ATOM   387  C CE1 . PHE A 1 50 ? 11.569  20.071  -8.477  1.00   56.77 ? 50  PHE A CE1 1 
ATOM   388  C CE2 . PHE A 1 50 ? 10.832  21.516  -10.250 1.00   56.64 ? 50  PHE A CE2 1 
ATOM   389  C CZ  . PHE A 1 50 ? 11.795  21.155  -9.314  1.00   57.96 ? 50  PHE A CZ  1 
ATOM   390  N N   . ARG A 1 51 ? 5.265   18.248  -7.386  1.00   29.48 ? 51  ARG A N   1 
ATOM   391  C CA  . ARG A 1 51 ? 4.070   17.418  -7.322  1.00   29.93 ? 51  ARG A CA  1 
ATOM   392  C C   . ARG A 1 51 ? 2.909   18.111  -6.617  1.00   28.79 ? 51  ARG A C   1 
ATOM   393  O O   . ARG A 1 51 ? 1.930   17.464  -6.250  1.00   27.38 ? 51  ARG A O   1 
ATOM   394  C CB  . ARG A 1 51 ? 4.381   16.090  -6.617  1.00   33.40 ? 51  ARG A CB  1 
ATOM   395  C CG  . ARG A 1 51 ? 5.281   15.145  -7.411  1.00   34.55 ? 51  ARG A CG  1 
ATOM   396  C CD  . ARG A 1 51 ? 4.681   14.838  -8.779  1.00   37.52 ? 51  ARG A CD  1 
ATOM   397  N NE  . ARG A 1 51 ? 5.422   13.814  -9.511  1.00   38.72 ? 51  ARG A NE  1 
ATOM   398  C CZ  . ARG A 1 51 ? 5.145   13.449  -10.760 1.00   40.93 ? 51  ARG A CZ  1 
ATOM   399  N NH1 . ARG A 1 51 ? 4.148   14.027  -11.418 1.00   42.03 ? 51  ARG A NH1 1 
ATOM   400  N NH2 . ARG A 1 51 ? 5.858   12.497  -11.350 1.00   40.72 ? 51  ARG A NH2 1 
ATOM   401  N N   . GLU A 1 52 ? 3.009   19.424  -6.429  1.00   28.25 ? 52  GLU A N   1 
ATOM   402  C CA  . GLU A 1 52 ? 1.939   20.161  -5.761  1.00   30.10 ? 52  GLU A CA  1 
ATOM   403  C C   . GLU A 1 52 ? 0.624   20.069  -6.539  1.00   29.79 ? 52  GLU A C   1 
ATOM   404  O O   . GLU A 1 52 ? -0.427  19.804  -5.961  1.00   29.36 ? 52  GLU A O   1 
ATOM   405  C CB  . GLU A 1 52 ? 2.331   21.633  -5.581  1.00   42.92 ? 52  GLU A CB  1 
ATOM   406  C CG  . GLU A 1 52 ? 3.672   21.845  -4.893  1.00   47.01 ? 52  GLU A CG  1 
ATOM   407  C CD  . GLU A 1 52 ? 3.841   23.253  -4.352  1.00   48.78 ? 52  GLU A CD  1 
ATOM   408  O OE1 . GLU A 1 52 ? 3.351   24.204  -4.998  1.00   52.29 ? 52  GLU A OE1 1 
ATOM   409  O OE2 . GLU A 1 52 ? 4.469   23.410  -3.284  1.00   49.60 ? 52  GLU A OE2 1 
ATOM   410  N N   . CYS A 1 53 ? 0.691   20.281  -7.852  1.00   36.87 ? 53  CYS A N   1 
ATOM   411  C CA  . CYS A 1 53 ? -0.493  20.219  -8.710  1.00   37.78 ? 53  CYS A CA  1 
ATOM   412  C C   . CYS A 1 53 ? -1.151  18.846  -8.656  1.00   37.44 ? 53  CYS A C   1 
ATOM   413  O O   . CYS A 1 53 ? -2.372  18.737  -8.533  1.00   37.46 ? 53  CYS A O   1 
ATOM   414  C CB  . CYS A 1 53 ? -0.115  20.540  -10.156 1.00   53.69 ? 53  CYS A CB  1 
ATOM   415  S SG  . CYS A 1 53 ? 0.605   22.177  -10.387 1.00   61.63 ? 53  CYS A SG  1 
ATOM   416  N N   . ASP A 1 54 ? -0.336  17.802  -8.761  1.00   31.53 ? 54  ASP A N   1 
ATOM   417  C CA  . ASP A 1 54 ? -0.837  16.436  -8.712  1.00   31.23 ? 54  ASP A CA  1 
ATOM   418  C C   . ASP A 1 54 ? -1.526  16.217  -7.371  1.00   28.24 ? 54  ASP A C   1 
ATOM   419  O O   . ASP A 1 54 ? -2.645  15.716  -7.307  1.00   27.11 ? 54  ASP A O   1 
ATOM   420  C CB  . ASP A 1 54 ? 0.314   15.440  -8.876  1.00   44.17 ? 54  ASP A CB  1 
ATOM   421  C CG  . ASP A 1 54 ? 0.914   15.459  -10.270 1.00   48.50 ? 54  ASP A CG  1 
ATOM   422  O OD1 . ASP A 1 54 ? 1.411   16.520  -10.697 1.00   53.16 ? 54  ASP A OD1 1 
ATOM   423  O OD2 . ASP A 1 54 ? 0.894   14.408  -10.945 1.00   50.40 ? 54  ASP A OD2 1 
ATOM   424  N N   . TYR A 1 55 ? -0.840  16.610  -6.301  1.00   27.01 ? 55  TYR A N   1 
ATOM   425  C CA  . TYR A 1 55 ? -1.358  16.474  -4.946  1.00   25.96 ? 55  TYR A CA  1 
ATOM   426  C C   . TYR A 1 55 ? -2.682  17.219  -4.784  1.00   26.11 ? 55  TYR A C   1 
ATOM   427  O O   . TYR A 1 55 ? -3.653  16.662  -4.270  1.00   25.91 ? 55  TYR A O   1 
ATOM   428  C CB  . TYR A 1 55 ? -0.338  17.028  -3.950  1.00   25.90 ? 55  TYR A CB  1 
ATOM   429  C CG  . TYR A 1 55 ? -0.783  17.005  -2.508  1.00   23.86 ? 55  TYR A CG  1 
ATOM   430  C CD1 . TYR A 1 55 ? -0.631  15.861  -1.728  1.00   23.34 ? 55  TYR A CD1 1 
ATOM   431  C CD2 . TYR A 1 55 ? -1.322  18.145  -1.909  1.00   25.07 ? 55  TYR A CD2 1 
ATOM   432  C CE1 . TYR A 1 55 ? -0.995  15.851  -0.383  1.00   22.90 ? 55  TYR A CE1 1 
ATOM   433  C CE2 . TYR A 1 55 ? -1.692  18.146  -0.567  1.00   25.47 ? 55  TYR A CE2 1 
ATOM   434  C CZ  . TYR A 1 55 ? -1.522  16.998  0.192   1.00   23.70 ? 55  TYR A CZ  1 
ATOM   435  O OH  . TYR A 1 55 ? -1.850  17.003  1.526   1.00   24.95 ? 55  TYR A OH  1 
ATOM   436  N N   . ASN A 1 56 ? -2.717  18.477  -5.214  1.00   28.72 ? 56  ASN A N   1 
ATOM   437  C CA  . ASN A 1 56 ? -3.941  19.268  -5.105  1.00   30.52 ? 56  ASN A CA  1 
ATOM   438  C C   . ASN A 1 56 ? -5.101  18.599  -5.830  1.00   29.95 ? 56  ASN A C   1 
ATOM   439  O O   . ASN A 1 56 ? -6.206  18.527  -5.300  1.00   32.01 ? 56  ASN A O   1 
ATOM   440  C CB  . ASN A 1 56 ? -3.735  20.679  -5.664  1.00   31.29 ? 56  ASN A CB  1 
ATOM   441  C CG  . ASN A 1 56 ? -2.714  21.472  -4.878  1.00   33.26 ? 56  ASN A CG  1 
ATOM   442  O OD1 . ASN A 1 56 ? -2.585  21.305  -3.666  1.00   33.54 ? 56  ASN A OD1 1 
ATOM   443  N ND2 . ASN A 1 56 ? -1.993  22.356  -5.562  1.00   34.16 ? 56  ASN A ND2 1 
ATOM   444  N N   . LYS A 1 57 ? -4.854  18.115  -7.041  1.00   30.52 ? 57  LYS A N   1 
ATOM   445  C CA  . LYS A 1 57 ? -5.900  17.447  -7.804  1.00   31.28 ? 57  LYS A CA  1 
ATOM   446  C C   . LYS A 1 57 ? -6.372  16.218  -7.039  1.00   30.62 ? 57  LYS A C   1 
ATOM   447  O O   . LYS A 1 57 ? -7.574  15.999  -6.883  1.00   29.82 ? 57  LYS A O   1 
ATOM   448  C CB  . LYS A 1 57 ? -5.385  17.037  -9.188  1.00   49.05 ? 57  LYS A CB  1 
ATOM   449  C CG  . LYS A 1 57 ? -5.105  18.213  -10.115 1.00   55.13 ? 57  LYS A CG  1 
ATOM   450  C CD  . LYS A 1 57 ? -4.597  17.752  -11.476 1.00   59.00 ? 57  LYS A CD  1 
ATOM   451  C CE  . LYS A 1 57 ? -4.283  18.939  -12.375 1.00   61.05 ? 57  LYS A CE  1 
ATOM   452  N NZ  . LYS A 1 57 ? -3.722  18.516  -13.692 1.00   63.41 ? 57  LYS A NZ  1 
ATOM   453  N N   . PHE A 1 58 ? -5.420  15.424  -6.557  1.00   25.74 ? 58  PHE A N   1 
ATOM   454  C CA  . PHE A 1 58 ? -5.744  14.216  -5.804  1.00   25.62 ? 58  PHE A CA  1 
ATOM   455  C C   . PHE A 1 58 ? -6.678  14.522  -4.643  1.00   25.72 ? 58  PHE A C   1 
ATOM   456  O O   . PHE A 1 58 ? -7.676  13.832  -4.436  1.00   23.56 ? 58  PHE A O   1 
ATOM   457  C CB  . PHE A 1 58 ? -4.471  13.576  -5.254  1.00   33.58 ? 58  PHE A CB  1 
ATOM   458  C CG  . PHE A 1 58 ? -4.722  12.342  -4.437  1.00   34.62 ? 58  PHE A CG  1 
ATOM   459  C CD1 . PHE A 1 58 ? -5.051  11.140  -5.054  1.00   37.51 ? 58  PHE A CD1 1 
ATOM   460  C CD2 . PHE A 1 58 ? -4.645  12.383  -3.050  1.00   36.16 ? 58  PHE A CD2 1 
ATOM   461  C CE1 . PHE A 1 58 ? -5.300  9.994   -4.299  1.00   38.79 ? 58  PHE A CE1 1 
ATOM   462  C CE2 . PHE A 1 58 ? -4.894  11.245  -2.286  1.00   37.49 ? 58  PHE A CE2 1 
ATOM   463  C CZ  . PHE A 1 58 ? -5.222  10.049  -2.912  1.00   38.50 ? 58  PHE A CZ  1 
ATOM   464  N N   . MET A 1 59 ? -6.345  15.560  -3.883  1.00   28.25 ? 59  MET A N   1 
ATOM   465  C CA  . MET A 1 59 ? -7.154  15.950  -2.736  1.00   30.90 ? 59  MET A CA  1 
ATOM   466  C C   . MET A 1 59 ? -8.504  16.522  -3.142  1.00   32.22 ? 59  MET A C   1 
ATOM   467  O O   . MET A 1 59 ? -9.506  16.312  -2.454  1.00   33.48 ? 59  MET A O   1 
ATOM   468  C CB  . MET A 1 59 ? -6.394  16.966  -1.882  1.00   32.71 ? 59  MET A CB  1 
ATOM   469  C CG  . MET A 1 59 ? -5.197  16.371  -1.168  1.00   33.07 ? 59  MET A CG  1 
ATOM   470  S SD  . MET A 1 59 ? -5.700  15.041  -0.053  1.00   36.30 ? 59  MET A SD  1 
ATOM   471  C CE  . MET A 1 59 ? -5.812  15.935  1.494   1.00   38.74 ? 59  MET A CE  1 
ATOM   472  N N   . SER A 1 60 ? -8.532  17.241  -4.259  1.00   34.36 ? 60  SER A N   1 
ATOM   473  C CA  . SER A 1 60 ? -9.773  17.832  -4.749  1.00   35.93 ? 60  SER A CA  1 
ATOM   474  C C   . SER A 1 60 ? -10.715 16.754  -5.262  1.00   35.25 ? 60  SER A C   1 
ATOM   475  O O   . SER A 1 60 ? -11.932 16.853  -5.098  1.00   36.05 ? 60  SER A O   1 
ATOM   476  C CB  . SER A 1 60 ? -9.484  18.833  -5.867  1.00   41.87 ? 60  SER A CB  1 
ATOM   477  O OG  . SER A 1 60 ? -8.739  19.934  -5.374  1.00   46.32 ? 60  SER A OG  1 
ATOM   478  N N   . VAL A 1 61 ? -10.146 15.725  -5.884  1.00   32.14 ? 61  VAL A N   1 
ATOM   479  C CA  . VAL A 1 61 ? -10.934 14.619  -6.419  1.00   31.18 ? 61  VAL A CA  1 
ATOM   480  C C   . VAL A 1 61 ? -11.667 13.878  -5.308  1.00   30.04 ? 61  VAL A C   1 
ATOM   481  O O   . VAL A 1 61 ? -12.808 13.450  -5.483  1.00   29.36 ? 61  VAL A O   1 
ATOM   482  C CB  . VAL A 1 61 ? -10.049 13.602  -7.180  1.00   34.24 ? 61  VAL A CB  1 
ATOM   483  C CG1 . VAL A 1 61 ? -10.883 12.387  -7.585  1.00   34.14 ? 61  VAL A CG1 1 
ATOM   484  C CG2 . VAL A 1 61 ? -9.446  14.252  -8.414  1.00   33.05 ? 61  VAL A CG2 1 
ATOM   485  N N   . LEU A 1 62 ? -11.009 13.715  -4.165  1.00   28.48 ? 62  LEU A N   1 
ATOM   486  C CA  . LEU A 1 62 ? -11.632 13.021  -3.045  1.00   30.66 ? 62  LEU A CA  1 
ATOM   487  C C   . LEU A 1 62 ? -12.888 13.755  -2.582  1.00   31.25 ? 62  LEU A C   1 
ATOM   488  O O   . LEU A 1 62 ? -13.867 13.130  -2.174  1.00   31.62 ? 62  LEU A O   1 
ATOM   489  C CB  . LEU A 1 62 ? -10.636 12.872  -1.891  1.00   32.52 ? 62  LEU A CB  1 
ATOM   490  C CG  . LEU A 1 62 ? -9.481  11.899  -2.165  1.00   32.83 ? 62  LEU A CG  1 
ATOM   491  C CD1 . LEU A 1 62 ? -8.521  11.878  -0.988  1.00   32.46 ? 62  LEU A CD1 1 
ATOM   492  C CD2 . LEU A 1 62 ? -10.038 10.503  -2.422  1.00   32.88 ? 62  LEU A CD2 1 
ATOM   493  N N   . ASP A 1 63 ? -12.862 15.081  -2.659  1.00   39.08 ? 63  ASP A N   1 
ATOM   494  C CA  . ASP A 1 63 ? -14.008 15.893  -2.256  1.00   40.81 ? 63  ASP A CA  1 
ATOM   495  C C   . ASP A 1 63 ? -15.129 15.766  -3.276  1.00   40.92 ? 63  ASP A C   1 
ATOM   496  O O   . ASP A 1 63 ? -16.295 15.597  -2.923  1.00   42.05 ? 63  ASP A O   1 
ATOM   497  C CB  . ASP A 1 63 ? -13.611 17.364  -2.139  1.00   47.51 ? 63  ASP A CB  1 
ATOM   498  C CG  . ASP A 1 63 ? -12.552 17.599  -1.087  1.00   49.77 ? 63  ASP A CG  1 
ATOM   499  O OD1 . ASP A 1 63 ? -12.729 17.112  0.049   1.00   52.31 ? 63  ASP A OD1 1 
ATOM   500  O OD2 . ASP A 1 63 ? -11.549 18.277  -1.393  1.00   53.41 ? 63  ASP A OD2 1 
ATOM   501  N N   . THR A 1 64 ? -14.764 15.859  -4.548  1.00   36.48 ? 64  THR A N   1 
ATOM   502  C CA  . THR A 1 64 ? -15.730 15.757  -5.632  1.00   34.75 ? 64  THR A CA  1 
ATOM   503  C C   . THR A 1 64 ? -16.460 14.421  -5.579  1.00   33.80 ? 64  THR A C   1 
ATOM   504  O O   . THR A 1 64 ? -17.624 14.320  -5.973  1.00   31.92 ? 64  THR A O   1 
ATOM   505  C CB  . THR A 1 64 ? -15.032 15.897  -7.001  1.00   35.71 ? 64  THR A CB  1 
ATOM   506  O OG1 . THR A 1 64 ? -14.351 17.155  -7.059  1.00   36.57 ? 64  THR A OG1 1 
ATOM   507  C CG2 . THR A 1 64 ? -16.049 15.825  -8.135  1.00   37.13 ? 64  THR A CG2 1 
ATOM   508  N N   . ASN A 1 65 ? -15.776 13.395  -5.082  1.00   29.29 ? 65  ASN A N   1 
ATOM   509  C CA  . ASN A 1 65 ? -16.361 12.064  -4.990  1.00   28.89 ? 65  ASN A CA  1 
ATOM   510  C C   . ASN A 1 65 ? -16.467 11.576  -3.542  1.00   28.05 ? 65  ASN A C   1 
ATOM   511  O O   . ASN A 1 65 ? -16.277 10.391  -3.271  1.00   26.86 ? 65  ASN A O   1 
ATOM   512  C CB  . ASN A 1 65 ? -15.523 11.069  -5.805  1.00   36.29 ? 65  ASN A CB  1 
ATOM   513  C CG  . ASN A 1 65 ? -15.371 11.481  -7.263  1.00   38.41 ? 65  ASN A CG  1 
ATOM   514  O OD1 . ASN A 1 65 ? -14.680 12.451  -7.581  1.00   38.07 ? 65  ASN A OD1 1 
ATOM   515  N ND2 . ASN A 1 65 ? -16.021 10.743  -8.156  1.00   39.74 ? 65  ASN A ND2 1 
ATOM   516  N N   . LYS A 1 66 ? -16.794 12.488  -2.627  1.00   30.14 ? 66  LYS A N   1 
ATOM   517  C CA  . LYS A 1 66 ? -16.918 12.176  -1.195  1.00   31.44 ? 66  LYS A CA  1 
ATOM   518  C C   . LYS A 1 66 ? -17.734 10.939  -0.837  1.00   30.30 ? 66  LYS A C   1 
ATOM   519  O O   . LYS A 1 66 ? -17.376 10.195  0.079   1.00   30.84 ? 66  LYS A O   1 
ATOM   520  C CB  . LYS A 1 66 ? -17.543 13.352  -0.432  1.00   42.19 ? 66  LYS A CB  1 
ATOM   521  C CG  . LYS A 1 66 ? -16.673 14.583  -0.268  1.00   45.58 ? 66  LYS A CG  1 
ATOM   522  C CD  . LYS A 1 66 ? -17.383 15.615  0.602   1.00   47.15 ? 66  LYS A CD  1 
ATOM   523  C CE  . LYS A 1 66 ? -16.569 16.891  0.745   1.00   49.27 ? 66  LYS A CE  1 
ATOM   524  N NZ  . LYS A 1 66 ? -16.396 17.590  -0.558  1.00   52.48 ? 66  LYS A NZ  1 
ATOM   525  N N   . ASP A 1 67 ? -18.842 10.734  -1.541  1.00   26.04 ? 67  ASP A N   1 
ATOM   526  C CA  . ASP A 1 67 ? -19.724 9.612   -1.250  1.00   24.27 ? 67  ASP A CA  1 
ATOM   527  C C   . ASP A 1 67 ? -19.399 8.304   -1.937  1.00   24.81 ? 67  ASP A C   1 
ATOM   528  O O   . ASP A 1 67 ? -20.042 7.292   -1.672  1.00   24.57 ? 67  ASP A O   1 
ATOM   529  C CB  . ASP A 1 67 ? -21.169 10.008  -1.545  1.00   29.00 ? 67  ASP A CB  1 
ATOM   530  C CG  . ASP A 1 67 ? -21.678 11.066  -0.589  1.00   32.67 ? 67  ASP A CG  1 
ATOM   531  O OD1 . ASP A 1 67 ? -21.839 10.750  0.613   1.00   36.99 ? 67  ASP A OD1 1 
ATOM   532  O OD2 . ASP A 1 67 ? -21.904 12.208  -1.035  1.00   32.44 ? 67  ASP A OD2 1 
ATOM   533  N N   . CYS A 1 68 ? -18.418 8.315   -2.829  1.00   25.37 ? 68  CYS A N   1 
ATOM   534  C CA  . CYS A 1 68 ? -18.040 7.081   -3.491  1.00   26.27 ? 68  CYS A CA  1 
ATOM   535  C C   . CYS A 1 68 ? -17.326 6.250   -2.440  1.00   26.52 ? 68  CYS A C   1 
ATOM   536  O O   . CYS A 1 68 ? -16.756 6.793   -1.493  1.00   24.56 ? 68  CYS A O   1 
ATOM   537  C CB  . CYS A 1 68 ? -17.118 7.364   -4.673  1.00   27.93 ? 68  CYS A CB  1 
ATOM   538  S SG  . CYS A 1 68 ? -17.939 8.261   -6.005  1.00   29.38 ? 68  CYS A SG  1 
ATOM   539  N N   . GLU A 1 69 ? -17.371 4.935   -2.592  1.00   27.51 ? 69  GLU A N   1 
ATOM   540  C CA  . GLU A 1 69 ? -16.726 4.059   -1.628  1.00   29.49 ? 69  GLU A CA  1 
ATOM   541  C C   . GLU A 1 69 ? -15.431 3.479   -2.168  1.00   29.92 ? 69  GLU A C   1 
ATOM   542  O O   . GLU A 1 69 ? -15.229 3.400   -3.378  1.00   30.35 ? 69  GLU A O   1 
ATOM   543  C CB  . GLU A 1 69 ? -17.672 2.922   -1.239  1.00   37.39 ? 69  GLU A CB  1 
ATOM   544  C CG  . GLU A 1 69 ? -18.954 3.404   -0.580  1.00   41.13 ? 69  GLU A CG  1 
ATOM   545  C CD  . GLU A 1 69 ? -19.864 2.272   -0.153  1.00   41.98 ? 69  GLU A CD  1 
ATOM   546  O OE1 . GLU A 1 69 ? -20.297 1.493   -1.029  1.00   44.62 ? 69  GLU A OE1 1 
ATOM   547  O OE2 . GLU A 1 69 ? -20.143 2.163   1.059   1.00   44.79 ? 69  GLU A OE2 1 
ATOM   548  N N   . VAL A 1 70 ? -14.552 3.088   -1.255  1.00   28.96 ? 70  VAL A N   1 
ATOM   549  C CA  . VAL A 1 70 ? -13.286 2.482   -1.635  1.00   27.63 ? 70  VAL A CA  1 
ATOM   550  C C   . VAL A 1 70 ? -13.056 1.299   -0.716  1.00   24.40 ? 70  VAL A C   1 
ATOM   551  O O   . VAL A 1 70 ? -13.387 1.347   0.464   1.00   24.08 ? 70  VAL A O   1 
ATOM   552  C CB  . VAL A 1 70 ? -12.094 3.461   -1.488  1.00   38.74 ? 70  VAL A CB  1 
ATOM   553  C CG1 . VAL A 1 70 ? -12.314 4.682   -2.363  1.00   41.22 ? 70  VAL A CG1 1 
ATOM   554  C CG2 . VAL A 1 70 ? -11.918 3.860   -0.035  1.00   39.69 ? 70  VAL A CG2 1 
ATOM   555  N N   . ASP A 1 71 ? -12.521 0.218   -1.267  1.00   22.90 ? 71  ASP A N   1 
ATOM   556  C CA  . ASP A 1 71 ? -12.232 -0.950  -0.459  1.00   21.51 ? 71  ASP A CA  1 
ATOM   557  C C   . ASP A 1 71 ? -10.813 -0.786  0.055   1.00   19.81 ? 71  ASP A C   1 
ATOM   558  O O   . ASP A 1 71 ? -10.199 0.267   -0.116  1.00   18.94 ? 71  ASP A O   1 
ATOM   559  C CB  . ASP A 1 71 ? -12.354 -2.240  -1.281  1.00   24.73 ? 71  ASP A CB  1 
ATOM   560  C CG  . ASP A 1 71 ? -11.632 -2.161  -2.607  1.00   26.68 ? 71  ASP A CG  1 
ATOM   561  O OD1 . ASP A 1 71 ? -10.645 -1.400  -2.708  1.00   27.91 ? 71  ASP A OD1 1 
ATOM   562  O OD2 . ASP A 1 71 ? -12.048 -2.874  -3.548  1.00   28.51 ? 71  ASP A OD2 1 
ATOM   563  N N   . PHE A 1 72 ? -10.295 -1.832  0.680   1.00   19.21 ? 72  PHE A N   1 
ATOM   564  C CA  . PHE A 1 72 ? -8.955  -1.801  1.238   1.00   19.17 ? 72  PHE A CA  1 
ATOM   565  C C   . PHE A 1 72 ? -7.869  -1.558  0.192   1.00   19.56 ? 72  PHE A C   1 
ATOM   566  O O   . PHE A 1 72 ? -6.950  -0.758  0.408   1.00   19.48 ? 72  PHE A O   1 
ATOM   567  C CB  . PHE A 1 72 ? -8.676  -3.118  1.971   1.00   18.44 ? 72  PHE A CB  1 
ATOM   568  C CG  . PHE A 1 72 ? -7.311  -3.187  2.581   1.00   20.41 ? 72  PHE A CG  1 
ATOM   569  C CD1 . PHE A 1 72 ? -6.974  -2.372  3.658   1.00   19.23 ? 72  PHE A CD1 1 
ATOM   570  C CD2 . PHE A 1 72 ? -6.349  -4.055  2.067   1.00   20.78 ? 72  PHE A CD2 1 
ATOM   571  C CE1 . PHE A 1 72 ? -5.697  -2.418  4.217   1.00   19.57 ? 72  PHE A CE1 1 
ATOM   572  C CE2 . PHE A 1 72 ? -5.074  -4.106  2.614   1.00   21.71 ? 72  PHE A CE2 1 
ATOM   573  C CZ  . PHE A 1 72 ? -4.745  -3.285  3.692   1.00   18.53 ? 72  PHE A CZ  1 
ATOM   574  N N   . VAL A 1 73 ? -7.964  -2.256  -0.936  1.00   21.23 ? 73  VAL A N   1 
ATOM   575  C CA  . VAL A 1 73 ? -6.966  -2.112  -1.988  1.00   21.72 ? 73  VAL A CA  1 
ATOM   576  C C   . VAL A 1 73 ? -6.906  -0.678  -2.505  1.00   21.19 ? 73  VAL A C   1 
ATOM   577  O O   . VAL A 1 73 ? -5.824  -0.160  -2.778  1.00   20.52 ? 73  VAL A O   1 
ATOM   578  C CB  . VAL A 1 73 ? -7.254  -3.084  -3.151  1.00   21.84 ? 73  VAL A CB  1 
ATOM   579  C CG1 . VAL A 1 73 ? -6.270  -2.853  -4.283  1.00   22.62 ? 73  VAL A CG1 1 
ATOM   580  C CG2 . VAL A 1 73 ? -7.149  -4.518  -2.651  1.00   22.85 ? 73  VAL A CG2 1 
ATOM   581  N N   . GLU A 1 74 ? -8.072  -0.041  -2.617  1.00   21.71 ? 74  GLU A N   1 
ATOM   582  C CA  . GLU A 1 74 ? -8.167  1.334   -3.098  1.00   24.42 ? 74  GLU A CA  1 
ATOM   583  C C   . GLU A 1 74 ? -7.553  2.273   -2.065  1.00   22.58 ? 74  GLU A C   1 
ATOM   584  O O   . GLU A 1 74 ? -6.899  3.260   -2.408  1.00   23.55 ? 74  GLU A O   1 
ATOM   585  C CB  . GLU A 1 74 ? -9.634  1.696   -3.327  1.00   45.48 ? 74  GLU A CB  1 
ATOM   586  C CG  . GLU A 1 74 ? -9.914  2.461   -4.609  1.00   55.02 ? 74  GLU A CG  1 
ATOM   587  C CD  . GLU A 1 74 ? -9.425  3.891   -4.572  1.00   58.54 ? 74  GLU A CD  1 
ATOM   588  O OE1 . GLU A 1 74 ? -8.195  4.109   -4.610  1.00   62.82 ? 74  GLU A OE1 1 
ATOM   589  O OE2 . GLU A 1 74 ? -10.280 4.803   -4.507  1.00   63.64 ? 74  GLU A OE2 1 
ATOM   590  N N   . TYR A 1 75 ? -7.788  1.964   -0.796  1.00   20.30 ? 75  TYR A N   1 
ATOM   591  C CA  . TYR A 1 75 ? -7.240  2.747   0.303   1.00   19.58 ? 75  TYR A CA  1 
ATOM   592  C C   . TYR A 1 75 ? -5.713  2.652   0.268   1.00   19.39 ? 75  TYR A C   1 
ATOM   593  O O   . TYR A 1 75 ? -5.019  3.656   0.389   1.00   19.39 ? 75  TYR A O   1 
ATOM   594  C CB  . TYR A 1 75 ? -7.798  2.214   1.628   1.00   18.21 ? 75  TYR A CB  1 
ATOM   595  C CG  . TYR A 1 75 ? -6.868  2.299   2.815   1.00   19.34 ? 75  TYR A CG  1 
ATOM   596  C CD1 . TYR A 1 75 ? -6.578  3.521   3.428   1.00   17.69 ? 75  TYR A CD1 1 
ATOM   597  C CD2 . TYR A 1 75 ? -6.303  1.146   3.349   1.00   19.39 ? 75  TYR A CD2 1 
ATOM   598  C CE1 . TYR A 1 75 ? -5.750  3.584   4.550   1.00   18.14 ? 75  TYR A CE1 1 
ATOM   599  C CE2 . TYR A 1 75 ? -5.477  1.197   4.467   1.00   15.28 ? 75  TYR A CE2 1 
ATOM   600  C CZ  . TYR A 1 75 ? -5.206  2.417   5.064   1.00   17.90 ? 75  TYR A CZ  1 
ATOM   601  O OH  . TYR A 1 75 ? -4.399  2.461   6.177   1.00   19.78 ? 75  TYR A OH  1 
ATOM   602  N N   . VAL A 1 76 ? -5.182  1.449   0.080   1.00   21.58 ? 76  VAL A N   1 
ATOM   603  C CA  . VAL A 1 76 ? -3.728  1.302   0.038   1.00   21.84 ? 76  VAL A CA  1 
ATOM   604  C C   . VAL A 1 76 ? -3.154  2.024   -1.182  1.00   20.04 ? 76  VAL A C   1 
ATOM   605  O O   . VAL A 1 76 ? -2.062  2.595   -1.122  1.00   19.69 ? 76  VAL A O   1 
ATOM   606  C CB  . VAL A 1 76 ? -3.312  -0.186  0.015   1.00   25.84 ? 76  VAL A CB  1 
ATOM   607  C CG1 . VAL A 1 76 ? -1.804  -0.296  0.036   1.00   29.28 ? 76  VAL A CG1 1 
ATOM   608  C CG2 . VAL A 1 76 ? -3.893  -0.904  1.223   1.00   26.27 ? 76  VAL A CG2 1 
ATOM   609  N N   . ARG A 1 77 ? -3.901  2.007   -2.283  1.00   19.45 ? 77  ARG A N   1 
ATOM   610  C CA  . ARG A 1 77 ? -3.489  2.686   -3.501  1.00   19.81 ? 77  ARG A CA  1 
ATOM   611  C C   . ARG A 1 77 ? -3.333  4.179   -3.210  1.00   18.83 ? 77  ARG A C   1 
ATOM   612  O O   . ARG A 1 77 ? -2.377  4.807   -3.662  1.00   18.94 ? 77  ARG A O   1 
ATOM   613  C CB  . ARG A 1 77 ? -4.536  2.487   -4.605  1.00   24.28 ? 77  ARG A CB  1 
ATOM   614  C CG  . ARG A 1 77 ? -4.197  3.187   -5.913  1.00   29.61 ? 77  ARG A CG  1 
ATOM   615  C CD  . ARG A 1 77 ? -5.332  3.051   -6.914  1.00   34.58 ? 77  ARG A CD  1 
ATOM   616  N NE  . ARG A 1 77 ? -5.115  3.859   -8.111  1.00   40.63 ? 77  ARG A NE  1 
ATOM   617  C CZ  . ARG A 1 77 ? -4.146  3.650   -8.996  1.00   43.95 ? 77  ARG A CZ  1 
ATOM   618  N NH1 . ARG A 1 77 ? -3.291  2.648   -8.828  1.00   46.53 ? 77  ARG A NH1 1 
ATOM   619  N NH2 . ARG A 1 77 ? -4.027  4.446   -10.052 1.00   44.43 ? 77  ARG A NH2 1 
ATOM   620  N N   . SER A 1 78 ? -4.264  4.744   -2.441  0.50   9.70  ? 78  SER A N   1 
ATOM   621  C CA  . SER A 1 78 ? -4.190  6.167   -2.109  0.50   9.15  ? 78  SER A CA  1 
ATOM   622  C C   . SER A 1 78 ? -2.910  6.462   -1.340  0.50   7.78  ? 78  SER A C   1 
ATOM   623  O O   . SER A 1 78 ? -2.302  7.517   -1.516  0.50   7.94  ? 78  SER A O   1 
ATOM   624  C CB  . SER A 1 78 ? -5.396  6.602   -1.266  0.50   12.75 ? 78  SER A CB  1 
ATOM   625  O OG  . SER A 1 78 ? -5.219  6.261   0.098   0.50   17.82 ? 78  SER A OG  1 
ATOM   626  N N   . LEU A 1 79 ? -2.501  5.537   -0.479  1.00   19.12 ? 79  LEU A N   1 
ATOM   627  C CA  . LEU A 1 79 ? -1.274  5.729   0.295   1.00   18.26 ? 79  LEU A CA  1 
ATOM   628  C C   . LEU A 1 79 ? -0.079  5.708   -0.642  1.00   19.83 ? 79  LEU A C   1 
ATOM   629  O O   . LEU A 1 79 ? 0.881   6.450   -0.451  1.00   18.40 ? 79  LEU A O   1 
ATOM   630  C CB  . LEU A 1 79 ? -1.104  4.627   1.343   1.00   18.63 ? 79  LEU A CB  1 
ATOM   631  C CG  . LEU A 1 79 ? -2.141  4.503   2.458   1.00   18.77 ? 79  LEU A CG  1 
ATOM   632  C CD1 . LEU A 1 79 ? -1.793  3.298   3.320   1.00   16.84 ? 79  LEU A CD1 1 
ATOM   633  C CD2 . LEU A 1 79 ? -2.166  5.771   3.304   1.00   19.45 ? 79  LEU A CD2 1 
ATOM   634  N N   . ALA A 1 80 ? -0.129  4.838   -1.646  1.00   17.97 ? 80  ALA A N   1 
ATOM   635  C CA  . ALA A 1 80 ? 0.954   4.746   -2.615  1.00   19.84 ? 80  ALA A CA  1 
ATOM   636  C C   . ALA A 1 80 ? 1.063   6.075   -3.354  1.00   19.83 ? 80  ALA A C   1 
ATOM   637  O O   . ALA A 1 80 ? 2.160   6.618   -3.543  1.00   19.25 ? 80  ALA A O   1 
ATOM   638  C CB  . ALA A 1 80 ? 0.682   3.619   -3.603  1.00   23.49 ? 80  ALA A CB  1 
ATOM   639  N N   . CYS A 1 81 ? -0.083  6.607   -3.767  1.00   18.97 ? 81  CYS A N   1 
ATOM   640  C CA  . CYS A 1 81 ? -0.088  7.875   -4.478  1.00   19.62 ? 81  CYS A CA  1 
ATOM   641  C C   . CYS A 1 81 ? 0.483   8.998   -3.622  1.00   19.59 ? 81  CYS A C   1 
ATOM   642  O O   . CYS A 1 81 ? 1.204   9.859   -4.131  1.00   18.82 ? 81  CYS A O   1 
ATOM   643  C CB  . CYS A 1 81 ? -1.503  8.226   -4.937  1.00   25.68 ? 81  CYS A CB  1 
ATOM   644  S SG  . CYS A 1 81 ? -2.059  7.199   -6.304  1.00   28.16 ? 81  CYS A SG  1 
ATOM   645  N N   . LEU A 1 82 ? 0.164   8.999   -2.329  1.00   20.98 ? 82  LEU A N   1 
ATOM   646  C CA  . LEU A 1 82 ? 0.688   10.035  -1.444  1.00   23.36 ? 82  LEU A CA  1 
ATOM   647  C C   . LEU A 1 82 ? 2.212   9.958   -1.360  1.00   23.53 ? 82  LEU A C   1 
ATOM   648  O O   . LEU A 1 82 ? 2.879   10.976  -1.208  1.00   22.04 ? 82  LEU A O   1 
ATOM   649  C CB  . LEU A 1 82 ? 0.071   9.928   -0.048  1.00   26.40 ? 82  LEU A CB  1 
ATOM   650  C CG  . LEU A 1 82 ? -1.307  10.583  0.103   1.00   33.21 ? 82  LEU A CG  1 
ATOM   651  C CD1 . LEU A 1 82 ? -1.780  10.454  1.543   1.00   34.95 ? 82  LEU A CD1 1 
ATOM   652  C CD2 . LEU A 1 82 ? -1.224  12.051  -0.286  1.00   32.33 ? 82  LEU A CD2 1 
ATOM   653  N N   . CYS A 1 83 ? 2.758   8.749   -1.465  1.00   23.19 ? 83  CYS A N   1 
ATOM   654  C CA  . CYS A 1 83 ? 4.205   8.581   -1.440  1.00   21.53 ? 83  CYS A CA  1 
ATOM   655  C C   . CYS A 1 83 ? 4.774   9.260   -2.674  1.00   22.08 ? 83  CYS A C   1 
ATOM   656  O O   . CYS A 1 83 ? 5.745   10.003  -2.587  1.00   22.11 ? 83  CYS A O   1 
ATOM   657  C CB  . CYS A 1 83 ? 4.584   7.098   -1.467  1.00   20.76 ? 83  CYS A CB  1 
ATOM   658  S SG  . CYS A 1 83 ? 4.289   6.250   0.073   1.00   19.53 ? 83  CYS A SG  1 
ATOM   659  N N   . LEU A 1 84 ? 4.158   8.998   -3.826  1.00   21.82 ? 84  LEU A N   1 
ATOM   660  C CA  . LEU A 1 84 ? 4.604   9.599   -5.076  1.00   22.36 ? 84  LEU A CA  1 
ATOM   661  C C   . LEU A 1 84 ? 4.563   11.124  -5.007  1.00   23.04 ? 84  LEU A C   1 
ATOM   662  O O   . LEU A 1 84 ? 5.410   11.796  -5.595  1.00   22.14 ? 84  LEU A O   1 
ATOM   663  C CB  . LEU A 1 84 ? 3.736   9.118   -6.240  1.00   23.66 ? 84  LEU A CB  1 
ATOM   664  C CG  . LEU A 1 84 ? 3.808   7.621   -6.564  1.00   21.92 ? 84  LEU A CG  1 
ATOM   665  C CD1 . LEU A 1 84 ? 2.835   7.297   -7.688  1.00   24.41 ? 84  LEU A CD1 1 
ATOM   666  C CD2 . LEU A 1 84 ? 5.227   7.250   -6.977  1.00   22.11 ? 84  LEU A CD2 1 
ATOM   667  N N   . TYR A 1 85 ? 3.594   11.673  -4.276  1.00   23.15 ? 85  TYR A N   1 
ATOM   668  C CA  . TYR A 1 85 ? 3.480   13.128  -4.173  1.00   22.59 ? 85  TYR A CA  1 
ATOM   669  C C   . TYR A 1 85 ? 4.276   13.769  -3.048  1.00   22.01 ? 85  TYR A C   1 
ATOM   670  O O   . TYR A 1 85 ? 4.748   14.895  -3.197  1.00   24.05 ? 85  TYR A O   1 
ATOM   671  C CB  . TYR A 1 85 ? 2.026   13.568  -3.967  1.00   25.71 ? 85  TYR A CB  1 
ATOM   672  C CG  . TYR A 1 85 ? 1.014   13.011  -4.938  1.00   28.14 ? 85  TYR A CG  1 
ATOM   673  C CD1 . TYR A 1 85 ? 1.290   12.929  -6.300  1.00   30.00 ? 85  TYR A CD1 1 
ATOM   674  C CD2 . TYR A 1 85 ? -0.238  12.594  -4.491  1.00   29.54 ? 85  TYR A CD2 1 
ATOM   675  C CE1 . TYR A 1 85 ? 0.339   12.441  -7.195  1.00   32.54 ? 85  TYR A CE1 1 
ATOM   676  C CE2 . TYR A 1 85 ? -1.192  12.109  -5.374  1.00   29.92 ? 85  TYR A CE2 1 
ATOM   677  C CZ  . TYR A 1 85 ? -0.900  12.034  -6.721  1.00   31.66 ? 85  TYR A CZ  1 
ATOM   678  O OH  . TYR A 1 85 ? -1.845  11.545  -7.590  1.00   36.34 ? 85  TYR A OH  1 
ATOM   679  N N   . CYS A 1 86 ? 4.434   13.059  -1.934  1.00   19.40 ? 86  CYS A N   1 
ATOM   680  C CA  . CYS A 1 86 ? 5.088   13.635  -0.766  1.00   19.42 ? 86  CYS A CA  1 
ATOM   681  C C   . CYS A 1 86 ? 6.410   13.058  -0.297  1.00   19.83 ? 86  CYS A C   1 
ATOM   682  O O   . CYS A 1 86 ? 7.016   13.595  0.633   1.00   18.61 ? 86  CYS A O   1 
ATOM   683  C CB  . CYS A 1 86 ? 4.115   13.594  0.414   1.00   19.54 ? 86  CYS A CB  1 
ATOM   684  S SG  . CYS A 1 86 ? 2.459   14.253  0.065   1.00   21.82 ? 86  CYS A SG  1 
ATOM   685  N N   . HIS A 1 87 ? 6.859   11.965  -0.902  1.00   17.19 ? 87  HIS A N   1 
ATOM   686  C CA  . HIS A 1 87 ? 8.115   11.372  -0.467  1.00   18.32 ? 87  HIS A CA  1 
ATOM   687  C C   . HIS A 1 87 ? 9.223   11.767  -1.427  1.00   18.36 ? 87  HIS A C   1 
ATOM   688  O O   . HIS A 1 87 ? 9.082   11.623  -2.638  1.00   19.68 ? 87  HIS A O   1 
ATOM   689  C CB  . HIS A 1 87 ? 7.989   9.849   -0.384  1.00   20.56 ? 87  HIS A CB  1 
ATOM   690  C CG  . HIS A 1 87 ? 9.119   9.198   0.347   1.00   20.04 ? 87  HIS A CG  1 
ATOM   691  N ND1 . HIS A 1 87 ? 8.952   8.535   1.542   1.00   19.26 ? 87  HIS A ND1 1 
ATOM   692  C CD2 . HIS A 1 87 ? 10.439  9.132   0.061   1.00   14.44 ? 87  HIS A CD2 1 
ATOM   693  C CE1 . HIS A 1 87 ? 10.122  8.085   1.961   1.00   15.76 ? 87  HIS A CE1 1 
ATOM   694  N NE2 . HIS A 1 87 ? 11.040  8.435   1.080   1.00   20.88 ? 87  HIS A NE2 1 
ATOM   695  N N   . GLU A 1 88 ? 10.317  12.280  -0.872  1.00   20.02 ? 88  GLU A N   1 
ATOM   696  C CA  . GLU A 1 88 ? 11.461  12.730  -1.658  1.00   21.94 ? 88  GLU A CA  1 
ATOM   697  C C   . GLU A 1 88 ? 12.040  11.672  -2.579  1.00   20.59 ? 88  GLU A C   1 
ATOM   698  O O   . GLU A 1 88 ? 12.597  11.997  -3.625  1.00   22.71 ? 88  GLU A O   1 
ATOM   699  C CB  . GLU A 1 88 ? 12.561  13.259  -0.732  1.00   34.92 ? 88  GLU A CB  1 
ATOM   700  C CG  . GLU A 1 88 ? 12.268  14.623  -0.125  1.00   41.97 ? 88  GLU A CG  1 
ATOM   701  C CD  . GLU A 1 88 ? 11.997  15.682  -1.182  1.00   43.44 ? 88  GLU A CD  1 
ATOM   702  O OE1 . GLU A 1 88 ? 12.825  15.836  -2.104  1.00   46.19 ? 88  GLU A OE1 1 
ATOM   703  O OE2 . GLU A 1 88 ? 10.959  16.366  -1.089  1.00   48.16 ? 88  GLU A OE2 1 
ATOM   704  N N   . TYR A 1 89 ? 11.915  10.405  -2.203  1.00   19.98 ? 89  TYR A N   1 
ATOM   705  C CA  . TYR A 1 89 ? 12.455  9.342   -3.040  1.00   18.46 ? 89  TYR A CA  1 
ATOM   706  C C   . TYR A 1 89 ? 11.901  9.421   -4.452  1.00   17.89 ? 89  TYR A C   1 
ATOM   707  O O   . TYR A 1 89 ? 12.596  9.112   -5.413  1.00   17.21 ? 89  TYR A O   1 
ATOM   708  C CB  . TYR A 1 89 ? 12.120  7.965   -2.457  1.00   18.36 ? 89  TYR A CB  1 
ATOM   709  C CG  . TYR A 1 89 ? 12.803  6.816   -3.169  1.00   20.86 ? 89  TYR A CG  1 
ATOM   710  C CD1 . TYR A 1 89 ? 14.168  6.577   -2.999  1.00   25.54 ? 89  TYR A CD1 1 
ATOM   711  C CD2 . TYR A 1 89 ? 12.087  5.960   -4.003  1.00   23.14 ? 89  TYR A CD2 1 
ATOM   712  C CE1 . TYR A 1 89 ? 14.805  5.507   -3.644  1.00   24.91 ? 89  TYR A CE1 1 
ATOM   713  C CE2 . TYR A 1 89 ? 12.714  4.884   -4.652  1.00   25.07 ? 89  TYR A CE2 1 
ATOM   714  C CZ  . TYR A 1 89 ? 14.070  4.668   -4.464  1.00   25.77 ? 89  TYR A CZ  1 
ATOM   715  O OH  . TYR A 1 89 ? 14.691  3.601   -5.087  1.00   26.31 ? 89  TYR A OH  1 
ATOM   716  N N   . PHE A 1 90 ? 10.647  9.847   -4.568  1.00   18.18 ? 90  PHE A N   1 
ATOM   717  C CA  . PHE A 1 90 ? 9.976   9.935   -5.857  1.00   17.80 ? 90  PHE A CA  1 
ATOM   718  C C   . PHE A 1 90 ? 9.936   11.333  -6.462  1.00   20.27 ? 90  PHE A C   1 
ATOM   719  O O   . PHE A 1 90 ? 9.258   11.556  -7.469  1.00   21.60 ? 90  PHE A O   1 
ATOM   720  C CB  . PHE A 1 90 ? 8.548   9.399   -5.712  1.00   20.56 ? 90  PHE A CB  1 
ATOM   721  C CG  . PHE A 1 90 ? 8.492   7.949   -5.333  1.00   18.71 ? 90  PHE A CG  1 
ATOM   722  C CD1 . PHE A 1 90 ? 8.772   6.964   -6.270  1.00   20.12 ? 90  PHE A CD1 1 
ATOM   723  C CD2 . PHE A 1 90 ? 8.202   7.574   -4.027  1.00   20.18 ? 90  PHE A CD2 1 
ATOM   724  C CE1 . PHE A 1 90 ? 8.767   5.614   -5.905  1.00   22.56 ? 90  PHE A CE1 1 
ATOM   725  C CE2 . PHE A 1 90 ? 8.194   6.231   -3.654  1.00   21.99 ? 90  PHE A CE2 1 
ATOM   726  C CZ  . PHE A 1 90 ? 8.479   5.251   -4.597  1.00   19.87 ? 90  PHE A CZ  1 
ATOM   727  N N   . LYS A 1 91 ? 10.673  12.263  -5.863  1.00   23.31 ? 91  LYS A N   1 
ATOM   728  C CA  . LYS A 1 91 ? 10.711  13.644  -6.343  1.00   27.26 ? 91  LYS A CA  1 
ATOM   729  C C   . LYS A 1 91 ? 10.885  13.764  -7.858  1.00   30.11 ? 91  LYS A C   1 
ATOM   730  O O   . LYS A 1 91 ? 10.171  14.527  -8.514  1.00   29.44 ? 91  LYS A O   1 
ATOM   731  C CB  . LYS A 1 91 ? 11.843  14.408  -5.656  1.00   33.13 ? 91  LYS A CB  1 
ATOM   732  C CG  . LYS A 1 91 ? 11.879  15.888  -5.999  1.00   38.16 ? 91  LYS A CG  1 
ATOM   733  C CD  . LYS A 1 91 ? 13.110  16.561  -5.410  1.00   39.39 ? 91  LYS A CD  1 
ATOM   734  C CE  . LYS A 1 91 ? 12.962  18.066  -5.449  1.00   43.85 ? 91  LYS A CE  1 
ATOM   735  N NZ  . LYS A 1 91 ? 11.760  18.467  -4.669  1.00   47.91 ? 91  LYS A NZ  1 
ATOM   736  N N   . ASP A 1 92 ? 11.836  13.015  -8.408  1.00   31.96 ? 92  ASP A N   1 
ATOM   737  C CA  . ASP A 1 92 ? 12.100  13.067  -9.840  1.00   36.36 ? 92  ASP A CA  1 
ATOM   738  C C   . ASP A 1 92 ? 11.571  11.865  -10.613 1.00   37.81 ? 92  ASP A C   1 
ATOM   739  O O   . ASP A 1 92 ? 12.051  11.563  -11.706 1.00   39.04 ? 92  ASP A O   1 
ATOM   740  C CB  . ASP A 1 92 ? 13.602  13.218  -10.090 1.00   42.13 ? 92  ASP A CB  1 
ATOM   741  C CG  . ASP A 1 92 ? 14.189  14.422  -9.384  1.00   43.34 ? 92  ASP A CG  1 
ATOM   742  O OD1 . ASP A 1 92 ? 13.591  15.514  -9.478  1.00   44.79 ? 92  ASP A OD1 1 
ATOM   743  O OD2 . ASP A 1 92 ? 15.250  14.282  -8.737  1.00   46.00 ? 92  ASP A OD2 1 
ATOM   744  N N   . CYS A 1 93 ? 10.581  11.182  -10.047 1.00   30.44 ? 93  CYS A N   1 
ATOM   745  C CA  . CYS A 1 93 ? 9.981   10.028  -10.702 1.00   31.91 ? 93  CYS A CA  1 
ATOM   746  C C   . CYS A 1 93 ? 8.963   10.516  -11.728 1.00   35.24 ? 93  CYS A C   1 
ATOM   747  O O   . CYS A 1 93 ? 8.114   11.348  -11.415 1.00   35.26 ? 93  CYS A O   1 
ATOM   748  C CB  . CYS A 1 93 ? 9.283   9.136   -9.671  1.00   35.92 ? 93  CYS A CB  1 
ATOM   749  S SG  . CYS A 1 93 ? 8.361   7.749   -10.380 1.00   34.05 ? 93  CYS A SG  1 
ATOM   750  N N   . PRO A 1 94 ? 9.040   10.007  -12.969 1.00   59.21 ? 94  PRO A N   1 
ATOM   751  C CA  . PRO A 1 94 ? 8.115   10.403  -14.037 1.00   61.90 ? 94  PRO A CA  1 
ATOM   752  C C   . PRO A 1 94 ? 6.642   10.179  -13.687 1.00   63.54 ? 94  PRO A C   1 
ATOM   753  C CB  . PRO A 1 94 ? 8.562   9.539   -15.212 1.00   57.09 ? 94  PRO A CB  1 
ATOM   754  C CG  . PRO A 1 94 ? 10.036  9.404   -14.976 1.00   56.22 ? 94  PRO A CG  1 
ATOM   755  C CD  . PRO A 1 94 ? 10.092  9.120   -13.494 0.0000 54.99 ? 94  PRO A CD  1 
ATOM   756  N N   . ALA B 1 2  ? 5.769   9.292   16.403  1.00   62.94 ? 2   ALA B N   1 
ATOM   757  C CA  . ALA B 1 2  ? 4.519   10.030  16.739  1.00   62.41 ? 2   ALA B CA  1 
ATOM   758  C C   . ALA B 1 2  ? 3.306   9.338   16.122  1.00   61.79 ? 2   ALA B C   1 
ATOM   759  O O   . ALA B 1 2  ? 2.596   8.593   16.800  1.00   62.42 ? 2   ALA B O   1 
ATOM   760  C CB  . ALA B 1 2  ? 4.613   11.472  16.240  1.00   48.21 ? 2   ALA B CB  1 
ATOM   761  N N   . ARG B 1 3  ? 3.074   9.581   14.835  1.00   52.72 ? 3   ARG B N   1 
ATOM   762  C CA  . ARG B 1 3  ? 1.944   8.976   14.136  1.00   50.15 ? 3   ARG B CA  1 
ATOM   763  C C   . ARG B 1 3  ? 2.327   7.624   13.535  1.00   46.74 ? 3   ARG B C   1 
ATOM   764  O O   . ARG B 1 3  ? 3.237   7.529   12.712  1.00   47.96 ? 3   ARG B O   1 
ATOM   765  C CB  . ARG B 1 3  ? 1.440   9.919   13.039  1.00   53.18 ? 3   ARG B CB  1 
ATOM   766  C CG  . ARG B 1 3  ? 0.867   11.228  13.563  1.00   55.28 ? 3   ARG B CG  1 
ATOM   767  C CD  . ARG B 1 3  ? 0.275   12.056  12.433  1.00   58.60 ? 3   ARG B CD  1 
ATOM   768  N NE  . ARG B 1 3  ? -0.404  13.257  12.913  1.00   61.56 ? 3   ARG B NE  1 
ATOM   769  C CZ  . ARG B 1 3  ? 0.204   14.287  13.493  1.00   62.84 ? 3   ARG B CZ  1 
ATOM   770  N NH1 . ARG B 1 3  ? 1.519   14.277  13.671  1.00   63.52 ? 3   ARG B NH1 1 
ATOM   771  N NH2 . ARG B 1 3  ? -0.504  15.334  13.893  1.00   63.55 ? 3   ARG B NH2 1 
ATOM   772  N N   . PRO B 1 4  ? 1.626   6.556   13.938  1.00   32.20 ? 4   PRO B N   1 
ATOM   773  C CA  . PRO B 1 4  ? 1.883   5.198   13.453  1.00   28.58 ? 4   PRO B CA  1 
ATOM   774  C C   . PRO B 1 4  ? 1.852   5.018   11.939  1.00   24.71 ? 4   PRO B C   1 
ATOM   775  O O   . PRO B 1 4  ? 2.740   4.379   11.373  1.00   23.83 ? 4   PRO B O   1 
ATOM   776  C CB  . PRO B 1 4  ? 0.800   4.373   14.145  1.00   38.01 ? 4   PRO B CB  1 
ATOM   777  C CG  . PRO B 1 4  ? 0.588   5.109   15.422  1.00   39.74 ? 4   PRO B CG  1 
ATOM   778  C CD  . PRO B 1 4  ? 0.566   6.547   14.962  1.00   40.48 ? 4   PRO B CD  1 
ATOM   779  N N   . LEU B 1 5  ? 0.840   5.576   11.279  1.00   23.00 ? 5   LEU B N   1 
ATOM   780  C CA  . LEU B 1 5  ? 0.738   5.406   9.835   1.00   21.81 ? 5   LEU B CA  1 
ATOM   781  C C   . LEU B 1 5  ? 1.862   6.089   9.064   1.00   19.59 ? 5   LEU B C   1 
ATOM   782  O O   . LEU B 1 5  ? 2.266   5.600   8.013   1.00   18.14 ? 5   LEU B O   1 
ATOM   783  C CB  . LEU B 1 5  ? -0.615  5.903   9.312   1.00   22.69 ? 5   LEU B CB  1 
ATOM   784  C CG  . LEU B 1 5  ? -0.857  5.544   7.840   1.00   22.00 ? 5   LEU B CG  1 
ATOM   785  C CD1 . LEU B 1 5  ? -0.952  4.031   7.705   1.00   21.03 ? 5   LEU B CD1 1 
ATOM   786  C CD2 . LEU B 1 5  ? -2.131  6.207   7.330   1.00   21.87 ? 5   LEU B CD2 1 
ATOM   787  N N   . GLU B 1 6  ? 2.365   7.211   9.574   1.00   18.27 ? 6   GLU B N   1 
ATOM   788  C CA  . GLU B 1 6  ? 3.454   7.911   8.892   1.00   19.29 ? 6   GLU B CA  1 
ATOM   789  C C   . GLU B 1 6  ? 4.699   7.033   8.850   1.00   19.35 ? 6   GLU B C   1 
ATOM   790  O O   . GLU B 1 6  ? 5.347   6.913   7.812   1.00   18.70 ? 6   GLU B O   1 
ATOM   791  C CB  . GLU B 1 6  ? 3.784   9.236   9.592   1.00   22.81 ? 6   GLU B CB  1 
ATOM   792  C CG  . GLU B 1 6  ? 2.630   10.225  9.606   1.00   24.97 ? 6   GLU B CG  1 
ATOM   793  C CD  . GLU B 1 6  ? 3.046   11.608  10.076  1.00   28.34 ? 6   GLU B CD  1 
ATOM   794  O OE1 . GLU B 1 6  ? 3.936   11.700  10.953  1.00   27.04 ? 6   GLU B OE1 1 
ATOM   795  O OE2 . GLU B 1 6  ? 2.472   12.603  9.578   1.00   28.57 ? 6   GLU B OE2 1 
ATOM   796  N N   . GLN B 1 7  ? 5.030   6.421   9.982   1.00   19.88 ? 7   GLN B N   1 
ATOM   797  C CA  . GLN B 1 7  ? 6.191   5.544   10.051  1.00   20.19 ? 7   GLN B CA  1 
ATOM   798  C C   . GLN B 1 7  ? 5.970   4.281   9.222   1.00   19.13 ? 7   GLN B C   1 
ATOM   799  O O   . GLN B 1 7  ? 6.895   3.778   8.593   1.00   17.16 ? 7   GLN B O   1 
ATOM   800  C CB  . GLN B 1 7  ? 6.484   5.166   11.504  1.00   28.14 ? 7   GLN B CB  1 
ATOM   801  C CG  . GLN B 1 7  ? 7.328   6.180   12.264  1.00   34.25 ? 7   GLN B CG  1 
ATOM   802  C CD  . GLN B 1 7  ? 6.868   7.605   12.057  1.00   37.49 ? 7   GLN B CD  1 
ATOM   803  O OE1 . GLN B 1 7  ? 7.127   8.207   11.015  1.00   42.04 ? 7   GLN B OE1 1 
ATOM   804  N NE2 . GLN B 1 7  ? 6.173   8.151   13.046  1.00   43.24 ? 7   GLN B NE2 1 
ATOM   805  N N   . ALA B 1 8  ? 4.741   3.775   9.219   1.00   19.65 ? 8   ALA B N   1 
ATOM   806  C CA  . ALA B 1 8  ? 4.418   2.568   8.464   1.00   19.23 ? 8   ALA B CA  1 
ATOM   807  C C   . ALA B 1 8  ? 4.570   2.771   6.963   1.00   17.92 ? 8   ALA B C   1 
ATOM   808  O O   . ALA B 1 8  ? 5.156   1.934   6.278   1.00   17.85 ? 8   ALA B O   1 
ATOM   809  C CB  . ALA B 1 8  ? 2.993   2.111   8.788   1.00   21.47 ? 8   ALA B CB  1 
ATOM   810  N N   . VAL B 1 9  ? 4.047   3.878   6.444   1.00   17.51 ? 9   VAL B N   1 
ATOM   811  C CA  . VAL B 1 9  ? 4.144   4.130   5.014   1.00   18.00 ? 9   VAL B CA  1 
ATOM   812  C C   . VAL B 1 9  ? 5.584   4.462   4.652   1.00   18.58 ? 9   VAL B C   1 
ATOM   813  O O   . VAL B 1 9  ? 6.072   4.063   3.599   1.00   17.58 ? 9   VAL B O   1 
ATOM   814  C CB  . VAL B 1 9  ? 3.186   5.267   4.584   1.00   17.55 ? 9   VAL B CB  1 
ATOM   815  C CG1 . VAL B 1 9  ? 3.315   5.530   3.099   1.00   16.14 ? 9   VAL B CG1 1 
ATOM   816  C CG2 . VAL B 1 9  ? 1.747   4.865   4.909   1.00   17.85 ? 9   VAL B CG2 1 
ATOM   817  N N   . ALA B 1 10 ? 6.272   5.168   5.546   1.00   17.39 ? 10  ALA B N   1 
ATOM   818  C CA  . ALA B 1 10 ? 7.670   5.502   5.318   1.00   18.03 ? 10  ALA B CA  1 
ATOM   819  C C   . ALA B 1 10 ? 8.447   4.186   5.189   1.00   17.23 ? 10  ALA B C   1 
ATOM   820  O O   . ALA B 1 10 ? 9.345   4.062   4.354   1.00   17.47 ? 10  ALA B O   1 
ATOM   821  C CB  . ALA B 1 10 ? 8.206   6.328   6.485   1.00   19.92 ? 10  ALA B CB  1 
ATOM   822  N N   . ALA B 1 11 ? 8.078   3.204   6.008   1.00   19.90 ? 11  ALA B N   1 
ATOM   823  C CA  . ALA B 1 11 ? 8.715   1.883   5.992   1.00   19.02 ? 11  ALA B CA  1 
ATOM   824  C C   . ALA B 1 11 ? 8.476   1.107   4.696   1.00   19.21 ? 11  ALA B C   1 
ATOM   825  O O   . ALA B 1 11 ? 9.368   0.400   4.220   1.00   20.04 ? 11  ALA B O   1 
ATOM   826  C CB  . ALA B 1 11 ? 8.229   1.056   7.167   1.00   21.56 ? 11  ALA B CB  1 
ATOM   827  N N   . ILE B 1 12 ? 7.280   1.200   4.122   1.00   18.03 ? 12  ILE B N   1 
ATOM   828  C CA  . ILE B 1 12 ? 7.065   0.467   2.882   1.00   18.28 ? 12  ILE B CA  1 
ATOM   829  C C   . ILE B 1 12 ? 7.895   1.081   1.766   1.00   17.96 ? 12  ILE B C   1 
ATOM   830  O O   . ILE B 1 12 ? 8.291   0.385   0.833   1.00   16.67 ? 12  ILE B O   1 
ATOM   831  C CB  . ILE B 1 12 ? 5.571   0.399   2.458   1.00   21.36 ? 12  ILE B CB  1 
ATOM   832  C CG1 . ILE B 1 12 ? 5.026   1.783   2.127   1.00   26.60 ? 12  ILE B CG1 1 
ATOM   833  C CG2 . ILE B 1 12 ? 4.758   -0.264  3.557   1.00   22.08 ? 12  ILE B CG2 1 
ATOM   834  C CD1 . ILE B 1 12 ? 3.593   1.745   1.616   1.00   28.42 ? 12  ILE B CD1 1 
ATOM   835  N N   . VAL B 1 13 ? 8.179   2.379   1.859   1.00   16.41 ? 13  VAL B N   1 
ATOM   836  C CA  . VAL B 1 13 ? 8.997   3.022   0.834   1.00   16.31 ? 13  VAL B CA  1 
ATOM   837  C C   . VAL B 1 13 ? 10.448  2.601   1.054   1.00   17.01 ? 13  VAL B C   1 
ATOM   838  O O   . VAL B 1 13 ? 11.193  2.359   0.103   1.00   16.46 ? 13  VAL B O   1 
ATOM   839  C CB  . VAL B 1 13 ? 8.904   4.568   0.901   1.00   19.24 ? 13  VAL B CB  1 
ATOM   840  C CG1 . VAL B 1 13 ? 9.951   5.185   -0.018  1.00   19.81 ? 13  VAL B CG1 1 
ATOM   841  C CG2 . VAL B 1 13 ? 7.501   5.026   0.482   1.00   17.63 ? 13  VAL B CG2 1 
ATOM   842  N N   . CYS B 1 14 ? 10.830  2.495   2.319   1.00   16.74 ? 14  CYS B N   1 
ATOM   843  C CA  . CYS B 1 14 ? 12.183  2.095   2.684   1.00   19.79 ? 14  CYS B CA  1 
ATOM   844  C C   . CYS B 1 14 ? 12.493  0.709   2.109   1.00   19.30 ? 14  CYS B C   1 
ATOM   845  O O   . CYS B 1 14 ? 13.558  0.490   1.533   1.00   17.89 ? 14  CYS B O   1 
ATOM   846  C CB  . CYS B 1 14 ? 12.320  2.080   4.207   1.00   19.31 ? 14  CYS B CB  1 
ATOM   847  S SG  . CYS B 1 14 ? 13.943  1.583   4.831   1.00   26.23 ? 14  CYS B SG  1 
ATOM   848  N N   . THR B 1 15 ? 11.551  -0.218  2.246   1.00   19.12 ? 15  THR B N   1 
ATOM   849  C CA  . THR B 1 15 ? 11.752  -1.570  1.733   1.00   19.58 ? 15  THR B CA  1 
ATOM   850  C C   . THR B 1 15 ? 11.831  -1.557  0.207   1.00   19.45 ? 15  THR B C   1 
ATOM   851  O O   . THR B 1 15 ? 12.633  -2.279  -0.397  1.00   19.64 ? 15  THR B O   1 
ATOM   852  C CB  . THR B 1 15 ? 10.620  -2.509  2.186   1.00   18.38 ? 15  THR B CB  1 
ATOM   853  O OG1 . THR B 1 15 ? 10.555  -2.526  3.619   1.00   20.63 ? 15  THR B OG1 1 
ATOM   854  C CG2 . THR B 1 15 ? 10.874  -3.927  1.696   1.00   20.00 ? 15  THR B CG2 1 
ATOM   855  N N   . PHE B 1 16 ? 10.998  -0.739  -0.424  1.00   17.69 ? 16  PHE B N   1 
ATOM   856  C CA  . PHE B 1 16 ? 11.019  -0.634  -1.877  1.00   17.25 ? 16  PHE B CA  1 
ATOM   857  C C   . PHE B 1 16 ? 12.408  -0.144  -2.290  1.00   19.14 ? 16  PHE B C   1 
ATOM   858  O O   . PHE B 1 16 ? 13.020  -0.681  -3.208  1.00   19.93 ? 16  PHE B O   1 
ATOM   859  C CB  . PHE B 1 16 ? 9.962   0.366   -2.355  1.00   18.42 ? 16  PHE B CB  1 
ATOM   860  C CG  . PHE B 1 16 ? 9.873   0.491   -3.857  1.00   17.38 ? 16  PHE B CG  1 
ATOM   861  C CD1 . PHE B 1 16 ? 9.190   -0.461  -4.607  1.00   17.81 ? 16  PHE B CD1 1 
ATOM   862  C CD2 . PHE B 1 16 ? 10.485  1.555   -4.521  1.00   16.96 ? 16  PHE B CD2 1 
ATOM   863  C CE1 . PHE B 1 16 ? 9.114   -0.357  -6.000  1.00   18.83 ? 16  PHE B CE1 1 
ATOM   864  C CE2 . PHE B 1 16 ? 10.417  1.670   -5.914  1.00   17.12 ? 16  PHE B CE2 1 
ATOM   865  C CZ  . PHE B 1 16 ? 9.727   0.711   -6.655  1.00   19.93 ? 16  PHE B CZ  1 
ATOM   866  N N   . GLN B 1 17 ? 12.900  0.879   -1.595  1.00   18.50 ? 17  GLN B N   1 
ATOM   867  C CA  . GLN B 1 17 ? 14.214  1.442   -1.887  1.00   20.25 ? 17  GLN B CA  1 
ATOM   868  C C   . GLN B 1 17 ? 15.334  0.408   -1.748  1.00   20.67 ? 17  GLN B C   1 
ATOM   869  O O   . GLN B 1 17 ? 16.289  0.406   -2.531  1.00   22.03 ? 17  GLN B O   1 
ATOM   870  C CB  . GLN B 1 17 ? 14.484  2.638   -0.966  1.00   26.84 ? 17  GLN B CB  1 
ATOM   871  C CG  . GLN B 1 17 ? 15.855  3.285   -1.159  1.00   32.66 ? 17  GLN B CG  1 
ATOM   872  C CD  . GLN B 1 17 ? 16.011  4.565   -0.351  1.00   36.90 ? 17  GLN B CD  1 
ATOM   873  O OE1 . GLN B 1 17 ? 17.107  5.104   -0.226  1.00   41.24 ? 17  GLN B OE1 1 
ATOM   874  N NE2 . GLN B 1 17 ? 14.907  5.057   0.195   1.00   39.92 ? 17  GLN B NE2 1 
ATOM   875  N N   . GLU B 1 18 ? 15.221  -0.466  -0.750  1.00   20.98 ? 18  GLU B N   1 
ATOM   876  C CA  . GLU B 1 18 ? 16.232  -1.499  -0.522  1.00   21.91 ? 18  GLU B CA  1 
ATOM   877  C C   . GLU B 1 18 ? 16.373  -2.425  -1.725  1.00   22.65 ? 18  GLU B C   1 
ATOM   878  O O   . GLU B 1 18 ? 17.486  -2.806  -2.100  1.00   22.76 ? 18  GLU B O   1 
ATOM   879  C CB  . GLU B 1 18 ? 15.871  -2.327  0.715   1.00   27.42 ? 18  GLU B CB  1 
ATOM   880  C CG  . GLU B 1 18 ? 16.739  -3.557  0.954   1.00   32.57 ? 18  GLU B CG  1 
ATOM   881  C CD  . GLU B 1 18 ? 18.179  -3.216  1.285   1.00   37.55 ? 18  GLU B CD  1 
ATOM   882  O OE1 . GLU B 1 18 ? 18.402  -2.238  2.031   1.00   40.96 ? 18  GLU B OE1 1 
ATOM   883  O OE2 . GLU B 1 18 ? 19.088  -3.935  0.813   1.00   40.08 ? 18  GLU B OE2 1 
ATOM   884  N N   . TYR B 1 19 ? 15.249  -2.793  -2.330  1.00   19.05 ? 19  TYR B N   1 
ATOM   885  C CA  . TYR B 1 19 ? 15.293  -3.681  -3.483  1.00   19.21 ? 19  TYR B CA  1 
ATOM   886  C C   . TYR B 1 19 ? 15.439  -2.951  -4.814  1.00   18.43 ? 19  TYR B C   1 
ATOM   887  O O   . TYR B 1 19 ? 16.247  -3.337  -5.654  1.00   17.40 ? 19  TYR B O   1 
ATOM   888  C CB  . TYR B 1 19 ? 14.053  -4.587  -3.506  1.00   18.04 ? 19  TYR B CB  1 
ATOM   889  C CG  . TYR B 1 19 ? 14.074  -5.626  -2.406  1.00   18.88 ? 19  TYR B CG  1 
ATOM   890  C CD1 . TYR B 1 19 ? 13.867  -5.264  -1.073  1.00   19.00 ? 19  TYR B CD1 1 
ATOM   891  C CD2 . TYR B 1 19 ? 14.375  -6.960  -2.685  1.00   22.32 ? 19  TYR B CD2 1 
ATOM   892  C CE1 . TYR B 1 19 ? 13.967  -6.199  -0.048  1.00   20.78 ? 19  TYR B CE1 1 
ATOM   893  C CE2 . TYR B 1 19 ? 14.474  -7.907  -1.659  1.00   23.36 ? 19  TYR B CE2 1 
ATOM   894  C CZ  . TYR B 1 19 ? 14.273  -7.514  -0.347  1.00   23.39 ? 19  TYR B CZ  1 
ATOM   895  O OH  . TYR B 1 19 ? 14.401  -8.425  0.676   1.00   25.27 ? 19  TYR B OH  1 
ATOM   896  N N   . ALA B 1 20 ? 14.664  -1.893  -5.006  1.00   17.68 ? 20  ALA B N   1 
ATOM   897  C CA  . ALA B 1 20 ? 14.714  -1.139  -6.253  1.00   18.90 ? 20  ALA B CA  1 
ATOM   898  C C   . ALA B 1 20 ? 16.030  -0.383  -6.439  1.00   18.06 ? 20  ALA B C   1 
ATOM   899  O O   . ALA B 1 20 ? 16.482  -0.188  -7.567  1.00   19.98 ? 20  ALA B O   1 
ATOM   900  C CB  . ALA B 1 20 ? 13.544  -0.164  -6.313  1.00   22.58 ? 20  ALA B CB  1 
ATOM   901  N N   . GLY B 1 21 ? 16.646  0.024   -5.337  1.00   19.87 ? 21  GLY B N   1 
ATOM   902  C CA  . GLY B 1 21 ? 17.893  0.766   -5.419  1.00   21.42 ? 21  GLY B CA  1 
ATOM   903  C C   . GLY B 1 21 ? 19.134  -0.057  -5.701  1.00   21.87 ? 21  GLY B C   1 
ATOM   904  O O   . GLY B 1 21 ? 20.221  0.497   -5.881  1.00   22.53 ? 21  GLY B O   1 
ATOM   905  N N   . ARG B 1 22 ? 18.989  -1.377  -5.738  1.00   21.02 ? 22  ARG B N   1 
ATOM   906  C CA  . ARG B 1 22 ? 20.125  -2.254  -5.993  1.00   19.61 ? 22  ARG B CA  1 
ATOM   907  C C   . ARG B 1 22 ? 20.893  -1.854  -7.246  1.00   21.13 ? 22  ARG B C   1 
ATOM   908  O O   . ARG B 1 22 ? 22.110  -1.659  -7.210  1.00   21.91 ? 22  ARG B O   1 
ATOM   909  C CB  . ARG B 1 22 ? 19.655  -3.703  -6.129  1.00   18.96 ? 22  ARG B CB  1 
ATOM   910  C CG  . ARG B 1 22 ? 19.288  -4.362  -4.816  1.00   17.82 ? 22  ARG B CG  1 
ATOM   911  C CD  . ARG B 1 22 ? 18.700  -5.741  -5.057  1.00   21.78 ? 22  ARG B CD  1 
ATOM   912  N NE  . ARG B 1 22 ? 18.511  -6.469  -3.807  1.00   20.31 ? 22  ARG B NE  1 
ATOM   913  C CZ  . ARG B 1 22 ? 17.907  -7.650  -3.717  1.00   21.35 ? 22  ARG B CZ  1 
ATOM   914  N NH1 . ARG B 1 22 ? 17.427  -8.239  -4.806  1.00   19.32 ? 22  ARG B NH1 1 
ATOM   915  N NH2 . ARG B 1 22 ? 17.789  -8.241  -2.536  1.00   19.52 ? 22  ARG B NH2 1 
ATOM   916  N N   . CYS B 1 23 ? 20.176  -1.724  -8.352  1.00   20.94 ? 23  CYS B N   1 
ATOM   917  C CA  . CYS B 1 23 ? 20.804  -1.358  -9.613  1.00   20.95 ? 23  CYS B CA  1 
ATOM   918  C C   . CYS B 1 23 ? 19.769  -0.902  -10.620 1.00   21.93 ? 23  CYS B C   1 
ATOM   919  O O   . CYS B 1 23 ? 18.591  -1.239  -10.513 1.00   22.31 ? 23  CYS B O   1 
ATOM   920  C CB  . CYS B 1 23 ? 21.562  -2.558  -10.183 1.00   20.59 ? 23  CYS B CB  1 
ATOM   921  S SG  . CYS B 1 23 ? 20.522  -4.032  -10.422 1.00   22.98 ? 23  CYS B SG  1 
ATOM   922  N N   . GLY B 1 24 ? 20.221  -0.126  -11.596 1.00   21.97 ? 24  GLY B N   1 
ATOM   923  C CA  . GLY B 1 24 ? 19.330  0.341   -12.639 1.00   20.94 ? 24  GLY B CA  1 
ATOM   924  C C   . GLY B 1 24 ? 18.340  1.407   -12.220 1.00   22.81 ? 24  GLY B C   1 
ATOM   925  O O   . GLY B 1 24 ? 18.647  2.286   -11.406 1.00   21.82 ? 24  GLY B O   1 
ATOM   926  N N   . ASP B 1 25 ? 17.144  1.315   -12.795 1.00   21.53 ? 25  ASP B N   1 
ATOM   927  C CA  . ASP B 1 25 ? 16.073  2.263   -12.538 1.00   22.36 ? 25  ASP B CA  1 
ATOM   928  C C   . ASP B 1 25 ? 15.572  2.158   -11.101 1.00   20.66 ? 25  ASP B C   1 
ATOM   929  O O   . ASP B 1 25 ? 14.893  1.194   -10.734 1.00   20.28 ? 25  ASP B O   1 
ATOM   930  C CB  . ASP B 1 25 ? 14.921  2.009   -13.512 1.00   22.24 ? 25  ASP B CB  1 
ATOM   931  C CG  . ASP B 1 25 ? 13.891  3.109   -13.487 1.00   24.40 ? 25  ASP B CG  1 
ATOM   932  O OD1 . ASP B 1 25 ? 13.710  3.711   -12.414 1.00   24.45 ? 25  ASP B OD1 1 
ATOM   933  O OD2 . ASP B 1 25 ? 13.255  3.365   -14.534 1.00   26.70 ? 25  ASP B OD2 1 
ATOM   934  N N   . LYS B 1 26 ? 15.897  3.174   -10.309 1.00   21.54 ? 26  LYS B N   1 
ATOM   935  C CA  . LYS B 1 26 ? 15.525  3.241   -8.899  1.00   22.48 ? 26  LYS B CA  1 
ATOM   936  C C   . LYS B 1 26 ? 14.021  3.247   -8.612  1.00   21.47 ? 26  LYS B C   1 
ATOM   937  O O   . LYS B 1 26 ? 13.616  3.053   -7.467  1.00   20.92 ? 26  LYS B O   1 
ATOM   938  C CB  . LYS B 1 26 ? 16.139  4.492   -8.275  1.00   35.37 ? 26  LYS B CB  1 
ATOM   939  C CG  . LYS B 1 26 ? 15.418  5.767   -8.687  1.00   37.65 ? 26  LYS B CG  1 
ATOM   940  C CD  . LYS B 1 26 ? 16.271  7.014   -8.503  1.00   45.17 ? 26  LYS B CD  1 
ATOM   941  C CE  . LYS B 1 26 ? 16.651  7.251   -7.055  1.00   46.65 ? 26  LYS B CE  1 
ATOM   942  N NZ  . LYS B 1 26 ? 17.419  8.524   -6.925  1.00   49.58 ? 26  LYS B NZ  1 
ATOM   943  N N   . TYR B 1 27 ? 13.198  3.485   -9.631  1.00   20.65 ? 27  TYR B N   1 
ATOM   944  C CA  . TYR B 1 27 ? 11.748  3.534   -9.427  1.00   21.12 ? 27  TYR B CA  1 
ATOM   945  C C   . TYR B 1 27 ? 11.054  2.240   -9.802  1.00   20.37 ? 27  TYR B C   1 
ATOM   946  O O   . TYR B 1 27 ? 9.826   2.151   -9.766  1.00   21.22 ? 27  TYR B O   1 
ATOM   947  C CB  . TYR B 1 27 ? 11.136  4.669   -10.249 1.00   24.38 ? 27  TYR B CB  1 
ATOM   948  C CG  . TYR B 1 27 ? 11.801  6.009   -10.037 1.00   26.59 ? 27  TYR B CG  1 
ATOM   949  C CD1 . TYR B 1 27 ? 11.796  6.623   -8.784  1.00   27.57 ? 27  TYR B CD1 1 
ATOM   950  C CD2 . TYR B 1 27 ? 12.437  6.663   -11.089 1.00   28.13 ? 27  TYR B CD2 1 
ATOM   951  C CE1 . TYR B 1 27 ? 12.414  7.858   -8.587  1.00   27.77 ? 27  TYR B CE1 1 
ATOM   952  C CE2 . TYR B 1 27 ? 13.057  7.900   -10.902 1.00   30.00 ? 27  TYR B CE2 1 
ATOM   953  C CZ  . TYR B 1 27 ? 13.039  8.487   -9.649  1.00   27.32 ? 27  TYR B CZ  1 
ATOM   954  O OH  . TYR B 1 27 ? 13.652  9.703   -9.459  1.00   30.52 ? 27  TYR B OH  1 
ATOM   955  N N   . LYS B 1 28 ? 11.839  1.230   -10.157 1.00   20.71 ? 28  LYS B N   1 
ATOM   956  C CA  . LYS B 1 28 ? 11.254  -0.035  -10.566 1.00   21.82 ? 28  LYS B CA  1 
ATOM   957  C C   . LYS B 1 28 ? 11.882  -1.261  -9.926  1.00   20.34 ? 28  LYS B C   1 
ATOM   958  O O   . LYS B 1 28 ? 13.013  -1.230  -9.444  1.00   21.18 ? 28  LYS B O   1 
ATOM   959  C CB  . LYS B 1 28 ? 11.361  -0.197  -12.086 1.00   23.91 ? 28  LYS B CB  1 
ATOM   960  C CG  . LYS B 1 28 ? 10.749  0.939   -12.908 1.00   26.20 ? 28  LYS B CG  1 
ATOM   961  C CD  . LYS B 1 28 ? 9.241   0.977   -12.763 1.00   30.53 ? 28  LYS B CD  1 
ATOM   962  C CE  . LYS B 1 28 ? 8.645   2.159   -13.516 1.00   33.82 ? 28  LYS B CE  1 
ATOM   963  N NZ  . LYS B 1 28 ? 9.017   2.135   -14.954 1.00   38.65 ? 28  LYS B NZ  1 
ATOM   964  N N   . LEU B 1 29 ? 11.098  -2.330  -9.925  1.00   20.92 ? 29  LEU B N   1 
ATOM   965  C CA  . LEU B 1 29 ? 11.508  -3.643  -9.443  1.00   20.76 ? 29  LEU B CA  1 
ATOM   966  C C   . LEU B 1 29 ? 11.106  -4.513  -10.620 1.00   20.85 ? 29  LEU B C   1 
ATOM   967  O O   . LEU B 1 29 ? 10.431  -4.043  -11.535 1.00   19.52 ? 29  LEU B O   1 
ATOM   968  C CB  . LEU B 1 29 ? 10.667  -4.106  -8.250  1.00   22.28 ? 29  LEU B CB  1 
ATOM   969  C CG  . LEU B 1 29 ? 10.728  -3.454  -6.874  1.00   23.41 ? 29  LEU B CG  1 
ATOM   970  C CD1 . LEU B 1 29 ? 9.752   -4.168  -5.954  1.00   24.40 ? 29  LEU B CD1 1 
ATOM   971  C CD2 . LEU B 1 29 ? 12.139  -3.531  -6.320  1.00   23.68 ? 29  LEU B CD2 1 
ATOM   972  N N   . CYS B 1 30 ? 11.530  -5.770  -10.612 1.00   21.01 ? 30  CYS B N   1 
ATOM   973  C CA  . CYS B 1 30 ? 11.086  -6.700  -11.636 1.00   18.40 ? 30  CYS B CA  1 
ATOM   974  C C   . CYS B 1 30 ? 10.312  -7.699  -10.774 1.00   20.41 ? 30  CYS B C   1 
ATOM   975  O O   . CYS B 1 30 ? 10.425  -7.669  -9.537  1.00   16.54 ? 30  CYS B O   1 
ATOM   976  C CB  . CYS B 1 30 ? 12.260  -7.371  -12.368 1.00   17.17 ? 30  CYS B CB  1 
ATOM   977  S SG  . CYS B 1 30 ? 13.361  -8.372  -11.368 1.00   22.56 ? 30  CYS B SG  1 
ATOM   978  N N   . GLN B 1 31 ? 9.511   -8.560  -11.391 1.00   18.84 ? 31  GLN B N   1 
ATOM   979  C CA  . GLN B 1 31 ? 8.726   -9.508  -10.605 1.00   21.80 ? 31  GLN B CA  1 
ATOM   980  C C   . GLN B 1 31 ? 9.552   -10.450 -9.731  1.00   21.54 ? 31  GLN B C   1 
ATOM   981  O O   . GLN B 1 31 ? 9.094   -10.862 -8.668  1.00   20.48 ? 31  GLN B O   1 
ATOM   982  C CB  . GLN B 1 31 ? 7.790   -10.310 -11.508 1.00   22.82 ? 31  GLN B CB  1 
ATOM   983  C CG  . GLN B 1 31 ? 6.750   -9.449  -12.207 1.00   25.97 ? 31  GLN B CG  1 
ATOM   984  C CD  . GLN B 1 31 ? 5.595   -10.259 -12.766 1.00   28.37 ? 31  GLN B CD  1 
ATOM   985  O OE1 . GLN B 1 31 ? 5.762   -11.418 -13.154 1.00   30.01 ? 31  GLN B OE1 1 
ATOM   986  N NE2 . GLN B 1 31 ? 4.418   -9.648  -12.824 1.00   29.89 ? 31  GLN B NE2 1 
ATOM   987  N N   . ALA B 1 32 ? 10.764  -10.793 -10.162 1.00   20.78 ? 32  ALA B N   1 
ATOM   988  C CA  . ALA B 1 32 ? 11.616  -11.670 -9.356  1.00   20.59 ? 32  ALA B CA  1 
ATOM   989  C C   . ALA B 1 32 ? 11.951  -10.968 -8.040  1.00   20.58 ? 32  ALA B C   1 
ATOM   990  O O   . ALA B 1 32 ? 11.902  -11.576 -6.965  1.00   20.01 ? 32  ALA B O   1 
ATOM   991  C CB  . ALA B 1 32 ? 12.897  -11.994 -10.107 1.00   19.30 ? 32  ALA B CB  1 
ATOM   992  N N   . GLU B 1 33 ? 12.306  -9.688  -8.135  1.00   20.17 ? 33  GLU B N   1 
ATOM   993  C CA  . GLU B 1 33 ? 12.643  -8.905  -6.951  1.00   19.45 ? 33  GLU B CA  1 
ATOM   994  C C   . GLU B 1 33 ? 11.431  -8.742  -6.040  1.00   19.37 ? 33  GLU B C   1 
ATOM   995  O O   . GLU B 1 33 ? 11.571  -8.773  -4.822  1.00   18.93 ? 33  GLU B O   1 
ATOM   996  C CB  . GLU B 1 33 ? 13.202  -7.535  -7.362  1.00   20.11 ? 33  GLU B CB  1 
ATOM   997  C CG  . GLU B 1 33 ? 14.499  -7.653  -8.168  1.00   19.64 ? 33  GLU B CG  1 
ATOM   998  C CD  . GLU B 1 33 ? 14.992  -6.329  -8.727  1.00   21.60 ? 33  GLU B CD  1 
ATOM   999  O OE1 . GLU B 1 33 ? 14.154  -5.501  -9.136  1.00   20.92 ? 33  GLU B OE1 1 
ATOM   1000 O OE2 . GLU B 1 33 ? 16.225  -6.128  -8.778  1.00   20.20 ? 33  GLU B OE2 1 
ATOM   1001 N N   . LEU B 1 34 ? 10.245  -8.579  -6.619  1.00   17.98 ? 34  LEU B N   1 
ATOM   1002 C CA  . LEU B 1 34 ? 9.034   -8.437  -5.805  1.00   19.22 ? 34  LEU B CA  1 
ATOM   1003 C C   . LEU B 1 34 ? 8.792   -9.738  -5.041  1.00   20.86 ? 34  LEU B C   1 
ATOM   1004 O O   . LEU B 1 34 ? 8.449   -9.724  -3.857  1.00   18.68 ? 34  LEU B O   1 
ATOM   1005 C CB  . LEU B 1 34 ? 7.813   -8.125  -6.680  1.00   17.97 ? 34  LEU B CB  1 
ATOM   1006 C CG  . LEU B 1 34 ? 6.467   -8.064  -5.939  1.00   19.59 ? 34  LEU B CG  1 
ATOM   1007 C CD1 . LEU B 1 34 ? 6.494   -6.928  -4.920  1.00   19.83 ? 34  LEU B CD1 1 
ATOM   1008 C CD2 . LEU B 1 34 ? 5.330   -7.858  -6.930  1.00   18.40 ? 34  LEU B CD2 1 
ATOM   1009 N N   . LYS B 1 35 ? 8.970   -10.865 -5.726  1.00   18.52 ? 35  LYS B N   1 
ATOM   1010 C CA  . LYS B 1 35 ? 8.780   -12.170 -5.100  1.00   19.57 ? 35  LYS B CA  1 
ATOM   1011 C C   . LYS B 1 35 ? 9.772   -12.331 -3.950  1.00   18.62 ? 35  LYS B C   1 
ATOM   1012 O O   . LYS B 1 35 ? 9.400   -12.728 -2.852  1.00   18.73 ? 35  LYS B O   1 
ATOM   1013 C CB  . LYS B 1 35 ? 8.982   -13.284 -6.134  1.00   28.75 ? 35  LYS B CB  1 
ATOM   1014 C CG  . LYS B 1 35 ? 8.866   -14.696 -5.570  1.00   34.24 ? 35  LYS B CG  1 
ATOM   1015 C CD  . LYS B 1 35 ? 7.439   -15.031 -5.176  1.00   39.29 ? 35  LYS B CD  1 
ATOM   1016 C CE  . LYS B 1 35 ? 7.348   -16.437 -4.593  1.00   40.69 ? 35  LYS B CE  1 
ATOM   1017 N NZ  . LYS B 1 35 ? 7.918   -17.456 -5.524  1.00   43.77 ? 35  LYS B NZ  1 
ATOM   1018 N N   . GLU B 1 36 ? 11.035  -11.998 -4.204  1.00   17.63 ? 36  GLU B N   1 
ATOM   1019 C CA  . GLU B 1 36 ? 12.078  -12.098 -3.189  1.00   17.03 ? 36  GLU B CA  1 
ATOM   1020 C C   . GLU B 1 36 ? 11.715  -11.221 -1.987  1.00   16.75 ? 36  GLU B C   1 
ATOM   1021 O O   . GLU B 1 36 ? 11.821  -11.638 -0.830  1.00   16.94 ? 36  GLU B O   1 
ATOM   1022 C CB  . GLU B 1 36 ? 13.419  -11.632 -3.771  1.00   16.86 ? 36  GLU B CB  1 
ATOM   1023 C CG  . GLU B 1 36 ? 14.594  -11.760 -2.810  1.00   17.49 ? 36  GLU B CG  1 
ATOM   1024 C CD  . GLU B 1 36 ? 15.841  -11.034 -3.295  1.00   19.83 ? 36  GLU B CD  1 
ATOM   1025 O OE1 . GLU B 1 36 ? 15.844  -10.530 -4.435  1.00   21.53 ? 36  GLU B OE1 1 
ATOM   1026 O OE2 . GLU B 1 36 ? 16.821  -10.968 -2.529  1.00   20.88 ? 36  GLU B OE2 1 
ATOM   1027 N N   . LEU B 1 37 ? 11.292  -9.998  -2.273  1.00   16.45 ? 37  LEU B N   1 
ATOM   1028 C CA  . LEU B 1 37 ? 10.929  -9.052  -1.223  1.00   17.12 ? 37  LEU B CA  1 
ATOM   1029 C C   . LEU B 1 37 ? 9.784   -9.581  -0.360  1.00   16.54 ? 37  LEU B C   1 
ATOM   1030 O O   . LEU B 1 37 ? 9.850   -9.540  0.870   1.00   19.06 ? 37  LEU B O   1 
ATOM   1031 C CB  . LEU B 1 37 ? 10.554  -7.710  -1.862  1.00   17.68 ? 37  LEU B CB  1 
ATOM   1032 C CG  . LEU B 1 37 ? 10.201  -6.516  -0.976  1.00   20.04 ? 37  LEU B CG  1 
ATOM   1033 C CD1 . LEU B 1 37 ? 10.310  -5.235  -1.801  1.00   17.53 ? 37  LEU B CD1 1 
ATOM   1034 C CD2 . LEU B 1 37 ? 8.794   -6.665  -0.417  1.00   17.87 ? 37  LEU B CD2 1 
ATOM   1035 N N   . LEU B 1 38 ? 8.740   -10.092 -0.997  1.00   17.40 ? 38  LEU B N   1 
ATOM   1036 C CA  . LEU B 1 38 ? 7.613   -10.611 -0.235  1.00   19.25 ? 38  LEU B CA  1 
ATOM   1037 C C   . LEU B 1 38 ? 8.012   -11.820 0.605   1.00   22.70 ? 38  LEU B C   1 
ATOM   1038 O O   . LEU B 1 38 ? 7.609   -11.938 1.764   1.00   23.11 ? 38  LEU B O   1 
ATOM   1039 C CB  . LEU B 1 38 ? 6.463   -10.975 -1.170  1.00   16.08 ? 38  LEU B CB  1 
ATOM   1040 C CG  . LEU B 1 38 ? 5.892   -9.779  -1.941  1.00   18.07 ? 38  LEU B CG  1 
ATOM   1041 C CD1 . LEU B 1 38 ? 4.897   -10.244 -2.976  1.00   18.95 ? 38  LEU B CD1 1 
ATOM   1042 C CD2 . LEU B 1 38 ? 5.229   -8.813  -0.953  1.00   20.84 ? 38  LEU B CD2 1 
ATOM   1043 N N   . GLN B 1 39 ? 8.815   -12.707 0.027   1.00   22.06 ? 39  GLN B N   1 
ATOM   1044 C CA  . GLN B 1 39 ? 9.262   -13.910 0.725   1.00   23.46 ? 39  GLN B CA  1 
ATOM   1045 C C   . GLN B 1 39 ? 10.190  -13.627 1.896   1.00   23.51 ? 39  GLN B C   1 
ATOM   1046 O O   . GLN B 1 39 ? 10.114  -14.288 2.931   1.00   24.22 ? 39  GLN B O   1 
ATOM   1047 C CB  . GLN B 1 39 ? 9.979   -14.853 -0.244  1.00   26.96 ? 39  GLN B CB  1 
ATOM   1048 C CG  . GLN B 1 39 ? 9.110   -15.428 -1.342  1.00   31.43 ? 39  GLN B CG  1 
ATOM   1049 C CD  . GLN B 1 39 ? 9.863   -16.449 -2.182  1.00   33.27 ? 39  GLN B CD  1 
ATOM   1050 O OE1 . GLN B 1 39 ? 10.999  -16.212 -2.590  1.00   35.91 ? 39  GLN B OE1 1 
ATOM   1051 N NE2 . GLN B 1 39 ? 9.229   -17.582 -2.446  1.00   36.26 ? 39  GLN B NE2 1 
ATOM   1052 N N   . LYS B 1 40 ? 11.071  -12.646 1.738   1.00   20.34 ? 40  LYS B N   1 
ATOM   1053 C CA  . LYS B 1 40 ? 12.014  -12.310 2.788   1.00   20.34 ? 40  LYS B CA  1 
ATOM   1054 C C   . LYS B 1 40 ? 11.495  -11.306 3.810   1.00   20.19 ? 40  LYS B C   1 
ATOM   1055 O O   . LYS B 1 40 ? 11.721  -11.464 5.006   1.00   21.74 ? 40  LYS B O   1 
ATOM   1056 C CB  . LYS B 1 40 ? 13.309  -11.751 2.189   1.00   20.70 ? 40  LYS B CB  1 
ATOM   1057 C CG  . LYS B 1 40 ? 14.085  -12.714 1.309   1.00   21.98 ? 40  LYS B CG  1 
ATOM   1058 C CD  . LYS B 1 40 ? 15.418  -12.101 0.932   1.00   22.95 ? 40  LYS B CD  1 
ATOM   1059 C CE  . LYS B 1 40 ? 16.261  -13.052 0.100   1.00   23.83 ? 40  LYS B CE  1 
ATOM   1060 N NZ  . LYS B 1 40 ? 17.586  -12.438 -0.188  1.00   24.40 ? 40  LYS B NZ  1 
ATOM   1061 N N   . GLU B 1 41 ? 10.798  -10.277 3.338   1.00   20.40 ? 41  GLU B N   1 
ATOM   1062 C CA  . GLU B 1 41 ? 10.308  -9.229  4.229   1.00   20.73 ? 41  GLU B CA  1 
ATOM   1063 C C   . GLU B 1 41 ? 8.962   -9.497  4.908   1.00   20.63 ? 41  GLU B C   1 
ATOM   1064 O O   . GLU B 1 41 ? 8.620   -8.834  5.894   1.00   18.55 ? 41  GLU B O   1 
ATOM   1065 C CB  . GLU B 1 41 ? 10.248  -7.900  3.471   1.00   22.29 ? 41  GLU B CB  1 
ATOM   1066 C CG  . GLU B 1 41 ? 11.563  -7.508  2.787   1.00   24.62 ? 41  GLU B CG  1 
ATOM   1067 C CD  . GLU B 1 41 ? 12.753  -7.503  3.733   1.00   29.03 ? 41  GLU B CD  1 
ATOM   1068 O OE1 . GLU B 1 41 ? 12.565  -7.182  4.924   1.00   29.73 ? 41  GLU B OE1 1 
ATOM   1069 O OE2 . GLU B 1 41 ? 13.882  -7.804  3.284   1.00   28.63 ? 41  GLU B OE2 1 
ATOM   1070 N N   . LEU B 1 42 ? 8.198   -10.445 4.372   1.00   19.58 ? 42  LEU B N   1 
ATOM   1071 C CA  . LEU B 1 42 ? 6.905   -10.824 4.947   1.00   19.99 ? 42  LEU B CA  1 
ATOM   1072 C C   . LEU B 1 42 ? 6.918   -12.339 5.123   1.00   19.25 ? 42  LEU B C   1 
ATOM   1073 O O   . LEU B 1 42 ? 5.904   -13.010 4.924   1.00   19.80 ? 42  LEU B O   1 
ATOM   1074 C CB  . LEU B 1 42 ? 5.752   -10.439 4.020   1.00   21.32 ? 42  LEU B CB  1 
ATOM   1075 C CG  . LEU B 1 42 ? 5.460   -8.955  3.783   1.00   22.37 ? 42  LEU B CG  1 
ATOM   1076 C CD1 . LEU B 1 42 ? 4.249   -8.826  2.870   1.00   23.27 ? 42  LEU B CD1 1 
ATOM   1077 C CD2 . LEU B 1 42 ? 5.192   -8.253  5.110   1.00   22.04 ? 42  LEU B CD2 1 
ATOM   1078 N N   . ALA B 1 43 ? 8.078   -12.851 5.520   1.00   21.70 ? 43  ALA B N   1 
ATOM   1079 C CA  . ALA B 1 43 ? 8.304   -14.284 5.703   1.00   23.84 ? 43  ALA B CA  1 
ATOM   1080 C C   . ALA B 1 43 ? 7.336   -15.049 6.613   1.00   26.46 ? 43  ALA B C   1 
ATOM   1081 O O   . ALA B 1 43 ? 7.062   -16.225 6.368   1.00   26.43 ? 43  ALA B O   1 
ATOM   1082 C CB  . ALA B 1 43 ? 9.743   -14.509 6.184   1.00   24.65 ? 43  ALA B CB  1 
ATOM   1083 N N   . THR B 1 44 ? 6.819   -14.402 7.657   1.00   27.35 ? 44  THR B N   1 
ATOM   1084 C CA  . THR B 1 44 ? 5.914   -15.089 8.581   1.00   27.07 ? 44  THR B CA  1 
ATOM   1085 C C   . THR B 1 44 ? 4.452   -15.032 8.167   1.00   27.65 ? 44  THR B C   1 
ATOM   1086 O O   . THR B 1 44 ? 3.609   -15.739 8.727   1.00   27.60 ? 44  THR B O   1 
ATOM   1087 C CB  . THR B 1 44 ? 6.038   -14.525 10.007  1.00   28.71 ? 44  THR B CB  1 
ATOM   1088 O OG1 . THR B 1 44 ? 5.475   -13.208 10.056  1.00   30.27 ? 44  THR B OG1 1 
ATOM   1089 C CG2 . THR B 1 44 ? 7.503   -14.461 10.424  1.00   28.18 ? 44  THR B CG2 1 
ATOM   1090 N N   . TRP B 1 45 ? 4.140   -14.188 7.195   1.00   20.41 ? 45  TRP B N   1 
ATOM   1091 C CA  . TRP B 1 45 ? 2.769   -14.066 6.729   1.00   24.48 ? 45  TRP B CA  1 
ATOM   1092 C C   . TRP B 1 45 ? 2.371   -15.251 5.861   1.00   25.69 ? 45  TRP B C   1 
ATOM   1093 O O   . TRP B 1 45 ? 3.023   -15.549 4.859   1.00   26.75 ? 45  TRP B O   1 
ATOM   1094 C CB  . TRP B 1 45 ? 2.585   -12.751 5.964   1.00   24.15 ? 45  TRP B CB  1 
ATOM   1095 C CG  . TRP B 1 45 ? 2.479   -11.569 6.874   1.00   24.68 ? 45  TRP B CG  1 
ATOM   1096 C CD1 . TRP B 1 45 ? 3.172   -11.362 8.036   1.00   24.14 ? 45  TRP B CD1 1 
ATOM   1097 C CD2 . TRP B 1 45 ? 1.621   -10.434 6.713   1.00   23.38 ? 45  TRP B CD2 1 
ATOM   1098 N NE1 . TRP B 1 45 ? 2.794   -10.172 8.610   1.00   22.87 ? 45  TRP B NE1 1 
ATOM   1099 C CE2 . TRP B 1 45 ? 1.843   -9.581  7.818   1.00   22.94 ? 45  TRP B CE2 1 
ATOM   1100 C CE3 . TRP B 1 45 ? 0.684   -10.054 5.743   1.00   26.10 ? 45  TRP B CE3 1 
ATOM   1101 C CZ2 . TRP B 1 45 ? 1.161   -8.370  7.981   1.00   23.30 ? 45  TRP B CZ2 1 
ATOM   1102 C CZ3 . TRP B 1 45 ? 0.003   -8.844  5.906   1.00   26.52 ? 45  TRP B CZ3 1 
ATOM   1103 C CH2 . TRP B 1 45 ? 0.248   -8.020  7.018   1.00   25.46 ? 45  TRP B CH2 1 
ATOM   1104 N N   . THR B 1 46 ? 1.298   -15.923 6.269   1.00   27.92 ? 46  THR B N   1 
ATOM   1105 C CA  . THR B 1 46 ? 0.777   -17.084 5.561   1.00   30.20 ? 46  THR B CA  1 
ATOM   1106 C C   . THR B 1 46 ? -0.726  -16.933 5.349   1.00   31.22 ? 46  THR B C   1 
ATOM   1107 O O   . THR B 1 46 ? -1.409  -16.260 6.120   1.00   31.23 ? 46  THR B O   1 
ATOM   1108 C CB  . THR B 1 46 ? 1.043   -18.387 6.349   1.00   35.23 ? 46  THR B CB  1 
ATOM   1109 O OG1 . THR B 1 46 ? 0.413   -18.310 7.633   1.00   35.35 ? 46  THR B OG1 1 
ATOM   1110 C CG2 . THR B 1 46 ? 2.537   -18.600 6.535   1.00   34.90 ? 46  THR B CG2 1 
ATOM   1111 N N   . PRO B 1 47 ? -1.261  -17.575 4.303   1.00   33.85 ? 47  PRO B N   1 
ATOM   1112 C CA  . PRO B 1 47 ? -2.683  -17.538 3.944   1.00   34.35 ? 47  PRO B CA  1 
ATOM   1113 C C   . PRO B 1 47 ? -3.632  -18.000 5.040   1.00   36.76 ? 47  PRO B C   1 
ATOM   1114 O O   . PRO B 1 47 ? -3.288  -18.847 5.869   1.00   36.49 ? 47  PRO B O   1 
ATOM   1115 C CB  . PRO B 1 47 ? -2.764  -18.462 2.732   1.00   35.90 ? 47  PRO B CB  1 
ATOM   1116 C CG  . PRO B 1 47 ? -1.409  -18.415 2.165   1.00   36.35 ? 47  PRO B CG  1 
ATOM   1117 C CD  . PRO B 1 47 ? -0.512  -18.421 3.360   1.00   35.58 ? 47  PRO B CD  1 
ATOM   1118 N N   . THR B 1 48 ? -4.833  -17.434 5.034   1.00   33.67 ? 48  THR B N   1 
ATOM   1119 C CA  . THR B 1 48 ? -5.852  -17.819 5.995   1.00   35.84 ? 48  THR B CA  1 
ATOM   1120 C C   . THR B 1 48 ? -6.533  -19.055 5.414   1.00   39.58 ? 48  THR B C   1 
ATOM   1121 O O   . THR B 1 48 ? -6.364  -19.363 4.232   1.00   37.84 ? 48  THR B O   1 
ATOM   1122 C CB  . THR B 1 48 ? -6.883  -16.694 6.205   1.00   33.71 ? 48  THR B CB  1 
ATOM   1123 O OG1 . THR B 1 48 ? -7.251  -16.139 4.938   1.00   29.81 ? 48  THR B OG1 1 
ATOM   1124 C CG2 . THR B 1 48 ? -6.305  -15.603 7.097   1.00   31.42 ? 48  THR B CG2 1 
ATOM   1125 N N   . GLU B 1 49 ? -7.296  -19.754 6.247   1.00   52.27 ? 49  GLU B N   1 
ATOM   1126 C CA  . GLU B 1 49 ? -7.985  -20.982 5.853   1.00   57.17 ? 49  GLU B CA  1 
ATOM   1127 C C   . GLU B 1 49 ? -8.644  -21.021 4.471   1.00   58.87 ? 49  GLU B C   1 
ATOM   1128 O O   . GLU B 1 49 ? -8.727  -22.088 3.863   1.00   60.33 ? 49  GLU B O   1 
ATOM   1129 C CB  . GLU B 1 49 ? -9.037  -21.352 6.911   1.00   75.98 ? 49  GLU B CB  1 
ATOM   1130 C CG  . GLU B 1 49 ? -10.287 -20.920 6.930   0.0000 1.00  ? 49  GLU B CG  1 
ATOM   1131 C CD  . GLU B 1 49 ? -10.418 -19.410 6.790   0.0000 1.00  ? 49  GLU B CD  1 
ATOM   1132 O OE1 . GLU B 1 49 ? -11.545 -18.953 6.511   0.0000 1.00  ? 49  GLU B OE1 1 
ATOM   1133 O OE2 . GLU B 1 49 ? -9.418  -18.679 6.958   0.0000 1.00  ? 49  GLU B OE2 1 
ATOM   1134 N N   . PHE B 1 50 ? -9.105  -19.879 3.968   1.00   54.65 ? 50  PHE B N   1 
ATOM   1135 C CA  . PHE B 1 50 ? -9.783  -19.859 2.670   1.00   56.37 ? 50  PHE B CA  1 
ATOM   1136 C C   . PHE B 1 50 ? -9.013  -19.306 1.468   1.00   55.75 ? 50  PHE B C   1 
ATOM   1137 O O   . PHE B 1 50 ? -9.182  -19.792 0.350   1.00   56.18 ? 50  PHE B O   1 
ATOM   1138 C CB  . PHE B 1 50 ? -11.109 -19.103 2.796   1.00   74.92 ? 50  PHE B CB  1 
ATOM   1139 C CG  . PHE B 1 50 ? -11.957 -19.160 1.556   1.00   78.08 ? 50  PHE B CG  1 
ATOM   1140 C CD1 . PHE B 1 50 ? -12.497 -20.369 1.123   1.00   79.08 ? 50  PHE B CD1 1 
ATOM   1141 C CD2 . PHE B 1 50 ? -12.209 -18.010 0.814   1.00   79.25 ? 50  PHE B CD2 1 
ATOM   1142 C CE1 . PHE B 1 50 ? -13.274 -20.433 -0.033  1.00   79.67 ? 50  PHE B CE1 1 
ATOM   1143 C CE2 . PHE B 1 50 ? -12.985 -18.063 -0.344  1.00   80.02 ? 50  PHE B CE2 1 
ATOM   1144 C CZ  . PHE B 1 50 ? -13.518 -19.278 -0.767  1.00   80.23 ? 50  PHE B CZ  1 
ATOM   1145 N N   . ARG B 1 51 ? -8.179  -18.295 1.687   1.00   50.74 ? 51  ARG B N   1 
ATOM   1146 C CA  . ARG B 1 51 ? -7.420  -17.681 0.595   1.00   49.65 ? 51  ARG B CA  1 
ATOM   1147 C C   . ARG B 1 51 ? -6.132  -18.420 0.241   1.00   49.28 ? 51  ARG B C   1 
ATOM   1148 O O   . ARG B 1 51 ? -5.258  -17.872 -0.429  1.00   48.40 ? 51  ARG B O   1 
ATOM   1149 C CB  . ARG B 1 51 ? -7.086  -16.229 0.947   1.00   55.44 ? 51  ARG B CB  1 
ATOM   1150 C CG  . ARG B 1 51 ? -8.303  -15.345 1.152   1.00   55.91 ? 51  ARG B CG  1 
ATOM   1151 C CD  . ARG B 1 51 ? -9.126  -15.235 -0.122  1.00   56.83 ? 51  ARG B CD  1 
ATOM   1152 N NE  . ARG B 1 51 ? -10.330 -14.436 0.080   1.00   58.20 ? 51  ARG B NE  1 
ATOM   1153 C CZ  . ARG B 1 51 ? -11.225 -14.177 -0.868  1.00   59.11 ? 51  ARG B CZ  1 
ATOM   1154 N NH1 . ARG B 1 51 ? -11.058 -14.654 -2.095  1.00   59.35 ? 51  ARG B NH1 1 
ATOM   1155 N NH2 . ARG B 1 51 ? -12.291 -13.440 -0.587  1.00   58.58 ? 51  ARG B NH2 1 
ATOM   1156 N N   . GLU B 1 52 ? -6.025  -19.667 0.681   1.00   46.59 ? 52  GLU B N   1 
ATOM   1157 C CA  . GLU B 1 52 ? -4.839  -20.473 0.423   1.00   46.54 ? 52  GLU B CA  1 
ATOM   1158 C C   . GLU B 1 52 ? -4.562  -20.622 -1.075  1.00   46.56 ? 52  GLU B C   1 
ATOM   1159 O O   . GLU B 1 52 ? -3.433  -20.427 -1.528  1.00   46.37 ? 52  GLU B O   1 
ATOM   1160 C CB  . GLU B 1 52 ? -5.010  -21.846 1.074   1.00   63.16 ? 52  GLU B CB  1 
ATOM   1161 C CG  . GLU B 1 52 ? -3.718  -22.614 1.282   1.00   64.81 ? 52  GLU B CG  1 
ATOM   1162 C CD  . GLU B 1 52 ? -3.903  -23.796 2.214   1.00   66.41 ? 52  GLU B CD  1 
ATOM   1163 O OE1 . GLU B 1 52 ? -4.739  -24.671 1.906   1.00   67.31 ? 52  GLU B OE1 1 
ATOM   1164 O OE2 . GLU B 1 52 ? -3.214  -23.845 3.256   1.00   67.20 ? 52  GLU B OE2 1 
ATOM   1165 N N   . CYS B 1 53 ? -5.595  -20.957 -1.840  1.00   58.17 ? 53  CYS B N   1 
ATOM   1166 C CA  . CYS B 1 53 ? -5.456  -21.126 -3.283  1.00   57.87 ? 53  CYS B CA  1 
ATOM   1167 C C   . CYS B 1 53 ? -4.991  -19.828 -3.937  1.00   56.56 ? 53  CYS B C   1 
ATOM   1168 O O   . CYS B 1 53 ? -3.975  -19.802 -4.634  1.00   56.00 ? 53  CYS B O   1 
ATOM   1169 C CB  . CYS B 1 53 ? -6.791  -21.561 -3.893  1.00   67.56 ? 53  CYS B CB  1 
ATOM   1170 S SG  . CYS B 1 53 ? -6.746  -21.864 -5.679  1.00   71.23 ? 53  CYS B SG  1 
ATOM   1171 N N   . ASP B 1 54 ? -5.745  -18.759 -3.703  1.00   51.85 ? 54  ASP B N   1 
ATOM   1172 C CA  . ASP B 1 54 ? -5.438  -17.441 -4.255  1.00   49.50 ? 54  ASP B CA  1 
ATOM   1173 C C   . ASP B 1 54 ? -3.982  -17.067 -4.001  1.00   46.97 ? 54  ASP B C   1 
ATOM   1174 O O   . ASP B 1 54 ? -3.269  -16.639 -4.908  1.00   46.39 ? 54  ASP B O   1 
ATOM   1175 C CB  . ASP B 1 54 ? -6.345  -16.388 -3.617  1.00   60.49 ? 54  ASP B CB  1 
ATOM   1176 C CG  . ASP B 1 54 ? -7.809  -16.754 -3.702  1.00   61.27 ? 54  ASP B CG  1 
ATOM   1177 O OD1 . ASP B 1 54 ? -8.169  -17.861 -3.248  1.00   63.56 ? 54  ASP B OD1 1 
ATOM   1178 O OD2 . ASP B 1 54 ? -8.601  -15.935 -4.215  1.00   62.82 ? 54  ASP B OD2 1 
ATOM   1179 N N   . TYR B 1 55 ? -3.552  -17.229 -2.755  1.00   40.11 ? 55  TYR B N   1 
ATOM   1180 C CA  . TYR B 1 55 ? -2.188  -16.912 -2.361  1.00   37.57 ? 55  TYR B CA  1 
ATOM   1181 C C   . TYR B 1 55 ? -1.170  -17.712 -3.166  1.00   37.72 ? 55  TYR B C   1 
ATOM   1182 O O   . TYR B 1 55 ? -0.326  -17.139 -3.857  1.00   36.48 ? 55  TYR B O   1 
ATOM   1183 C CB  . TYR B 1 55 ? -1.991  -17.212 -0.878  1.00   37.50 ? 55  TYR B CB  1 
ATOM   1184 C CG  . TYR B 1 55 ? -0.584  -16.969 -0.385  1.00   35.01 ? 55  TYR B CG  1 
ATOM   1185 C CD1 . TYR B 1 55 ? -0.212  -15.732 0.139   1.00   34.49 ? 55  TYR B CD1 1 
ATOM   1186 C CD2 . TYR B 1 55 ? 0.376   -17.981 -0.432  1.00   34.88 ? 55  TYR B CD2 1 
ATOM   1187 C CE1 . TYR B 1 55 ? 1.079   -15.511 0.608   1.00   32.71 ? 55  TYR B CE1 1 
ATOM   1188 C CE2 . TYR B 1 55 ? 1.666   -17.770 0.032   1.00   33.30 ? 55  TYR B CE2 1 
ATOM   1189 C CZ  . TYR B 1 55 ? 2.012   -16.533 0.551   1.00   33.70 ? 55  TYR B CZ  1 
ATOM   1190 O OH  . TYR B 1 55 ? 3.289   -16.319 1.008   1.00   30.87 ? 55  TYR B OH  1 
ATOM   1191 N N   . ASN B 1 56 ? -1.244  -19.038 -3.052  1.00   34.33 ? 56  ASN B N   1 
ATOM   1192 C CA  . ASN B 1 56 ? -0.328  -19.928 -3.761  1.00   34.53 ? 56  ASN B CA  1 
ATOM   1193 C C   . ASN B 1 56 ? -0.164  -19.499 -5.211  1.00   33.79 ? 56  ASN B C   1 
ATOM   1194 O O   . ASN B 1 56 ? 0.953   -19.475 -5.740  1.00   32.33 ? 56  ASN B O   1 
ATOM   1195 C CB  . ASN B 1 56 ? -0.835  -21.372 -3.719  1.00   55.66 ? 56  ASN B CB  1 
ATOM   1196 C CG  . ASN B 1 56 ? -0.832  -21.954 -2.323  1.00   58.73 ? 56  ASN B CG  1 
ATOM   1197 O OD1 . ASN B 1 56 ? 0.180   -21.910 -1.619  1.00   60.28 ? 56  ASN B OD1 1 
ATOM   1198 N ND2 . ASN B 1 56 ? -1.963  -22.519 -1.915  1.00   60.68 ? 56  ASN B ND2 1 
ATOM   1199 N N   . LYS B 1 57 ? -1.282  -19.167 -5.850  1.00   37.67 ? 57  LYS B N   1 
ATOM   1200 C CA  . LYS B 1 57 ? -1.272  -18.736 -7.242  1.00   38.73 ? 57  LYS B CA  1 
ATOM   1201 C C   . LYS B 1 57 ? -0.544  -17.411 -7.401  1.00   38.01 ? 57  LYS B C   1 
ATOM   1202 O O   . LYS B 1 57 ? 0.354   -17.282 -8.234  1.00   37.75 ? 57  LYS B O   1 
ATOM   1203 C CB  . LYS B 1 57 ? -2.702  -18.581 -7.769  1.00   56.75 ? 57  LYS B CB  1 
ATOM   1204 C CG  . LYS B 1 57 ? -3.450  -19.888 -7.988  1.00   59.99 ? 57  LYS B CG  1 
ATOM   1205 C CD  . LYS B 1 57 ? -4.812  -19.627 -8.626  1.00   61.62 ? 57  LYS B CD  1 
ATOM   1206 C CE  . LYS B 1 57 ? -5.534  -20.925 -8.964  1.00   64.16 ? 57  LYS B CE  1 
ATOM   1207 N NZ  . LYS B 1 57 ? -6.858  -20.681 -9.605  1.00   64.09 ? 57  LYS B NZ  1 
ATOM   1208 N N   . PHE B 1 58 ? -0.946  -16.427 -6.600  1.00   34.39 ? 58  PHE B N   1 
ATOM   1209 C CA  . PHE B 1 58 ? -0.349  -15.101 -6.642  1.00   32.51 ? 58  PHE B CA  1 
ATOM   1210 C C   . PHE B 1 58 ? 1.173   -15.183 -6.623  1.00   31.37 ? 58  PHE B C   1 
ATOM   1211 O O   . PHE B 1 58 ? 1.848   -14.556 -7.441  1.00   32.80 ? 58  PHE B O   1 
ATOM   1212 C CB  . PHE B 1 58 ? -0.829  -14.267 -5.451  1.00   34.61 ? 58  PHE B CB  1 
ATOM   1213 C CG  . PHE B 1 58 ? -0.367  -12.836 -5.488  1.00   35.04 ? 58  PHE B CG  1 
ATOM   1214 C CD1 . PHE B 1 58 ? -1.042  -11.894 -6.254  1.00   34.82 ? 58  PHE B CD1 1 
ATOM   1215 C CD2 . PHE B 1 58 ? 0.763   -12.440 -4.782  1.00   35.09 ? 58  PHE B CD2 1 
ATOM   1216 C CE1 . PHE B 1 58 ? -0.598  -10.572 -6.317  1.00   35.92 ? 58  PHE B CE1 1 
ATOM   1217 C CE2 . PHE B 1 58 ? 1.215   -11.120 -4.839  1.00   35.54 ? 58  PHE B CE2 1 
ATOM   1218 C CZ  . PHE B 1 58 ? 0.531   -10.185 -5.609  1.00   34.80 ? 58  PHE B CZ  1 
ATOM   1219 N N   . MET B 1 59 ? 1.710   -15.962 -5.689  1.00   32.11 ? 59  MET B N   1 
ATOM   1220 C CA  . MET B 1 59 ? 3.154   -16.114 -5.560  1.00   32.16 ? 59  MET B CA  1 
ATOM   1221 C C   . MET B 1 59 ? 3.771   -16.874 -6.730  1.00   33.48 ? 59  MET B C   1 
ATOM   1222 O O   . MET B 1 59 ? 4.873   -16.549 -7.178  1.00   31.96 ? 59  MET B O   1 
ATOM   1223 C CB  . MET B 1 59 ? 3.487   -16.825 -4.246  1.00   35.31 ? 59  MET B CB  1 
ATOM   1224 C CG  . MET B 1 59 ? 3.049   -16.065 -3.005  1.00   33.48 ? 59  MET B CG  1 
ATOM   1225 S SD  . MET B 1 59 ? 3.796   -14.421 -2.908  1.00   36.80 ? 59  MET B SD  1 
ATOM   1226 C CE  . MET B 1 59 ? 5.364   -14.814 -2.171  1.00   36.74 ? 59  MET B CE  1 
ATOM   1227 N N   . SER B 1 60 ? 3.056   -17.881 -7.224  1.00   36.37 ? 60  SER B N   1 
ATOM   1228 C CA  . SER B 1 60 ? 3.537   -18.688 -8.342  1.00   38.48 ? 60  SER B CA  1 
ATOM   1229 C C   . SER B 1 60 ? 3.601   -17.859 -9.619  1.00   37.40 ? 60  SER B C   1 
ATOM   1230 O O   . SER B 1 60 ? 4.569   -17.938 -10.378 1.00   37.32 ? 60  SER B O   1 
ATOM   1231 C CB  . SER B 1 60 ? 2.614   -19.891 -8.557  1.00   58.03 ? 60  SER B CB  1 
ATOM   1232 O OG  . SER B 1 60 ? 3.066   -20.690 -9.635  1.00   64.49 ? 60  SER B OG  1 
ATOM   1233 N N   . VAL B 1 61 ? 2.558   -17.070 -9.847  1.00   34.94 ? 61  VAL B N   1 
ATOM   1234 C CA  . VAL B 1 61 ? 2.464   -16.212 -11.021 1.00   34.67 ? 61  VAL B CA  1 
ATOM   1235 C C   . VAL B 1 61 ? 3.679   -15.299 -11.171 1.00   33.14 ? 61  VAL B C   1 
ATOM   1236 O O   . VAL B 1 61 ? 4.155   -15.059 -12.282 1.00   31.72 ? 61  VAL B O   1 
ATOM   1237 C CB  . VAL B 1 61 ? 1.197   -15.329 -10.954 1.00   51.92 ? 61  VAL B CB  1 
ATOM   1238 C CG1 . VAL B 1 61 ? 1.189   -14.327 -12.096 1.00   53.64 ? 61  VAL B CG1 1 
ATOM   1239 C CG2 . VAL B 1 61 ? -0.042  -16.202 -11.014 1.00   54.87 ? 61  VAL B CG2 1 
ATOM   1240 N N   . LEU B 1 62 ? 4.174   -14.787 -10.049 1.00   28.85 ? 62  LEU B N   1 
ATOM   1241 C CA  . LEU B 1 62 ? 5.327   -13.897 -10.074 1.00   26.78 ? 62  LEU B CA  1 
ATOM   1242 C C   . LEU B 1 62 ? 6.534   -14.552 -10.722 1.00   26.21 ? 62  LEU B C   1 
ATOM   1243 O O   . LEU B 1 62 ? 7.416   -13.863 -11.237 1.00   27.19 ? 62  LEU B O   1 
ATOM   1244 C CB  . LEU B 1 62 ? 5.685   -13.442 -8.655  1.00   27.57 ? 62  LEU B CB  1 
ATOM   1245 C CG  . LEU B 1 62 ? 4.694   -12.458 -8.028  1.00   27.43 ? 62  LEU B CG  1 
ATOM   1246 C CD1 . LEU B 1 62 ? 5.070   -12.194 -6.579  1.00   25.17 ? 62  LEU B CD1 1 
ATOM   1247 C CD2 . LEU B 1 62 ? 4.686   -11.155 -8.827  1.00   26.87 ? 62  LEU B CD2 1 
ATOM   1248 N N   . ASP B 1 63 ? 6.574   -15.881 -10.704 1.00   24.19 ? 63  ASP B N   1 
ATOM   1249 C CA  . ASP B 1 63 ? 7.692   -16.605 -11.295 1.00   24.36 ? 63  ASP B CA  1 
ATOM   1250 C C   . ASP B 1 63 ? 7.598   -16.821 -12.798 1.00   23.11 ? 63  ASP B C   1 
ATOM   1251 O O   . ASP B 1 63 ? 8.590   -17.190 -13.425 1.00   24.07 ? 63  ASP B O   1 
ATOM   1252 C CB  . ASP B 1 63 ? 7.866   -17.968 -10.617 1.00   33.80 ? 63  ASP B CB  1 
ATOM   1253 C CG  . ASP B 1 63 ? 8.465   -17.859 -9.233  1.00   38.42 ? 63  ASP B CG  1 
ATOM   1254 O OD1 . ASP B 1 63 ? 9.483   -17.154 -9.081  1.00   39.93 ? 63  ASP B OD1 1 
ATOM   1255 O OD2 . ASP B 1 63 ? 7.928   -18.487 -8.298  1.00   43.35 ? 63  ASP B OD2 1 
ATOM   1256 N N   . THR B 1 64 ? 6.423   -16.593 -13.381 1.00   23.89 ? 64  THR B N   1 
ATOM   1257 C CA  . THR B 1 64 ? 6.249   -16.808 -14.817 1.00   25.33 ? 64  THR B CA  1 
ATOM   1258 C C   . THR B 1 64 ? 6.899   -15.763 -15.722 1.00   25.24 ? 64  THR B C   1 
ATOM   1259 O O   . THR B 1 64 ? 7.148   -16.029 -16.897 1.00   25.23 ? 64  THR B O   1 
ATOM   1260 C CB  . THR B 1 64 ? 4.751   -16.943 -15.198 1.00   26.69 ? 64  THR B CB  1 
ATOM   1261 O OG1 . THR B 1 64 ? 4.057   -15.720 -14.922 1.00   29.48 ? 64  THR B OG1 1 
ATOM   1262 C CG2 . THR B 1 64 ? 4.115   -18.076 -14.420 1.00   29.14 ? 64  THR B CG2 1 
ATOM   1263 N N   . ASN B 1 65 ? 7.181   -14.584 -15.176 1.00   26.51 ? 65  ASN B N   1 
ATOM   1264 C CA  . ASN B 1 65 ? 7.819   -13.515 -15.938 1.00   25.90 ? 65  ASN B CA  1 
ATOM   1265 C C   . ASN B 1 65 ? 8.678   -12.707 -14.972 1.00   26.88 ? 65  ASN B C   1 
ATOM   1266 O O   . ASN B 1 65 ? 8.368   -11.557 -14.645 1.00   27.67 ? 65  ASN B O   1 
ATOM   1267 C CB  . ASN B 1 65 ? 6.763   -12.621 -16.595 1.00   32.10 ? 65  ASN B CB  1 
ATOM   1268 C CG  . ASN B 1 65 ? 7.360   -11.656 -17.604 1.00   33.22 ? 65  ASN B CG  1 
ATOM   1269 O OD1 . ASN B 1 65 ? 8.557   -11.699 -17.886 1.00   36.91 ? 65  ASN B OD1 1 
ATOM   1270 N ND2 . ASN B 1 65 ? 6.526   -10.783 -18.154 1.00   37.07 ? 65  ASN B ND2 1 
ATOM   1271 N N   . LYS B 1 66 ? 9.761   -13.332 -14.524 1.00   23.67 ? 66  LYS B N   1 
ATOM   1272 C CA  . LYS B 1 66 ? 10.685  -12.741 -13.564 1.00   22.52 ? 66  LYS B CA  1 
ATOM   1273 C C   . LYS B 1 66 ? 11.271  -11.378 -13.930 1.00   23.76 ? 66  LYS B C   1 
ATOM   1274 O O   . LYS B 1 66 ? 11.550  -10.567 -13.041 1.00   22.21 ? 66  LYS B O   1 
ATOM   1275 C CB  . LYS B 1 66 ? 11.823  -13.728 -13.279 1.00   23.09 ? 66  LYS B CB  1 
ATOM   1276 C CG  . LYS B 1 66 ? 11.353  -15.042 -12.650 1.00   24.16 ? 66  LYS B CG  1 
ATOM   1277 C CD  . LYS B 1 66 ? 12.529  -15.983 -12.403 1.00   26.52 ? 66  LYS B CD  1 
ATOM   1278 C CE  . LYS B 1 66 ? 12.081  -17.269 -11.725 1.00   28.74 ? 66  LYS B CE  1 
ATOM   1279 N NZ  . LYS B 1 66 ? 11.160  -18.064 -12.582 1.00   27.63 ? 66  LYS B NZ  1 
ATOM   1280 N N   . ASP B 1 67 ? 11.458  -11.117 -15.221 1.00   22.64 ? 67  ASP B N   1 
ATOM   1281 C CA  . ASP B 1 67 ? 12.038  -9.844  -15.650 1.00   23.82 ? 67  ASP B CA  1 
ATOM   1282 C C   . ASP B 1 67 ? 11.028  -8.707  -15.784 1.00   23.79 ? 67  ASP B C   1 
ATOM   1283 O O   . ASP B 1 67 ? 11.414  -7.546  -15.931 1.00   24.57 ? 67  ASP B O   1 
ATOM   1284 C CB  . ASP B 1 67 ? 12.771  -10.004 -16.990 1.00   26.07 ? 67  ASP B CB  1 
ATOM   1285 C CG  . ASP B 1 67 ? 13.911  -11.010 -16.929 1.00   28.19 ? 67  ASP B CG  1 
ATOM   1286 O OD1 . ASP B 1 67 ? 14.459  -11.246 -15.833 1.00   26.13 ? 67  ASP B OD1 1 
ATOM   1287 O OD2 . ASP B 1 67 ? 14.270  -11.560 -17.993 1.00   32.62 ? 67  ASP B OD2 1 
ATOM   1288 N N   . CYS B 1 68 ? 9.739   -9.039  -15.728 1.00   24.21 ? 68  CYS B N   1 
ATOM   1289 C CA  . CYS B 1 68 ? 8.679   -8.043  -15.869 1.00   26.39 ? 68  CYS B CA  1 
ATOM   1290 C C   . CYS B 1 68 ? 8.801   -6.895  -14.872 1.00   24.59 ? 68  CYS B C   1 
ATOM   1291 O O   . CYS B 1 68 ? 9.051   -7.106  -13.686 1.00   21.86 ? 68  CYS B O   1 
ATOM   1292 C CB  . CYS B 1 68 ? 7.309   -8.706  -15.721 1.00   30.38 ? 68  CYS B CB  1 
ATOM   1293 S SG  . CYS B 1 68 ? 5.928   -7.613  -16.134 1.00   40.26 ? 68  CYS B SG  1 
ATOM   1294 N N   . GLU B 1 69 ? 8.606   -5.679  -15.366 1.00   25.11 ? 69  GLU B N   1 
ATOM   1295 C CA  . GLU B 1 69 ? 8.711   -4.484  -14.541 1.00   24.79 ? 69  GLU B CA  1 
ATOM   1296 C C   . GLU B 1 69 ? 7.531   -4.325  -13.584 1.00   24.73 ? 69  GLU B C   1 
ATOM   1297 O O   . GLU B 1 69 ? 6.390   -4.640  -13.919 1.00   25.62 ? 69  GLU B O   1 
ATOM   1298 C CB  . GLU B 1 69 ? 8.822   -3.256  -15.448 1.00   35.86 ? 69  GLU B CB  1 
ATOM   1299 C CG  . GLU B 1 69 ? 9.684   -2.136  -14.894 1.00   41.92 ? 69  GLU B CG  1 
ATOM   1300 C CD  . GLU B 1 69 ? 9.972   -1.059  -15.929 1.00   44.26 ? 69  GLU B CD  1 
ATOM   1301 O OE1 . GLU B 1 69 ? 9.007   -0.446  -16.434 1.00   45.78 ? 69  GLU B OE1 1 
ATOM   1302 O OE2 . GLU B 1 69 ? 11.165  -0.829  -16.235 1.00   45.31 ? 69  GLU B OE2 1 
ATOM   1303 N N   . VAL B 1 70 ? 7.828   -3.828  -12.386 1.00   23.46 ? 70  VAL B N   1 
ATOM   1304 C CA  . VAL B 1 70 ? 6.833   -3.602  -11.346 1.00   20.80 ? 70  VAL B CA  1 
ATOM   1305 C C   . VAL B 1 70 ? 7.088   -2.204  -10.787 1.00   20.58 ? 70  VAL B C   1 
ATOM   1306 O O   . VAL B 1 70 ? 8.167   -1.951  -10.252 1.00   20.87 ? 70  VAL B O   1 
ATOM   1307 C CB  . VAL B 1 70 ? 7.000   -4.634  -10.200 1.00   18.99 ? 70  VAL B CB  1 
ATOM   1308 C CG1 . VAL B 1 70 ? 6.111   -4.273  -9.026  1.00   19.01 ? 70  VAL B CG1 1 
ATOM   1309 C CG2 . VAL B 1 70 ? 6.674   -6.040  -10.706 1.00   20.30 ? 70  VAL B CG2 1 
ATOM   1310 N N   . ASP B 1 71 ? 6.131   -1.289  -10.925 1.00   18.55 ? 71  ASP B N   1 
ATOM   1311 C CA  . ASP B 1 71 ? 6.350   0.046   -10.381 1.00   18.00 ? 71  ASP B CA  1 
ATOM   1312 C C   . ASP B 1 71 ? 5.923   0.142   -8.916  1.00   18.25 ? 71  ASP B C   1 
ATOM   1313 O O   . ASP B 1 71 ? 5.427   -0.822  -8.340  1.00   16.14 ? 71  ASP B O   1 
ATOM   1314 C CB  . ASP B 1 71 ? 5.674   1.143   -11.226 1.00   20.03 ? 71  ASP B CB  1 
ATOM   1315 C CG  . ASP B 1 71 ? 4.161   1.007   -11.315 1.00   23.88 ? 71  ASP B CG  1 
ATOM   1316 O OD1 . ASP B 1 71 ? 3.535   0.361   -10.450 1.00   23.72 ? 71  ASP B OD1 1 
ATOM   1317 O OD2 . ASP B 1 71 ? 3.589   1.589   -12.265 1.00   25.80 ? 71  ASP B OD2 1 
ATOM   1318 N N   . PHE B 1 72 ? 6.138   1.300   -8.305  1.00   17.96 ? 72  PHE B N   1 
ATOM   1319 C CA  . PHE B 1 72 ? 5.803   1.454   -6.897  1.00   19.78 ? 72  PHE B CA  1 
ATOM   1320 C C   . PHE B 1 72 ? 4.345   1.162   -6.568  1.00   19.22 ? 72  PHE B C   1 
ATOM   1321 O O   . PHE B 1 72 ? 4.046   0.470   -5.603  1.00   19.08 ? 72  PHE B O   1 
ATOM   1322 C CB  . PHE B 1 72 ? 6.161   2.855   -6.408  1.00   19.38 ? 72  PHE B CB  1 
ATOM   1323 C CG  . PHE B 1 72 ? 5.946   3.040   -4.938  1.00   16.26 ? 72  PHE B CG  1 
ATOM   1324 C CD1 . PHE B 1 72 ? 6.754   2.382   -4.016  1.00   18.12 ? 72  PHE B CD1 1 
ATOM   1325 C CD2 . PHE B 1 72 ? 4.910   3.837   -4.473  1.00   19.91 ? 72  PHE B CD2 1 
ATOM   1326 C CE1 . PHE B 1 72 ? 6.530   2.515   -2.644  1.00   18.25 ? 72  PHE B CE1 1 
ATOM   1327 C CE2 . PHE B 1 72 ? 4.674   3.978   -3.110  1.00   17.90 ? 72  PHE B CE2 1 
ATOM   1328 C CZ  . PHE B 1 72 ? 5.485   3.316   -2.190  1.00   17.97 ? 72  PHE B CZ  1 
ATOM   1329 N N   . VAL B 1 73 ? 3.431   1.689   -7.368  1.00   18.49 ? 73  VAL B N   1 
ATOM   1330 C CA  . VAL B 1 73 ? 2.020   1.464   -7.121  1.00   19.34 ? 73  VAL B CA  1 
ATOM   1331 C C   . VAL B 1 73 ? 1.666   -0.023  -7.159  1.00   16.52 ? 73  VAL B C   1 
ATOM   1332 O O   . VAL B 1 73 ? 0.870   -0.497  -6.347  1.00   16.41 ? 73  VAL B O   1 
ATOM   1333 C CB  . VAL B 1 73 ? 1.169   2.247   -8.138  1.00   22.84 ? 73  VAL B CB  1 
ATOM   1334 C CG1 . VAL B 1 73 ? -0.305  1.892   -7.984  1.00   24.88 ? 73  VAL B CG1 1 
ATOM   1335 C CG2 . VAL B 1 73 ? 1.371   3.743   -7.907  1.00   25.58 ? 73  VAL B CG2 1 
ATOM   1336 N N   . GLU B 1 74 ? 2.267   -0.767  -8.086  1.00   17.94 ? 74  GLU B N   1 
ATOM   1337 C CA  . GLU B 1 74 ? 1.988   -2.196  -8.183  1.00   19.07 ? 74  GLU B CA  1 
ATOM   1338 C C   . GLU B 1 74 ? 2.583   -2.940  -6.985  1.00   16.57 ? 74  GLU B C   1 
ATOM   1339 O O   . GLU B 1 74 ? 2.005   -3.912  -6.505  1.00   16.30 ? 74  GLU B O   1 
ATOM   1340 C CB  . GLU B 1 74 ? 2.546   -2.769  -9.489  1.00   29.05 ? 74  GLU B CB  1 
ATOM   1341 C CG  . GLU B 1 74 ? 2.375   -4.279  -9.636  1.00   36.63 ? 74  GLU B CG  1 
ATOM   1342 C CD  . GLU B 1 74 ? 0.929   -4.736  -9.492  1.00   42.77 ? 74  GLU B CD  1 
ATOM   1343 O OE1 . GLU B 1 74 ? 0.358   -4.590  -8.390  1.00   46.68 ? 74  GLU B OE1 1 
ATOM   1344 O OE2 . GLU B 1 74 ? 0.363   -5.245  -10.482 1.00   46.86 ? 74  GLU B OE2 1 
ATOM   1345 N N   . TYR B 1 75 ? 3.737   -2.485  -6.513  1.00   16.41 ? 75  TYR B N   1 
ATOM   1346 C CA  . TYR B 1 75 ? 4.379   -3.095  -5.348  1.00   16.25 ? 75  TYR B CA  1 
ATOM   1347 C C   . TYR B 1 75 ? 3.450   -2.951  -4.149  1.00   16.26 ? 75  TYR B C   1 
ATOM   1348 O O   . TYR B 1 75 ? 3.204   -3.906  -3.419  1.00   15.36 ? 75  TYR B O   1 
ATOM   1349 C CB  . TYR B 1 75 ? 5.718   -2.400  -5.071  1.00   16.41 ? 75  TYR B CB  1 
ATOM   1350 C CG  . TYR B 1 75 ? 6.168   -2.370  -3.624  1.00   14.88 ? 75  TYR B CG  1 
ATOM   1351 C CD1 . TYR B 1 75 ? 6.619   -3.520  -2.977  1.00   16.37 ? 75  TYR B CD1 1 
ATOM   1352 C CD2 . TYR B 1 75 ? 6.184   -1.164  -2.913  1.00   16.76 ? 75  TYR B CD2 1 
ATOM   1353 C CE1 . TYR B 1 75 ? 7.084   -3.470  -1.656  1.00   16.21 ? 75  TYR B CE1 1 
ATOM   1354 C CE2 . TYR B 1 75 ? 6.640   -1.102  -1.608  1.00   15.43 ? 75  TYR B CE2 1 
ATOM   1355 C CZ  . TYR B 1 75 ? 7.091   -2.253  -0.984  1.00   15.89 ? 75  TYR B CZ  1 
ATOM   1356 O OH  . TYR B 1 75 ? 7.566   -2.168  0.302   1.00   19.00 ? 75  TYR B OH  1 
ATOM   1357 N N   . VAL B 1 76 ? 2.916   -1.754  -3.954  1.00   16.51 ? 76  VAL B N   1 
ATOM   1358 C CA  . VAL B 1 76 ? 2.030   -1.534  -2.824  1.00   17.39 ? 76  VAL B CA  1 
ATOM   1359 C C   . VAL B 1 76 ? 0.741   -2.345  -2.982  1.00   17.88 ? 76  VAL B C   1 
ATOM   1360 O O   . VAL B 1 76 ? 0.211   -2.877  -2.008  1.00   19.10 ? 76  VAL B O   1 
ATOM   1361 C CB  . VAL B 1 76 ? 1.732   -0.035  -2.659  1.00   18.03 ? 76  VAL B CB  1 
ATOM   1362 C CG1 . VAL B 1 76 ? 0.853   0.189   -1.459  1.00   21.63 ? 76  VAL B CG1 1 
ATOM   1363 C CG2 . VAL B 1 76 ? 3.040   0.724   -2.479  1.00   19.03 ? 76  VAL B CG2 1 
ATOM   1364 N N   . ARG B 1 77 ? 0.246   -2.458  -4.210  1.00   18.28 ? 77  ARG B N   1 
ATOM   1365 C CA  . ARG B 1 77 ? -0.959  -3.250  -4.458  1.00   18.02 ? 77  ARG B CA  1 
ATOM   1366 C C   . ARG B 1 77 ? -0.707  -4.703  -4.048  1.00   17.04 ? 77  ARG B C   1 
ATOM   1367 O O   . ARG B 1 77 ? -1.590  -5.370  -3.502  1.00   17.03 ? 77  ARG B O   1 
ATOM   1368 C CB  . ARG B 1 77 ? -1.341  -3.194  -5.942  1.00   27.75 ? 77  ARG B CB  1 
ATOM   1369 C CG  . ARG B 1 77 ? -2.475  -4.134  -6.317  1.00   32.21 ? 77  ARG B CG  1 
ATOM   1370 C CD  . ARG B 1 77 ? -2.810  -4.042  -7.798  1.00   37.97 ? 77  ARG B CD  1 
ATOM   1371 N NE  . ARG B 1 77 ? -3.728  -5.102  -8.203  1.00   44.11 ? 77  ARG B NE  1 
ATOM   1372 C CZ  . ARG B 1 77 ? -3.389  -6.384  -8.312  1.00   45.57 ? 77  ARG B CZ  1 
ATOM   1373 N NH1 . ARG B 1 77 ? -2.147  -6.772  -8.052  1.00   48.25 ? 77  ARG B NH1 1 
ATOM   1374 N NH2 . ARG B 1 77 ? -4.293  -7.279  -8.684  1.00   48.62 ? 77  ARG B NH2 1 
ATOM   1375 N N   . SER B 1 78 ? 0.503   -5.192  -4.315  0.50   8.76  ? 78  SER B N   1 
ATOM   1376 C CA  . SER B 1 78 ? 0.856   -6.562  -3.965  0.50   9.44  ? 78  SER B CA  1 
ATOM   1377 C C   . SER B 1 78 ? 0.783   -6.732  -2.455  0.50   9.52  ? 78  SER B C   1 
ATOM   1378 O O   . SER B 1 78 ? 0.336   -7.766  -1.960  0.50   7.34  ? 78  SER B O   1 
ATOM   1379 C CB  . SER B 1 78 ? 2.263   -6.891  -4.467  0.50   14.47 ? 78  SER B CB  1 
ATOM   1380 O OG  . SER B 1 78 ? 2.333   -6.711  -5.872  0.50   20.31 ? 78  SER B OG  1 
ATOM   1381 N N   . LEU B 1 79 ? 1.218   -5.709  -1.727  1.00   17.32 ? 79  LEU B N   1 
ATOM   1382 C CA  . LEU B 1 79 ? 1.171   -5.749  -0.271  1.00   18.04 ? 79  LEU B CA  1 
ATOM   1383 C C   . LEU B 1 79 ? -0.283  -5.858  0.151   1.00   17.16 ? 79  LEU B C   1 
ATOM   1384 O O   . LEU B 1 79 ? -0.618  -6.635  1.030   1.00   18.91 ? 79  LEU B O   1 
ATOM   1385 C CB  . LEU B 1 79 ? 1.790   -4.483  0.338   1.00   17.90 ? 79  LEU B CB  1 
ATOM   1386 C CG  . LEU B 1 79 ? 3.275   -4.239  0.041   1.00   18.25 ? 79  LEU B CG  1 
ATOM   1387 C CD1 . LEU B 1 79 ? 3.743   -2.977  0.753   1.00   17.80 ? 79  LEU B CD1 1 
ATOM   1388 C CD2 . LEU B 1 79 ? 4.090   -5.447  0.499   1.00   19.47 ? 79  LEU B CD2 1 
ATOM   1389 N N   . ALA B 1 80 ? -1.146  -5.065  -0.484  1.00   17.17 ? 80  ALA B N   1 
ATOM   1390 C CA  . ALA B 1 80 ? -2.567  -5.084  -0.164  1.00   19.46 ? 80  ALA B CA  1 
ATOM   1391 C C   . ALA B 1 80 ? -3.167  -6.466  -0.401  1.00   20.03 ? 80  ALA B C   1 
ATOM   1392 O O   . ALA B 1 80 ? -3.913  -6.977  0.432   1.00   20.54 ? 80  ALA B O   1 
ATOM   1393 C CB  . ALA B 1 80 ? -3.307  -4.038  -0.996  1.00   19.71 ? 80  ALA B CB  1 
ATOM   1394 N N   . CYS B 1 81 ? -2.849  -7.069  -1.541  1.00   20.32 ? 81  CYS B N   1 
ATOM   1395 C CA  . CYS B 1 81 ? -3.374  -8.394  -1.844  1.00   21.32 ? 81  CYS B CA  1 
ATOM   1396 C C   . CYS B 1 81 ? -2.963  -9.380  -0.761  1.00   21.07 ? 81  CYS B C   1 
ATOM   1397 O O   . CYS B 1 81 ? -3.768  -10.198 -0.322  1.00   22.32 ? 81  CYS B O   1 
ATOM   1398 C CB  . CYS B 1 81 ? -2.869  -8.872  -3.210  1.00   21.10 ? 81  CYS B CB  1 
ATOM   1399 S SG  . CYS B 1 81 ? -3.572  -7.948  -4.588  1.00   29.60 ? 81  CYS B SG  1 
ATOM   1400 N N   . LEU B 1 82 ? -1.710  -9.297  -0.324  1.00   20.72 ? 82  LEU B N   1 
ATOM   1401 C CA  . LEU B 1 82 ? -1.217  -10.188 0.718   1.00   21.71 ? 82  LEU B CA  1 
ATOM   1402 C C   . LEU B 1 82 ? -1.998  -10.004 2.009   1.00   21.65 ? 82  LEU B C   1 
ATOM   1403 O O   . LEU B 1 82 ? -2.137  -10.943 2.786   1.00   19.45 ? 82  LEU B O   1 
ATOM   1404 C CB  . LEU B 1 82 ? 0.274   -9.952  0.968   1.00   25.06 ? 82  LEU B CB  1 
ATOM   1405 C CG  . LEU B 1 82 ? 1.218   -10.785 0.101   1.00   29.87 ? 82  LEU B CG  1 
ATOM   1406 C CD1 . LEU B 1 82 ? 1.163   -12.231 0.551   1.00   32.63 ? 82  LEU B CD1 1 
ATOM   1407 C CD2 . LEU B 1 82 ? 0.832   -10.663 -1.356  1.00   31.96 ? 82  LEU B CD2 1 
ATOM   1408 N N   . CYS B 1 83 ? -2.499  -8.795  2.246   1.00   19.78 ? 83  CYS B N   1 
ATOM   1409 C CA  . CYS B 1 83 ? -3.285  -8.565  3.452   1.00   19.51 ? 83  CYS B CA  1 
ATOM   1410 C C   . CYS B 1 83 ? -4.595  -9.327  3.312   1.00   19.98 ? 83  CYS B C   1 
ATOM   1411 O O   . CYS B 1 83 ? -5.033  -9.997  4.244   1.00   21.22 ? 83  CYS B O   1 
ATOM   1412 C CB  . CYS B 1 83 ? -3.575  -7.082  3.651   1.00   18.79 ? 83  CYS B CB  1 
ATOM   1413 S SG  . CYS B 1 83 ? -2.148  -6.128  4.141   1.00   21.26 ? 83  CYS B SG  1 
ATOM   1414 N N   . LEU B 1 84 ? -5.214  -9.226  2.137   1.00   22.58 ? 84  LEU B N   1 
ATOM   1415 C CA  . LEU B 1 84 ? -6.472  -9.921  1.885   1.00   24.10 ? 84  LEU B CA  1 
ATOM   1416 C C   . LEU B 1 84 ? -6.291  -11.429 2.018   1.00   25.98 ? 84  LEU B C   1 
ATOM   1417 O O   . LEU B 1 84 ? -7.206  -12.136 2.444   1.00   26.38 ? 84  LEU B O   1 
ATOM   1418 C CB  . LEU B 1 84 ? -6.993  -9.600  0.480   1.00   27.10 ? 84  LEU B CB  1 
ATOM   1419 C CG  . LEU B 1 84 ? -7.477  -8.183  0.174   1.00   26.48 ? 84  LEU B CG  1 
ATOM   1420 C CD1 . LEU B 1 84 ? -7.966  -8.130  -1.269  1.00   30.27 ? 84  LEU B CD1 1 
ATOM   1421 C CD2 . LEU B 1 84 ? -8.602  -7.788  1.128   1.00   28.67 ? 84  LEU B CD2 1 
ATOM   1422 N N   . TYR B 1 85 ? -5.106  -11.919 1.664   1.00   22.64 ? 85  TYR B N   1 
ATOM   1423 C CA  . TYR B 1 85 ? -4.825  -13.350 1.733   1.00   24.10 ? 85  TYR B CA  1 
ATOM   1424 C C   . TYR B 1 85 ? -4.356  -13.842 3.096   1.00   22.10 ? 85  TYR B C   1 
ATOM   1425 O O   . TYR B 1 85 ? -4.671  -14.962 3.492   1.00   23.60 ? 85  TYR B O   1 
ATOM   1426 C CB  . TYR B 1 85 ? -3.737  -13.738 0.726   1.00   26.36 ? 85  TYR B CB  1 
ATOM   1427 C CG  . TYR B 1 85 ? -4.019  -13.396 -0.717  1.00   31.33 ? 85  TYR B CG  1 
ATOM   1428 C CD1 . TYR B 1 85 ? -2.971  -13.284 -1.632  1.00   32.73 ? 85  TYR B CD1 1 
ATOM   1429 C CD2 . TYR B 1 85 ? -5.320  -13.191 -1.176  1.00   32.68 ? 85  TYR B CD2 1 
ATOM   1430 C CE1 . TYR B 1 85 ? -3.211  -12.973 -2.968  1.00   34.97 ? 85  TYR B CE1 1 
ATOM   1431 C CE2 . TYR B 1 85 ? -5.570  -12.881 -2.509  1.00   35.63 ? 85  TYR B CE2 1 
ATOM   1432 C CZ  . TYR B 1 85 ? -4.511  -12.773 -3.398  1.00   35.80 ? 85  TYR B CZ  1 
ATOM   1433 O OH  . TYR B 1 85 ? -4.751  -12.455 -4.712  1.00   38.69 ? 85  TYR B OH  1 
ATOM   1434 N N   . CYS B 1 86 ? -3.605  -13.009 3.813   1.00   20.87 ? 86  CYS B N   1 
ATOM   1435 C CA  . CYS B 1 86 ? -3.034  -13.442 5.080   1.00   19.61 ? 86  CYS B CA  1 
ATOM   1436 C C   . CYS B 1 86 ? -3.497  -12.788 6.375   1.00   19.71 ? 86  CYS B C   1 
ATOM   1437 O O   . CYS B 1 86 ? -3.193  -13.296 7.454   1.00   19.97 ? 86  CYS B O   1 
ATOM   1438 C CB  . CYS B 1 86 ? -1.508  -13.324 5.006   1.00   21.97 ? 86  CYS B CB  1 
ATOM   1439 S SG  . CYS B 1 86 ? -0.777  -14.042 3.508   1.00   23.93 ? 86  CYS B SG  1 
ATOM   1440 N N   . HIS B 1 87 ? -4.200  -11.669 6.292   1.00   19.82 ? 87  HIS B N   1 
ATOM   1441 C CA  . HIS B 1 87 ? -4.640  -11.005 7.516   1.00   20.61 ? 87  HIS B CA  1 
ATOM   1442 C C   . HIS B 1 87 ? -6.054  -11.415 7.907   1.00   20.86 ? 87  HIS B C   1 
ATOM   1443 O O   . HIS B 1 87 ? -6.979  -11.340 7.105   1.00   22.81 ? 87  HIS B O   1 
ATOM   1444 C CB  . HIS B 1 87 ? -4.556  -9.488  7.363   1.00   21.22 ? 87  HIS B CB  1 
ATOM   1445 C CG  . HIS B 1 87 ? -4.557  -8.759  8.667   1.00   19.54 ? 87  HIS B CG  1 
ATOM   1446 N ND1 . HIS B 1 87 ? -5.640  -8.763  9.519   1.00   19.05 ? 87  HIS B ND1 1 
ATOM   1447 C CD2 . HIS B 1 87 ? -3.596  -8.028  9.281   1.00   18.81 ? 87  HIS B CD2 1 
ATOM   1448 C CE1 . HIS B 1 87 ? -5.346  -8.066  10.602  1.00   19.89 ? 87  HIS B CE1 1 
ATOM   1449 N NE2 . HIS B 1 87 ? -4.112  -7.609  10.483  1.00   19.48 ? 87  HIS B NE2 1 
ATOM   1450 N N   . GLU B 1 88 ? -6.203  -11.844 9.155   1.00   20.65 ? 88  GLU B N   1 
ATOM   1451 C CA  . GLU B 1 88 ? -7.482  -12.303 9.677   1.00   22.12 ? 88  GLU B CA  1 
ATOM   1452 C C   . GLU B 1 88 ? -8.638  -11.319 9.534   1.00   21.53 ? 88  GLU B C   1 
ATOM   1453 O O   . GLU B 1 88 ? -9.794  -11.728 9.484   1.00   20.29 ? 88  GLU B O   1 
ATOM   1454 C CB  . GLU B 1 88 ? -7.333  -12.686 11.150  1.00   30.04 ? 88  GLU B CB  1 
ATOM   1455 C CG  . GLU B 1 88 ? -8.490  -13.505 11.691  1.00   34.94 ? 88  GLU B CG  1 
ATOM   1456 C CD  . GLU B 1 88 ? -8.725  -14.776 10.891  1.00   39.22 ? 88  GLU B CD  1 
ATOM   1457 O OE1 . GLU B 1 88 ? -7.744  -15.334 10.355  1.00   40.55 ? 88  GLU B OE1 1 
ATOM   1458 O OE2 . GLU B 1 88 ? -9.889  -15.225 10.810  1.00   43.26 ? 88  GLU B OE2 1 
ATOM   1459 N N   . TYR B 1 89 ? -8.338  -10.026 9.476   1.00   23.40 ? 89  TYR B N   1 
ATOM   1460 C CA  . TYR B 1 89 ? -9.398  -9.033  9.352   1.00   23.77 ? 89  TYR B CA  1 
ATOM   1461 C C   . TYR B 1 89 ? -10.225 -9.232  8.084   1.00   24.67 ? 89  TYR B C   1 
ATOM   1462 O O   . TYR B 1 89 ? -11.421 -8.951  8.067   1.00   24.73 ? 89  TYR B O   1 
ATOM   1463 C CB  . TYR B 1 89 ? -8.821  -7.615  9.352   1.00   25.22 ? 89  TYR B CB  1 
ATOM   1464 C CG  . TYR B 1 89 ? -9.894  -6.547  9.328   1.00   25.56 ? 89  TYR B CG  1 
ATOM   1465 C CD1 . TYR B 1 89 ? -10.704 -6.327  10.443  1.00   29.36 ? 89  TYR B CD1 1 
ATOM   1466 C CD2 . TYR B 1 89 ? -10.123 -5.782  8.187   1.00   25.72 ? 89  TYR B CD2 1 
ATOM   1467 C CE1 . TYR B 1 89 ? -11.715 -5.373  10.424  1.00   27.02 ? 89  TYR B CE1 1 
ATOM   1468 C CE2 . TYR B 1 89 ? -11.139 -4.822  8.154   1.00   26.52 ? 89  TYR B CE2 1 
ATOM   1469 C CZ  . TYR B 1 89 ? -11.928 -4.625  9.280   1.00   28.07 ? 89  TYR B CZ  1 
ATOM   1470 O OH  . TYR B 1 89 ? -12.931 -3.687  9.267   1.00   28.55 ? 89  TYR B OH  1 
ATOM   1471 N N   . PHE B 1 90 ? -9.586  -9.734  7.031   1.00   22.34 ? 90  PHE B N   1 
ATOM   1472 C CA  . PHE B 1 90 ? -10.252 -9.938  5.751   1.00   23.36 ? 90  PHE B CA  1 
ATOM   1473 C C   . PHE B 1 90 ? -10.713 -11.361 5.481   1.00   26.18 ? 90  PHE B C   1 
ATOM   1474 O O   . PHE B 1 90 ? -11.119 -11.682 4.364   1.00   25.42 ? 90  PHE B O   1 
ATOM   1475 C CB  . PHE B 1 90 ? -9.318  -9.502  4.633   1.00   22.05 ? 90  PHE B CB  1 
ATOM   1476 C CG  . PHE B 1 90 ? -8.874  -8.086  4.759   1.00   22.29 ? 90  PHE B CG  1 
ATOM   1477 C CD1 . PHE B 1 90 ? -9.745  -7.048  4.458   1.00   21.99 ? 90  PHE B CD1 1 
ATOM   1478 C CD2 . PHE B 1 90 ? -7.597  -7.784  5.218   1.00   21.20 ? 90  PHE B CD2 1 
ATOM   1479 C CE1 . PHE B 1 90 ? -9.352  -5.720  4.612   1.00   24.04 ? 90  PHE B CE1 1 
ATOM   1480 C CE2 . PHE B 1 90 ? -7.197  -6.463  5.374   1.00   22.56 ? 90  PHE B CE2 1 
ATOM   1481 C CZ  . PHE B 1 90 ? -8.077  -5.431  5.072   1.00   21.99 ? 90  PHE B CZ  1 
ATOM   1482 N N   . LYS B 1 91 ? -10.654 -12.211 6.498   1.00   26.66 ? 91  LYS B N   1 
ATOM   1483 C CA  . LYS B 1 91 ? -11.060 -13.599 6.339   1.00   33.47 ? 91  LYS B CA  1 
ATOM   1484 C C   . LYS B 1 91 ? -12.446 -13.715 5.707   1.00   35.18 ? 91  LYS B C   1 
ATOM   1485 O O   . LYS B 1 91 ? -12.671 -14.572 4.854   1.00   35.34 ? 91  LYS B O   1 
ATOM   1486 C CB  . LYS B 1 91 ? -11.023 -14.314 7.698   1.00   51.77 ? 91  LYS B CB  1 
ATOM   1487 C CG  . LYS B 1 91 ? -11.181 -15.824 7.618   1.00   55.54 ? 91  LYS B CG  1 
ATOM   1488 C CD  . LYS B 1 91 ? -12.640 -16.239 7.601   1.00   57.42 ? 91  LYS B CD  1 
ATOM   1489 C CE  . LYS B 1 91 ? -13.272 -16.072 8.972   1.00   59.05 ? 91  LYS B CE  1 
ATOM   1490 N NZ  . LYS B 1 91 ? -12.634 -16.971 9.975   1.00   61.23 ? 91  LYS B NZ  1 
ATOM   1491 N N   . ASP B 1 92 ? -13.364 -12.839 6.108   1.00   41.88 ? 92  ASP B N   1 
ATOM   1492 C CA  . ASP B 1 92 ? -14.726 -12.864 5.579   1.00   45.82 ? 92  ASP B CA  1 
ATOM   1493 C C   . ASP B 1 92 ? -14.982 -11.861 4.460   1.00   47.76 ? 92  ASP B C   1 
ATOM   1494 O O   . ASP B 1 92 ? -16.117 -11.715 4.004   1.00   47.82 ? 92  ASP B O   1 
ATOM   1495 C CB  . ASP B 1 92 ? -15.737 -12.618 6.703   1.00   56.24 ? 92  ASP B CB  1 
ATOM   1496 C CG  . ASP B 1 92 ? -15.701 -13.698 7.764   1.00   57.66 ? 92  ASP B CG  1 
ATOM   1497 O OD1 . ASP B 1 92 ? -15.830 -14.886 7.405   1.00   58.84 ? 92  ASP B OD1 1 
ATOM   1498 O OD2 . ASP B 1 92 ? -15.547 -13.356 8.955   1.00   59.46 ? 92  ASP B OD2 1 
ATOM   1499 N N   . CYS B 1 93 ? -13.939 -11.169 4.015   1.00   46.16 ? 93  CYS B N   1 
ATOM   1500 C CA  . CYS B 1 93 ? -14.103 -10.188 2.950   1.00   47.60 ? 93  CYS B CA  1 
ATOM   1501 C C   . CYS B 1 93 ? -14.416 -10.885 1.628   1.00   49.66 ? 93  CYS B C   1 
ATOM   1502 O O   . CYS B 1 93 ? -13.797 -11.892 1.284   1.00   49.71 ? 93  CYS B O   1 
ATOM   1503 C CB  . CYS B 1 93 ? -12.839 -9.339  2.803   1.00   43.74 ? 93  CYS B CB  1 
ATOM   1504 S SG  . CYS B 1 93 ? -13.002 -8.000  1.596   1.00   42.00 ? 93  CYS B SG  1 
ATOM   1505 N N   . PRO B 1 94 ? -15.389 -10.353 0.872   1.00   64.16 ? 94  PRO B N   1 
ATOM   1506 C CA  . PRO B 1 94 ? -15.804 -10.909 -0.420  1.00   65.70 ? 94  PRO B CA  1 
ATOM   1507 C C   . PRO B 1 94 ? -14.633 -11.188 -1.363  1.00   66.24 ? 94  PRO B C   1 
ATOM   1508 C CB  . PRO B 1 94 ? -16.743 -9.837  -0.961  1.00   59.43 ? 94  PRO B CB  1 
ATOM   1509 C CG  . PRO B 1 94 ? -17.382 -9.310  0.286   1.00   58.38 ? 94  PRO B CG  1 
ATOM   1510 C CD  . PRO B 1 94 ? -16.196 -9.168  1.211   0.0000 58.02 ? 94  PRO B CD  1 
HETATM 1511 O O   . HOH C 2 .  ? -17.539 1.803   6.921   1.00   24.91 ? 102 HOH A O   1 
HETATM 1512 O O   . HOH C 2 .  ? -22.430 -0.467  12.074  1.00   23.59 ? 103 HOH A O   1 
HETATM 1513 O O   . HOH C 2 .  ? -19.245 -0.839  14.284  1.00   25.27 ? 104 HOH A O   1 
HETATM 1514 O O   . HOH C 2 .  ? -3.530  -1.066  -4.154  1.00   26.37 ? 105 HOH A O   1 
HETATM 1515 O O   . HOH C 2 .  ? 7.702   12.988  -4.496  1.00   24.05 ? 106 HOH A O   1 
HETATM 1516 O O   . HOH C 2 .  ? 10.418  -6.873  7.015   1.00   24.50 ? 107 HOH A O   1 
HETATM 1517 O O   . HOH C 2 .  ? 6.448   11.387  -8.130  1.00   33.96 ? 108 HOH A O   1 
HETATM 1518 O O   . HOH C 2 .  ? -16.723 3.768   8.544   1.00   31.20 ? 109 HOH A O   1 
HETATM 1519 O O   . HOH C 2 .  ? -0.771  14.885  2.846   1.00   34.89 ? 110 HOH A O   1 
HETATM 1520 O O   . HOH C 2 .  ? -19.691 -4.978  8.315   1.00   31.51 ? 111 HOH A O   1 
HETATM 1521 O O   . HOH C 2 .  ? -19.081 3.963   -4.793  1.00   29.07 ? 112 HOH A O   1 
HETATM 1522 O O   . HOH C 2 .  ? -3.010  -5.452  12.167  1.00   26.09 ? 113 HOH A O   1 
HETATM 1523 O O   . HOH C 2 .  ? -11.914 -3.910  1.782   1.00   30.83 ? 114 HOH A O   1 
HETATM 1524 O O   . HOH C 2 .  ? -9.177  7.022   -4.002  1.00   41.46 ? 115 HOH A O   1 
HETATM 1525 O O   . HOH C 2 .  ? 8.390   16.546  -7.083  1.00   30.41 ? 116 HOH A O   1 
HETATM 1526 O O   . HOH C 2 .  ? -17.377 8.032   10.240  1.00   40.98 ? 117 HOH A O   1 
HETATM 1527 O O   . HOH C 2 .  ? -0.900  7.661   12.128  1.00   31.71 ? 118 HOH A O   1 
HETATM 1528 O O   . HOH C 2 .  ? 7.603   17.125  0.931   1.00   31.46 ? 119 HOH A O   1 
HETATM 1529 O O   . HOH C 2 .  ? 8.363   -0.985  10.563  1.00   27.67 ? 120 HOH A O   1 
HETATM 1530 O O   . HOH C 2 .  ? 10.502  -4.315  13.643  1.00   36.38 ? 121 HOH A O   1 
HETATM 1531 O O   . HOH C 2 .  ? -18.039 -1.006  10.289  1.00   24.94 ? 122 HOH A O   1 
HETATM 1532 O O   . HOH C 2 .  ? -1.975  2.036   12.795  1.00   33.59 ? 123 HOH A O   1 
HETATM 1533 O O   . HOH C 2 .  ? 9.346   15.170  1.353   1.00   28.61 ? 124 HOH A O   1 
HETATM 1534 O O   . HOH C 2 .  ? -9.879  -4.616  -0.940  1.00   26.77 ? 125 HOH A O   1 
HETATM 1535 O O   . HOH C 2 .  ? 2.122   -2.753  13.574  1.00   32.88 ? 126 HOH A O   1 
HETATM 1536 O O   . HOH C 2 .  ? -16.670 -6.469  -2.350  1.00   53.04 ? 127 HOH A O   1 
HETATM 1537 O O   . HOH C 2 .  ? 13.703  10.380  -13.537 1.00   54.03 ? 128 HOH A O   1 
HETATM 1538 O O   . HOH C 2 .  ? -0.906  24.901  -0.398  1.00   69.01 ? 129 HOH A O   1 
HETATM 1539 O O   . HOH C 2 .  ? 0.042   21.657  -2.289  1.00   40.96 ? 130 HOH A O   1 
HETATM 1540 O O   . HOH C 2 .  ? 6.646   10.436  8.138   1.00   30.35 ? 131 HOH A O   1 
HETATM 1541 O O   . HOH C 2 .  ? -13.481 2.196   14.855  1.00   30.97 ? 132 HOH A O   1 
HETATM 1542 O O   . HOH C 2 .  ? -10.546 15.623  6.024   1.00   47.81 ? 133 HOH A O   1 
HETATM 1543 O O   . HOH C 2 .  ? -16.000 -6.109  0.398   1.00   52.27 ? 134 HOH A O   1 
HETATM 1544 O O   . HOH C 2 .  ? -3.569  3.562   14.727  1.00   48.74 ? 135 HOH A O   1 
HETATM 1545 O O   . HOH C 2 .  ? -3.109  23.060  -8.203  1.00   36.32 ? 136 HOH A O   1 
HETATM 1546 O O   . HOH C 2 .  ? -5.746  -4.641  13.127  1.00   39.08 ? 137 HOH A O   1 
HETATM 1547 O O   . HOH C 2 .  ? 9.435   19.498  0.062   1.00   39.68 ? 138 HOH A O   1 
HETATM 1548 O O   . HOH C 2 .  ? -18.092 -7.214  12.636  1.00   56.30 ? 139 HOH A O   1 
HETATM 1549 O O   . HOH C 2 .  ? -3.412  9.117   15.016  1.00   45.09 ? 140 HOH A O   1 
HETATM 1550 O O   . HOH C 2 .  ? 5.171   20.963  0.629   1.00   45.63 ? 141 HOH A O   1 
HETATM 1551 O O   . HOH C 2 .  ? 4.599   21.564  -8.147  1.00   41.36 ? 142 HOH A O   1 
HETATM 1552 O O   . HOH C 2 .  ? 17.736  4.192   -4.692  1.00   39.42 ? 143 HOH A O   1 
HETATM 1553 O O   . HOH C 2 .  ? 15.588  12.486  -7.061  1.00   37.67 ? 144 HOH A O   1 
HETATM 1554 O O   . HOH C 2 .  ? -18.428 -5.704  1.275   1.00   51.42 ? 145 HOH A O   1 
HETATM 1555 O O   . HOH C 2 .  ? 5.121   18.969  10.330  1.00   42.44 ? 146 HOH A O   1 
HETATM 1556 O O   . HOH C 2 .  ? -0.186  20.540  2.115   1.00   39.96 ? 147 HOH A O   1 
HETATM 1557 O O   . HOH C 2 .  ? 0.913   21.921  0.044   1.00   56.95 ? 148 HOH A O   1 
HETATM 1558 O O   . HOH C 2 .  ? 5.464   18.578  7.423   1.00   33.69 ? 149 HOH A O   1 
HETATM 1559 O O   . HOH C 2 .  ? 1.188   19.444  9.849   1.00   54.88 ? 150 HOH A O   1 
HETATM 1560 O O   . HOH C 2 .  ? -6.795  20.965  -3.428  1.00   45.21 ? 151 HOH A O   1 
HETATM 1561 O O   . HOH C 2 .  ? -19.458 6.053   0.410   1.00   81.49 ? 152 HOH A O   1 
HETATM 1562 O O   . HOH C 2 .  ? 15.139  13.054  -4.003  1.00   50.10 ? 153 HOH A O   1 
HETATM 1563 O O   . HOH C 2 .  ? 5.223   9.408   -9.975  1.00   41.32 ? 154 HOH A O   1 
HETATM 1564 O O   . HOH C 2 .  ? 2.455   9.251   -13.432 1.00   45.09 ? 155 HOH A O   1 
HETATM 1565 O O   . HOH C 2 .  ? 5.096   6.514   -10.334 1.00   48.66 ? 156 HOH A O   1 
HETATM 1566 O O   . HOH C 2 .  ? -19.107 3.894   2.768   1.00   50.05 ? 157 HOH A O   1 
HETATM 1567 O O   . HOH C 2 .  ? -3.154  13.799  -9.341  1.00   43.33 ? 158 HOH A O   1 
HETATM 1568 O O   . HOH C 2 .  ? -4.785  -1.184  -6.608  1.00   32.93 ? 159 HOH A O   1 
HETATM 1569 O O   . HOH C 2 .  ? -2.922  0.170   -7.962  1.00   35.99 ? 160 HOH A O   1 
HETATM 1570 O O   . HOH C 2 .  ? -7.525  0.558   -6.115  1.00   62.71 ? 161 HOH A O   1 
HETATM 1571 O O   . HOH C 2 .  ? -9.563  -2.411  -5.196  1.00   46.03 ? 162 HOH A O   1 
HETATM 1572 O O   . HOH C 2 .  ? -13.003 -8.774  10.436  1.00   37.69 ? 163 HOH A O   1 
HETATM 1573 O O   . HOH C 2 .  ? -12.982 -11.352 8.236   1.00   51.37 ? 164 HOH A O   1 
HETATM 1574 O O   . HOH C 2 .  ? -18.168 4.095   5.385   1.00   41.18 ? 165 HOH A O   1 
HETATM 1575 O O   . HOH C 2 .  ? -7.520  -7.168  13.424  1.00   39.19 ? 166 HOH A O   1 
HETATM 1576 O O   . HOH C 2 .  ? -9.966  -0.541  17.138  1.00   61.50 ? 167 HOH A O   1 
HETATM 1577 O O   . HOH C 2 .  ? -12.969 -0.336  14.757  1.00   56.49 ? 168 HOH A O   1 
HETATM 1578 O O   . HOH C 2 .  ? -19.994 2.395   5.847   1.00   47.53 ? 169 HOH A O   1 
HETATM 1579 O O   . HOH C 2 .  ? 1.231   9.331   -11.226 1.00   52.18 ? 170 HOH A O   1 
HETATM 1580 O O   . HOH C 2 .  ? 2.146   18.490  -9.609  1.00   38.25 ? 171 HOH A O   1 
HETATM 1581 O O   . HOH C 2 .  ? 3.214   20.621  -10.448 1.00   42.07 ? 172 HOH A O   1 
HETATM 1582 O O   . HOH C 2 .  ? -6.914  5.635   -7.197  1.00   57.02 ? 173 HOH A O   1 
HETATM 1583 O O   . HOH C 2 .  ? -15.355 11.555  7.388   1.00   39.40 ? 174 HOH A O   1 
HETATM 1584 O O   . HOH C 2 .  ? -0.052  6.946   -10.133 1.00   50.29 ? 175 HOH A O   1 
HETATM 1585 O O   . HOH C 2 .  ? -12.467 1.058   -4.335  1.00   42.98 ? 176 HOH A O   1 
HETATM 1586 O O   . HOH C 2 .  ? -21.253 14.594  -0.017  1.00   37.71 ? 177 HOH A O   1 
HETATM 1587 O O   . HOH C 2 .  ? -12.081 -5.840  -0.523  1.00   45.73 ? 178 HOH A O   1 
HETATM 1588 O O   . HOH C 2 .  ? -8.271  19.887  0.775   1.00   46.56 ? 179 HOH A O   1 
HETATM 1589 O O   . HOH C 2 .  ? 11.821  23.866  -6.832  1.00   56.89 ? 180 HOH A O   1 
HETATM 1590 O O   . HOH C 2 .  ? 11.613  -10.029 14.563  1.00   41.31 ? 181 HOH A O   1 
HETATM 1591 O O   . HOH C 2 .  ? -22.349 -4.446  7.728   1.00   31.50 ? 182 HOH A O   1 
HETATM 1592 O O   . HOH C 2 .  ? -21.637 -2.238  1.521   1.00   40.77 ? 183 HOH A O   1 
HETATM 1593 O O   . HOH C 2 .  ? -16.976 19.554  -2.457  1.00   39.39 ? 184 HOH A O   1 
HETATM 1594 O O   . HOH C 2 .  ? -6.735  6.231   -4.650  1.00   55.72 ? 185 HOH A O   1 
HETATM 1595 O O   . HOH C 2 .  ? -0.996  -1.464  -9.965  1.00   30.10 ? 186 HOH A O   1 
HETATM 1596 O O   . HOH C 2 .  ? -10.197 -0.704  14.609  1.00   62.50 ? 187 HOH A O   1 
HETATM 1597 O O   . HOH C 2 .  ? -18.150 20.903  -0.573  1.00   42.69 ? 188 HOH A O   1 
HETATM 1598 O O   . HOH C 2 .  ? 2.274   11.441  -10.388 1.00   49.16 ? 189 HOH A O   1 
HETATM 1599 O O   . HOH C 2 .  ? 3.635   20.896  7.634   1.00   50.78 ? 190 HOH A O   1 
HETATM 1600 O O   . HOH C 2 .  ? 0.242   23.893  -4.860  1.00   68.26 ? 191 HOH A O   1 
HETATM 1601 O O   . HOH C 2 .  ? -9.130  20.841  -1.694  1.00   45.63 ? 192 HOH A O   1 
HETATM 1602 O O   . HOH D 2 .  ? 17.819  -7.937  -7.889  1.00   21.17 ? 102 HOH B O   1 
HETATM 1603 O O   . HOH D 2 .  ? 9.579   4.404   9.144   1.00   21.71 ? 103 HOH B O   1 
HETATM 1604 O O   . HOH D 2 .  ? 11.120  6.025   3.794   1.00   21.47 ? 104 HOH B O   1 
HETATM 1605 O O   . HOH D 2 .  ? 16.949  -3.521  -8.317  1.00   17.61 ? 105 HOH B O   1 
HETATM 1606 O O   . HOH D 2 .  ? 15.736  -1.414  -10.314 1.00   22.45 ? 106 HOH B O   1 
HETATM 1607 O O   . HOH D 2 .  ? 22.805  1.143   -10.951 1.00   20.15 ? 107 HOH B O   1 
HETATM 1608 O O   . HOH D 2 .  ? 4.355   3.788   -9.440  1.00   22.42 ? 108 HOH B O   1 
HETATM 1609 O O   . HOH D 2 .  ? 16.502  -1.005  -14.252 1.00   26.70 ? 109 HOH B O   1 
HETATM 1610 O O   . HOH D 2 .  ? -7.646  -13.119 5.021   1.00   22.83 ? 110 HOH B O   1 
HETATM 1611 O O   . HOH D 2 .  ? 5.413   -12.507 12.665  1.00   28.71 ? 111 HOH B O   1 
HETATM 1612 O O   . HOH D 2 .  ? 14.678  -11.126 -13.046 1.00   21.25 ? 112 HOH B O   1 
HETATM 1613 O O   . HOH D 2 .  ? 15.216  -11.266 -7.144  1.00   23.01 ? 113 HOH B O   1 
HETATM 1614 O O   . HOH D 2 .  ? 7.554   3.492   -9.586  1.00   24.33 ? 114 HOH B O   1 
HETATM 1615 O O   . HOH D 2 .  ? 6.000   -14.165 2.209   1.00   41.00 ? 115 HOH B O   1 
HETATM 1616 O O   . HOH D 2 .  ? 13.381  5.581   2.110   1.00   27.27 ? 116 HOH B O   1 
HETATM 1617 O O   . HOH D 2 .  ? 14.796  -3.969  -11.138 1.00   25.66 ? 117 HOH B O   1 
HETATM 1618 O O   . HOH D 2 .  ? 11.881  1.068   7.784   1.00   35.69 ? 118 HOH B O   1 
HETATM 1619 O O   . HOH D 2 .  ? -2.766  -16.896 8.626   1.00   30.28 ? 119 HOH B O   1 
HETATM 1620 O O   . HOH D 2 .  ? 12.528  -14.179 -6.569  1.00   27.24 ? 120 HOH B O   1 
HETATM 1621 O O   . HOH D 2 .  ? 3.891   -2.277  -12.592 1.00   29.84 ? 121 HOH B O   1 
HETATM 1622 O O   . HOH D 2 .  ? 0.136   -16.331 9.409   1.00   25.33 ? 122 HOH B O   1 
HETATM 1623 O O   . HOH D 2 .  ? 12.952  -3.766  -13.404 1.00   31.67 ? 123 HOH B O   1 
HETATM 1624 O O   . HOH D 2 .  ? 13.830  -1.638  -14.734 1.00   40.49 ? 124 HOH B O   1 
HETATM 1625 O O   . HOH D 2 .  ? 13.575  11.031  -7.264  1.00   31.52 ? 125 HOH B O   1 
HETATM 1626 O O   . HOH D 2 .  ? -1.366  -24.781 -3.215  1.00   39.57 ? 126 HOH B O   1 
HETATM 1627 O O   . HOH D 2 .  ? 11.310  -1.009  6.146   1.00   37.01 ? 127 HOH B O   1 
HETATM 1628 O O   . HOH D 2 .  ? 3.895   13.711  12.833  1.00   32.36 ? 128 HOH B O   1 
HETATM 1629 O O   . HOH D 2 .  ? -1.605  0.441   -5.312  1.00   25.42 ? 129 HOH B O   1 
HETATM 1630 O O   . HOH D 2 .  ? 18.393  1.566   -8.601  1.00   26.04 ? 130 HOH B O   1 
HETATM 1631 O O   . HOH D 2 .  ? -10.192 -11.063 -3.392  1.00   43.70 ? 131 HOH B O   1 
HETATM 1632 O O   . HOH D 2 .  ? 12.799  -3.415  5.021   1.00   44.82 ? 132 HOH B O   1 
HETATM 1633 O O   . HOH D 2 .  ? 4.403   -6.719  -13.174 1.00   50.30 ? 133 HOH B O   1 
HETATM 1634 O O   . HOH D 2 .  ? 3.563   -20.687 -3.873  1.00   47.03 ? 134 HOH B O   1 
HETATM 1635 O O   . HOH D 2 .  ? -5.750  -16.509 11.579  1.00   39.90 ? 135 HOH B O   1 
HETATM 1636 O O   . HOH D 2 .  ? 10.596  -20.086 -10.704 1.00   35.60 ? 136 HOH B O   1 
HETATM 1637 O O   . HOH D 2 .  ? 12.082  -16.236 3.330   1.00   43.07 ? 137 HOH B O   1 
HETATM 1638 O O   . HOH D 2 .  ? 16.003  1.374   2.069   1.00   36.47 ? 138 HOH B O   1 
HETATM 1639 O O   . HOH D 2 .  ? -17.450 -10.956 9.493   1.00   45.71 ? 139 HOH B O   1 
HETATM 1640 O O   . HOH D 2 .  ? -9.841  -11.959 1.731   1.00   41.06 ? 140 HOH B O   1 
HETATM 1641 O O   . HOH D 2 .  ? 16.533  -6.878  -11.635 1.00   27.65 ? 141 HOH B O   1 
HETATM 1642 O O   . HOH D 2 .  ? -1.899  -25.475 -0.565  1.00   41.43 ? 142 HOH B O   1 
HETATM 1643 O O   . HOH D 2 .  ? 3.512   -14.110 2.614   1.00   41.56 ? 143 HOH B O   1 
HETATM 1644 O O   . HOH D 2 .  ? 15.158  -3.414  3.468   1.00   56.53 ? 144 HOH B O   1 
HETATM 1645 O O   . HOH D 2 .  ? 17.036  -9.194  0.699   1.00   39.88 ? 145 HOH B O   1 
HETATM 1646 O O   . HOH D 2 .  ? 8.590   9.301   9.375   1.00   51.94 ? 146 HOH B O   1 
HETATM 1647 O O   . HOH D 2 .  ? 5.325   3.732   -13.702 1.00   41.72 ? 147 HOH B O   1 
HETATM 1648 O O   . HOH D 2 .  ? 17.693  5.411   -10.998 1.00   37.50 ? 148 HOH B O   1 
HETATM 1649 O O   . HOH D 2 .  ? 3.760   2.135   12.481  1.00   28.19 ? 149 HOH B O   1 
HETATM 1650 O O   . HOH D 2 .  ? -7.905  -18.116 9.110   1.00   47.78 ? 150 HOH B O   1 
HETATM 1651 O O   . HOH D 2 .  ? 15.613  8.914   -4.858  1.00   36.47 ? 151 HOH B O   1 
HETATM 1652 O O   . HOH D 2 .  ? 19.398  -14.386 -0.928  1.00   39.65 ? 152 HOH B O   1 
HETATM 1653 O O   . HOH D 2 .  ? 15.541  10.288  -11.110 1.00   39.62 ? 153 HOH B O   1 
HETATM 1654 O O   . HOH D 2 .  ? 18.234  11.623  -6.108  1.00   57.58 ? 154 HOH B O   1 
HETATM 1655 O O   . HOH D 2 .  ? 17.522  8.199   -1.452  1.00   58.71 ? 155 HOH B O   1 
HETATM 1656 O O   . HOH D 2 .  ? 15.953  10.425  -2.804  1.00   63.85 ? 156 HOH B O   1 
HETATM 1657 O O   . HOH D 2 .  ? 15.495  6.481   -13.055 1.00   44.38 ? 157 HOH B O   1 
HETATM 1658 O O   . HOH D 2 .  ? 19.303  -10.922 -3.667  1.00   30.70 ? 158 HOH B O   1 
HETATM 1659 O O   . HOH D 2 .  ? 15.737  -14.890 -4.358  1.00   43.28 ? 159 HOH B O   1 
HETATM 1660 O O   . HOH D 2 .  ? 15.332  -13.946 -6.858  1.00   44.07 ? 160 HOH B O   1 
HETATM 1661 O O   . HOH D 2 .  ? 14.819  -15.484 -9.552  1.00   43.84 ? 161 HOH B O   1 
HETATM 1662 O O   . HOH D 2 .  ? 15.500  -13.548 -12.163 1.00   24.88 ? 162 HOH B O   1 
HETATM 1663 O O   . HOH D 2 .  ? 13.325  -15.359 -1.936  1.00   47.65 ? 163 HOH B O   1 
HETATM 1664 O O   . HOH D 2 .  ? 20.199  5.532   -9.012  1.00   46.26 ? 164 HOH B O   1 
HETATM 1665 O O   . HOH D 2 .  ? 7.005   4.783   -11.949 1.00   44.57 ? 165 HOH B O   1 
HETATM 1666 O O   . HOH D 2 .  ? 7.735   -13.072 13.838  1.00   43.54 ? 166 HOH B O   1 
HETATM 1667 O O   . HOH D 2 .  ? 9.255   5.805   -13.358 1.00   33.34 ? 167 HOH B O   1 
HETATM 1668 O O   . HOH D 2 .  ? -19.135 -14.555 0.249   1.00   51.43 ? 168 HOH B O   1 
HETATM 1669 O O   . HOH D 2 .  ? 13.624  1.941   -17.060 1.00   40.96 ? 169 HOH B O   1 
HETATM 1670 O O   . HOH D 2 .  ? 11.390  5.334   -14.625 1.00   37.53 ? 170 HOH B O   1 
HETATM 1671 O O   . HOH D 2 .  ? 6.330   -0.314  -14.992 1.00   42.06 ? 171 HOH B O   1 
HETATM 1672 O O   . HOH D 2 .  ? 16.211  -6.509  4.025   1.00   47.49 ? 172 HOH B O   1 
HETATM 1673 O O   . HOH D 2 .  ? 13.592  -14.873 4.903   1.00   43.35 ? 173 HOH B O   1 
HETATM 1674 O O   . HOH D 2 .  ? -6.229  -3.081  -7.886  1.00   54.50 ? 174 HOH B O   1 
HETATM 1675 O O   . HOH D 2 .  ? -5.097  -18.778 9.393   1.00   48.51 ? 175 HOH B O   1 
HETATM 1676 O O   . HOH D 2 .  ? -8.579  -9.324  12.667  1.00   45.41 ? 176 HOH B O   1 
HETATM 1677 O O   . HOH D 2 .  ? 11.760  3.696   7.517   1.00   29.14 ? 177 HOH B O   1 
HETATM 1678 O O   . HOH D 2 .  ? -13.861 -3.312  12.007  1.00   40.77 ? 178 HOH B O   1 
HETATM 1679 O O   . HOH D 2 .  ? -1.592  -19.944 7.711   1.00   62.98 ? 179 HOH B O   1 
HETATM 1680 O O   . HOH D 2 .  ? 19.326  0.235   -2.341  1.00   48.13 ? 180 HOH B O   1 
HETATM 1681 O O   . HOH D 2 .  ? 17.641  8.640   1.567   1.00   48.16 ? 181 HOH B O   1 
HETATM 1682 O O   . HOH D 2 .  ? -2.718  -17.231 12.308  1.00   41.06 ? 182 HOH B O   1 
HETATM 1683 O O   . HOH D 2 .  ? -1.400  -18.705 10.711  1.00   32.58 ? 183 HOH B O   1 
HETATM 1684 O O   . HOH D 2 .  ? -1.148  -22.519 5.603   1.00   65.31 ? 184 HOH B O   1 
HETATM 1685 O O   . HOH D 2 .  ? 18.768  -7.471  3.167   1.00   64.35 ? 185 HOH B O   1 
HETATM 1686 O O   . HOH D 2 .  ? 1.581   -8.005  -8.922  1.00   47.59 ? 186 HOH B O   1 
HETATM 1687 O O   . HOH D 2 .  ? 3.169   -6.895  -10.772 1.00   51.29 ? 187 HOH B O   1 
HETATM 1688 O O   . HOH D 2 .  ? 1.025   -11.874 -8.886  1.00   35.27 ? 188 HOH B O   1 
HETATM 1689 O O   . HOH D 2 .  ? 8.959   -18.300 7.740   1.00   42.00 ? 189 HOH B O   1 
HETATM 1690 O O   . HOH D 2 .  ? 14.222  -12.799 6.020   1.00   49.49 ? 190 HOH B O   1 
HETATM 1691 O O   . HOH D 2 .  ? 2.082   1.220   14.767  1.00   36.03 ? 191 HOH B O   1 
HETATM 1692 O O   . HOH D 2 .  ? 6.670   -21.063 -9.347  1.00   42.75 ? 192 HOH B O   1 
HETATM 1693 O O   . HOH D 2 .  ? 9.256   -20.558 -13.975 1.00   29.68 ? 193 HOH B O   1 
HETATM 1694 O O   . HOH D 2 .  ? 5.507   -19.090 -4.987  1.00   59.13 ? 194 HOH B O   1 
HETATM 1695 O O   . HOH D 2 .  ? 12.803  -19.922 -8.785  1.00   47.97 ? 195 HOH B O   1 
HETATM 1696 O O   . HOH D 2 .  ? 12.187  -15.507 -8.725  1.00   43.77 ? 196 HOH B O   1 
HETATM 1697 O O   . HOH D 2 .  ? 21.201  3.203   -10.704 1.00   31.29 ? 197 HOH B O   1 
HETATM 1698 O O   . HOH D 2 .  ? 18.423  2.089   -0.717  1.00   58.08 ? 198 HOH B O   1 
HETATM 1699 O O   . HOH D 2 .  ? 21.655  -6.816  -3.101  1.00   29.88 ? 199 HOH B O   1 
HETATM 1700 O O   . HOH D 2 .  ? 21.843  -4.352  -2.089  1.00   45.79 ? 200 HOH B O   1 
HETATM 1701 O O   . HOH D 2 .  ? 20.141  -2.275  -2.029  1.00   34.87 ? 201 HOH B O   1 
HETATM 1702 O O   . HOH D 2 .  ? 3.699   -12.877 -15.045 1.00   32.62 ? 202 HOH B O   1 
HETATM 1703 O O   . HOH D 2 .  ? 9.650   -14.708 -9.337  1.00   38.73 ? 203 HOH B O   1 
HETATM 1704 O O   . HOH D 2 .  ? 16.893  8.276   -11.873 1.00   46.43 ? 204 HOH B O   1 
HETATM 1705 O O   . HOH D 2 .  ? 3.608   -10.033 11.296  1.00   37.49 ? 205 HOH B O   1 
HETATM 1706 O O   . HOH D 2 .  ? -12.472 -10.475 -4.569  1.00   57.65 ? 206 HOH B O   1 
HETATM 1707 O O   . HOH D 2 .  ? -18.226 -17.007 1.231   1.00   42.55 ? 207 HOH B O   1 
HETATM 1708 O O   . HOH D 2 .  ? 13.851  -17.614 -8.466  1.00   47.40 ? 208 HOH B O   1 
HETATM 1709 O O   . HOH D 2 .  ? 15.307  -3.038  -17.165 1.00   30.90 ? 209 HOH B O   1 
# 
